data_1AZG
# 
_entry.id   1AZG 
# 
_audit_conform.dict_name       mmcif_pdbx.dic 
_audit_conform.dict_version    5.392 
_audit_conform.dict_location   http://mmcif.pdb.org/dictionaries/ascii/mmcif_pdbx.dic 
# 
loop_
_database_2.database_id 
_database_2.database_code 
_database_2.pdbx_database_accession 
_database_2.pdbx_DOI 
PDB   1AZG         pdb_00001azg 10.2210/pdb1azg/pdb 
WWPDB D_1000171443 ?            ?                   
# 
loop_
_pdbx_audit_revision_history.ordinal 
_pdbx_audit_revision_history.data_content_type 
_pdbx_audit_revision_history.major_revision 
_pdbx_audit_revision_history.minor_revision 
_pdbx_audit_revision_history.revision_date 
1 'Structure model' 1 0 1998-02-25 
2 'Structure model' 1 1 2008-03-03 
3 'Structure model' 1 2 2011-07-13 
4 'Structure model' 1 3 2022-02-16 
5 'Structure model' 1 4 2024-05-22 
# 
_pdbx_audit_revision_details.ordinal             1 
_pdbx_audit_revision_details.revision_ordinal    1 
_pdbx_audit_revision_details.data_content_type   'Structure model' 
_pdbx_audit_revision_details.provider            repository 
_pdbx_audit_revision_details.type                'Initial release' 
_pdbx_audit_revision_details.description         ? 
_pdbx_audit_revision_details.details             ? 
# 
loop_
_pdbx_audit_revision_group.ordinal 
_pdbx_audit_revision_group.revision_ordinal 
_pdbx_audit_revision_group.data_content_type 
_pdbx_audit_revision_group.group 
1 2 'Structure model' 'Version format compliance' 
2 3 'Structure model' 'Version format compliance' 
3 4 'Structure model' 'Database references'       
4 4 'Structure model' 'Derived calculations'      
5 4 'Structure model' Other                       
6 5 'Structure model' 'Data collection'           
# 
loop_
_pdbx_audit_revision_category.ordinal 
_pdbx_audit_revision_category.revision_ordinal 
_pdbx_audit_revision_category.data_content_type 
_pdbx_audit_revision_category.category 
1 4 'Structure model' database_2            
2 4 'Structure model' pdbx_database_status  
3 4 'Structure model' pdbx_struct_assembly  
4 4 'Structure model' pdbx_struct_oper_list 
5 5 'Structure model' chem_comp_atom        
6 5 'Structure model' chem_comp_bond        
# 
loop_
_pdbx_audit_revision_item.ordinal 
_pdbx_audit_revision_item.revision_ordinal 
_pdbx_audit_revision_item.data_content_type 
_pdbx_audit_revision_item.item 
1 4 'Structure model' '_database_2.pdbx_DOI'                
2 4 'Structure model' '_database_2.pdbx_database_accession' 
3 4 'Structure model' '_pdbx_database_status.process_site'  
# 
_pdbx_database_status.status_code                     REL 
_pdbx_database_status.entry_id                        1AZG 
_pdbx_database_status.recvd_initial_deposition_date   1997-11-18 
_pdbx_database_status.deposit_site                    ? 
_pdbx_database_status.process_site                    BNL 
_pdbx_database_status.SG_entry                        . 
_pdbx_database_status.pdb_format_compatible           Y 
_pdbx_database_status.status_code_mr                  ? 
_pdbx_database_status.status_code_sf                  ? 
_pdbx_database_status.status_code_cs                  ? 
_pdbx_database_status.status_code_nmr_data            ? 
_pdbx_database_status.methods_development_category    ? 
# 
loop_
_audit_author.name 
_audit_author.pdbx_ordinal 
'Renzoni, D.A.'    1 
'Pugh, D.J.R.'     2 
'Siligardi, G.'    3 
'Das, P.'          4 
'Morton, C.J.'     5 
'Rossi, C.'        6 
'Waterfield, M.D.' 7 
'Campbell, I.D.'   8 
'Ladbury, J.E.'    9 
# 
loop_
_citation.id 
_citation.title 
_citation.journal_abbrev 
_citation.journal_volume 
_citation.page_first 
_citation.page_last 
_citation.year 
_citation.journal_id_ASTM 
_citation.country 
_citation.journal_id_ISSN 
_citation.journal_id_CSD 
_citation.book_publisher 
_citation.pdbx_database_id_PubMed 
_citation.pdbx_database_id_DOI 
primary 
;Structural and thermodynamic characterization of the interaction of the SH3 domain from Fyn with the proline-rich binding site on the p85 subunit of PI3-kinase.
;
Biochemistry 35 15646 15653 1996 BICHAW US 0006-2960 0033 ? 8961927 10.1021/bi9620969 
1       'Solution Structure and Peptide Binding of the SH3 Domain from Human Fyn' Structure    4  705   ?     1996 STRUE6 UK 
0969-2126 2005 ? ?       ?                 
# 
loop_
_citation_author.citation_id 
_citation_author.name 
_citation_author.ordinal 
_citation_author.identifier_ORCID 
primary 'Renzoni, D.A.'    1  ? 
primary 'Pugh, D.J.'       2  ? 
primary 'Siligardi, G.'    3  ? 
primary 'Das, P.'          4  ? 
primary 'Morton, C.J.'     5  ? 
primary 'Rossi, C.'        6  ? 
primary 'Waterfield, M.D.' 7  ? 
primary 'Campbell, I.D.'   8  ? 
primary 'Ladbury, J.E.'    9  ? 
1       'Morton, C.J.'     10 ? 
1       'Pugh, D.J.'       11 ? 
1       'Brown, E.L.'      12 ? 
1       'Kahmann, J.D.'    13 ? 
1       'Renzoni, D.A.'    14 ? 
1       'Campbell, I.D.'   15 ? 
# 
loop_
_entity.id 
_entity.type 
_entity.src_method 
_entity.pdbx_description 
_entity.formula_weight 
_entity.pdbx_number_of_molecules 
_entity.pdbx_ec 
_entity.pdbx_mutation 
_entity.pdbx_fragment 
_entity.details 
1 polymer man PRO-PRO-ARG-PRO-LEU-PRO-VAL-ALA-PRO-GLY-SER-SER-LYS-THR 1405.640 1 ?         ?                                      
'P85 SUBUNIT OF PI3-KINASE, RESIDUES 91 - 104' ? 
2 polymer man FYN                                                     7554.108 1 2.7.1.112 'N-TERMINAL GS FROM EXPRESSION SYSTEM' 
'SH3 DOMAIN, RESIDUES 82 - 148'                ? 
# 
_entity_name_com.entity_id   1 
_entity_name_com.name        P2L 
# 
loop_
_entity_poly.entity_id 
_entity_poly.type 
_entity_poly.nstd_linkage 
_entity_poly.nstd_monomer 
_entity_poly.pdbx_seq_one_letter_code 
_entity_poly.pdbx_seq_one_letter_code_can 
_entity_poly.pdbx_strand_id 
_entity_poly.pdbx_target_identifier 
1 'polypeptide(L)' no no PPRPLPVAPGSSKT                                                      PPRPLPVAPGSSKT A ? 
2 'polypeptide(L)' no no TGVTLFVALYDYEARTEDDLSFHKGEKFQILNSSEGDWWEARSLTTGETGYIPSNYVAPVDSIQAEE 
TGVTLFVALYDYEARTEDDLSFHKGEKFQILNSSEGDWWEARSLTTGETGYIPSNYVAPVDSIQAEE B ? 
# 
loop_
_entity_poly_seq.entity_id 
_entity_poly_seq.num 
_entity_poly_seq.mon_id 
_entity_poly_seq.hetero 
1 1  PRO n 
1 2  PRO n 
1 3  ARG n 
1 4  PRO n 
1 5  LEU n 
1 6  PRO n 
1 7  VAL n 
1 8  ALA n 
1 9  PRO n 
1 10 GLY n 
1 11 SER n 
1 12 SER n 
1 13 LYS n 
1 14 THR n 
2 1  THR n 
2 2  GLY n 
2 3  VAL n 
2 4  THR n 
2 5  LEU n 
2 6  PHE n 
2 7  VAL n 
2 8  ALA n 
2 9  LEU n 
2 10 TYR n 
2 11 ASP n 
2 12 TYR n 
2 13 GLU n 
2 14 ALA n 
2 15 ARG n 
2 16 THR n 
2 17 GLU n 
2 18 ASP n 
2 19 ASP n 
2 20 LEU n 
2 21 SER n 
2 22 PHE n 
2 23 HIS n 
2 24 LYS n 
2 25 GLY n 
2 26 GLU n 
2 27 LYS n 
2 28 PHE n 
2 29 GLN n 
2 30 ILE n 
2 31 LEU n 
2 32 ASN n 
2 33 SER n 
2 34 SER n 
2 35 GLU n 
2 36 GLY n 
2 37 ASP n 
2 38 TRP n 
2 39 TRP n 
2 40 GLU n 
2 41 ALA n 
2 42 ARG n 
2 43 SER n 
2 44 LEU n 
2 45 THR n 
2 46 THR n 
2 47 GLY n 
2 48 GLU n 
2 49 THR n 
2 50 GLY n 
2 51 TYR n 
2 52 ILE n 
2 53 PRO n 
2 54 SER n 
2 55 ASN n 
2 56 TYR n 
2 57 VAL n 
2 58 ALA n 
2 59 PRO n 
2 60 VAL n 
2 61 ASP n 
2 62 SER n 
2 63 ILE n 
2 64 GLN n 
2 65 ALA n 
2 66 GLU n 
2 67 GLU n 
# 
_entity_src_gen.entity_id                          2 
_entity_src_gen.pdbx_src_id                        1 
_entity_src_gen.pdbx_alt_source_flag               sample 
_entity_src_gen.pdbx_seq_type                      ? 
_entity_src_gen.pdbx_beg_seq_num                   ? 
_entity_src_gen.pdbx_end_seq_num                   ? 
_entity_src_gen.gene_src_common_name               human 
_entity_src_gen.gene_src_genus                     Homo 
_entity_src_gen.pdbx_gene_src_gene                 ? 
_entity_src_gen.gene_src_species                   ? 
_entity_src_gen.gene_src_strain                    ? 
_entity_src_gen.gene_src_tissue                    ? 
_entity_src_gen.gene_src_tissue_fraction           ? 
_entity_src_gen.gene_src_details                   ? 
_entity_src_gen.pdbx_gene_src_fragment             ? 
_entity_src_gen.pdbx_gene_src_scientific_name      'Homo sapiens' 
_entity_src_gen.pdbx_gene_src_ncbi_taxonomy_id     9606 
_entity_src_gen.pdbx_gene_src_variant              ? 
_entity_src_gen.pdbx_gene_src_cell_line            BL21 
_entity_src_gen.pdbx_gene_src_atcc                 ? 
_entity_src_gen.pdbx_gene_src_organ                ? 
_entity_src_gen.pdbx_gene_src_organelle            ? 
_entity_src_gen.pdbx_gene_src_cell                 ? 
_entity_src_gen.pdbx_gene_src_cellular_location    ? 
_entity_src_gen.host_org_common_name               ? 
_entity_src_gen.pdbx_host_org_scientific_name      'Escherichia coli BL21(DE3)' 
_entity_src_gen.pdbx_host_org_ncbi_taxonomy_id     469008 
_entity_src_gen.host_org_genus                     Escherichia 
_entity_src_gen.pdbx_host_org_gene                 ? 
_entity_src_gen.pdbx_host_org_organ                ? 
_entity_src_gen.host_org_species                   'Escherichia coli' 
_entity_src_gen.pdbx_host_org_tissue               ? 
_entity_src_gen.pdbx_host_org_tissue_fraction      ? 
_entity_src_gen.pdbx_host_org_strain               'BL21 (DE3)' 
_entity_src_gen.pdbx_host_org_variant              ? 
_entity_src_gen.pdbx_host_org_cell_line            ? 
_entity_src_gen.pdbx_host_org_atcc                 ? 
_entity_src_gen.pdbx_host_org_culture_collection   ? 
_entity_src_gen.pdbx_host_org_cell                 ? 
_entity_src_gen.pdbx_host_org_organelle            ? 
_entity_src_gen.pdbx_host_org_cellular_location    ? 
_entity_src_gen.pdbx_host_org_vector_type          ? 
_entity_src_gen.pdbx_host_org_vector               ? 
_entity_src_gen.host_org_details                   ? 
_entity_src_gen.expression_system_id               ? 
_entity_src_gen.plasmid_name                       PGEX 
_entity_src_gen.plasmid_details                    ? 
_entity_src_gen.pdbx_description                   ? 
# 
loop_
_chem_comp.id 
_chem_comp.type 
_chem_comp.mon_nstd_flag 
_chem_comp.name 
_chem_comp.pdbx_synonyms 
_chem_comp.formula 
_chem_comp.formula_weight 
ALA 'L-peptide linking' y ALANINE         ? 'C3 H7 N O2'     89.093  
ARG 'L-peptide linking' y ARGININE        ? 'C6 H15 N4 O2 1' 175.209 
ASN 'L-peptide linking' y ASPARAGINE      ? 'C4 H8 N2 O3'    132.118 
ASP 'L-peptide linking' y 'ASPARTIC ACID' ? 'C4 H7 N O4'     133.103 
GLN 'L-peptide linking' y GLUTAMINE       ? 'C5 H10 N2 O3'   146.144 
GLU 'L-peptide linking' y 'GLUTAMIC ACID' ? 'C5 H9 N O4'     147.129 
GLY 'peptide linking'   y GLYCINE         ? 'C2 H5 N O2'     75.067  
HIS 'L-peptide linking' y HISTIDINE       ? 'C6 H10 N3 O2 1' 156.162 
ILE 'L-peptide linking' y ISOLEUCINE      ? 'C6 H13 N O2'    131.173 
LEU 'L-peptide linking' y LEUCINE         ? 'C6 H13 N O2'    131.173 
LYS 'L-peptide linking' y LYSINE          ? 'C6 H15 N2 O2 1' 147.195 
PHE 'L-peptide linking' y PHENYLALANINE   ? 'C9 H11 N O2'    165.189 
PRO 'L-peptide linking' y PROLINE         ? 'C5 H9 N O2'     115.130 
SER 'L-peptide linking' y SERINE          ? 'C3 H7 N O3'     105.093 
THR 'L-peptide linking' y THREONINE       ? 'C4 H9 N O3'     119.119 
TRP 'L-peptide linking' y TRYPTOPHAN      ? 'C11 H12 N2 O2'  204.225 
TYR 'L-peptide linking' y TYROSINE        ? 'C9 H11 N O3'    181.189 
VAL 'L-peptide linking' y VALINE          ? 'C5 H11 N O2'    117.146 
# 
loop_
_pdbx_poly_seq_scheme.asym_id 
_pdbx_poly_seq_scheme.entity_id 
_pdbx_poly_seq_scheme.seq_id 
_pdbx_poly_seq_scheme.mon_id 
_pdbx_poly_seq_scheme.ndb_seq_num 
_pdbx_poly_seq_scheme.pdb_seq_num 
_pdbx_poly_seq_scheme.auth_seq_num 
_pdbx_poly_seq_scheme.pdb_mon_id 
_pdbx_poly_seq_scheme.auth_mon_id 
_pdbx_poly_seq_scheme.pdb_strand_id 
_pdbx_poly_seq_scheme.pdb_ins_code 
_pdbx_poly_seq_scheme.hetero 
A 1 1  PRO 1  91  91  PRO PRO A . n 
A 1 2  PRO 2  92  92  PRO PRO A . n 
A 1 3  ARG 3  93  93  ARG ARG A . n 
A 1 4  PRO 4  94  94  PRO PRO A . n 
A 1 5  LEU 5  95  95  LEU LEU A . n 
A 1 6  PRO 6  96  96  PRO PRO A . n 
A 1 7  VAL 7  97  97  VAL VAL A . n 
A 1 8  ALA 8  98  98  ALA ALA A . n 
A 1 9  PRO 9  99  99  PRO PRO A . n 
A 1 10 GLY 10 100 100 GLY GLY A . n 
A 1 11 SER 11 101 101 SER SER A . n 
A 1 12 SER 12 102 102 SER SER A . n 
A 1 13 LYS 13 103 103 LYS LYS A . n 
A 1 14 THR 14 104 104 THR THR A . n 
B 2 1  THR 1  82  ?   ?   ?   B . n 
B 2 2  GLY 2  83  ?   ?   ?   B . n 
B 2 3  VAL 3  84  84  VAL VAL B . n 
B 2 4  THR 4  85  85  THR THR B . n 
B 2 5  LEU 5  86  86  LEU LEU B . n 
B 2 6  PHE 6  87  87  PHE PHE B . n 
B 2 7  VAL 7  88  88  VAL VAL B . n 
B 2 8  ALA 8  89  89  ALA ALA B . n 
B 2 9  LEU 9  90  90  LEU LEU B . n 
B 2 10 TYR 10 91  91  TYR TYR B . n 
B 2 11 ASP 11 92  92  ASP ASP B . n 
B 2 12 TYR 12 93  93  TYR TYR B . n 
B 2 13 GLU 13 94  94  GLU GLU B . n 
B 2 14 ALA 14 95  95  ALA ALA B . n 
B 2 15 ARG 15 96  96  ARG ARG B . n 
B 2 16 THR 16 97  97  THR THR B . n 
B 2 17 GLU 17 98  98  GLU GLU B . n 
B 2 18 ASP 18 99  99  ASP ASP B . n 
B 2 19 ASP 19 100 100 ASP ASP B . n 
B 2 20 LEU 20 101 101 LEU LEU B . n 
B 2 21 SER 21 102 102 SER SER B . n 
B 2 22 PHE 22 103 103 PHE PHE B . n 
B 2 23 HIS 23 104 104 HIS HIS B . n 
B 2 24 LYS 24 105 105 LYS LYS B . n 
B 2 25 GLY 25 106 106 GLY GLY B . n 
B 2 26 GLU 26 107 107 GLU GLU B . n 
B 2 27 LYS 27 108 108 LYS LYS B . n 
B 2 28 PHE 28 109 109 PHE PHE B . n 
B 2 29 GLN 29 110 110 GLN GLN B . n 
B 2 30 ILE 30 111 111 ILE ILE B . n 
B 2 31 LEU 31 112 112 LEU LEU B . n 
B 2 32 ASN 32 113 113 ASN ASN B . n 
B 2 33 SER 33 114 114 SER SER B . n 
B 2 34 SER 34 115 115 SER SER B . n 
B 2 35 GLU 35 116 116 GLU GLU B . n 
B 2 36 GLY 36 117 117 GLY GLY B . n 
B 2 37 ASP 37 118 118 ASP ASP B . n 
B 2 38 TRP 38 119 119 TRP TRP B . n 
B 2 39 TRP 39 120 120 TRP TRP B . n 
B 2 40 GLU 40 121 121 GLU GLU B . n 
B 2 41 ALA 41 122 122 ALA ALA B . n 
B 2 42 ARG 42 123 123 ARG ARG B . n 
B 2 43 SER 43 124 124 SER SER B . n 
B 2 44 LEU 44 125 125 LEU LEU B . n 
B 2 45 THR 45 126 126 THR THR B . n 
B 2 46 THR 46 127 127 THR THR B . n 
B 2 47 GLY 47 128 128 GLY GLY B . n 
B 2 48 GLU 48 129 129 GLU GLU B . n 
B 2 49 THR 49 130 130 THR THR B . n 
B 2 50 GLY 50 131 131 GLY GLY B . n 
B 2 51 TYR 51 132 132 TYR TYR B . n 
B 2 52 ILE 52 133 133 ILE ILE B . n 
B 2 53 PRO 53 134 134 PRO PRO B . n 
B 2 54 SER 54 135 135 SER SER B . n 
B 2 55 ASN 55 136 136 ASN ASN B . n 
B 2 56 TYR 56 137 137 TYR TYR B . n 
B 2 57 VAL 57 138 138 VAL VAL B . n 
B 2 58 ALA 58 139 139 ALA ALA B . n 
B 2 59 PRO 59 140 140 PRO PRO B . n 
B 2 60 VAL 60 141 141 VAL VAL B . n 
B 2 61 ASP 61 142 ?   ?   ?   B . n 
B 2 62 SER 62 143 ?   ?   ?   B . n 
B 2 63 ILE 63 144 ?   ?   ?   B . n 
B 2 64 GLN 64 145 ?   ?   ?   B . n 
B 2 65 ALA 65 146 ?   ?   ?   B . n 
B 2 66 GLU 66 147 ?   ?   ?   B . n 
B 2 67 GLU 67 148 ?   ?   ?   B . n 
# 
loop_
_software.name 
_software.classification 
_software.version 
_software.citation_id 
_software.pdbx_ordinal 
X-PLOR 'model building' 3.1 ? 1 
X-PLOR refinement       3.1 ? 2 
X-PLOR phasing          3.1 ? 3 
# 
_cell.entry_id           1AZG 
_cell.length_a           1.000 
_cell.length_b           1.000 
_cell.length_c           1.000 
_cell.angle_alpha        90.00 
_cell.angle_beta         90.00 
_cell.angle_gamma        90.00 
_cell.Z_PDB              1 
_cell.pdbx_unique_axis   ? 
# 
_symmetry.entry_id                         1AZG 
_symmetry.space_group_name_H-M             'P 1' 
_symmetry.pdbx_full_space_group_name_H-M   ? 
_symmetry.cell_setting                     ? 
_symmetry.Int_Tables_number                1 
# 
_exptl.entry_id          1AZG 
_exptl.method            'SOLUTION NMR' 
_exptl.crystals_number   ? 
# 
_struct.entry_id                  1AZG 
_struct.title                     
;NMR STUDY OF THE SH3 DOMAIN FROM FYN PROTO-ONCOGENE TYROSINE KINASE KINASE COMPLEXED WITH THE SYNTHETIC PEPTIDE P2L CORRESPONDING TO RESIDUES 91-104 OF THE P85 SUBUNIT OF PI3-KINASE, MINIMIZED AVERAGE (PROBMAP) STRUCTURE
;
_struct.pdbx_model_details        ? 
_struct.pdbx_CASP_flag            ? 
_struct.pdbx_model_type_details   ? 
# 
_struct_keywords.entry_id        1AZG 
_struct_keywords.pdbx_keywords   'COMPLEX (PHOSPHOTRANSFERASE/PEPTIDE)' 
_struct_keywords.text            
;COMPLEX (PHOSPHOTRANSFERASE-PEPTIDE), SH3 DOMAIN, POLYPROLINE-BINDING, PHOSPHOTRANSFERASE, COMPLEX (PHOSPHOTRANSFERASE-PEPTIDE) complex
;
# 
loop_
_struct_asym.id 
_struct_asym.pdbx_blank_PDB_chainid_flag 
_struct_asym.pdbx_modified 
_struct_asym.entity_id 
_struct_asym.details 
A N N 1 ? 
B N N 2 ? 
# 
loop_
_struct_ref.id 
_struct_ref.db_name 
_struct_ref.db_code 
_struct_ref.entity_id 
_struct_ref.pdbx_db_accession 
_struct_ref.pdbx_align_begin 
_struct_ref.pdbx_seq_one_letter_code 
_struct_ref.pdbx_db_isoform 
1 UNP P85A_HUMAN 1 P27986 1 
;MSAEGYQYRALYDYKKEREEDIDLHLGDILTVNKGSLVALGFSDGQEARPEEIGWLNGYNETTGERGDFPGTYVEYIGRK
KISPPTPKPRPPRPLPVAPGSSKTEADVEQQALTLPDLAEQFAPPDIAPPLLIKLVEAIEKKGLECSTLYRTQSSSNLAE
LRQLLDCDTPSVDLEMIDVHVLADAFKRYLLDLPNPVIPAAVYSEMISLAPEVQSSEEYIQLLKKLIRSPSIPHQYWLTL
QYLLKHFFKLSQTSSKNLLNARVLSEIFSPMLFRFSAASSDNTENLIKVIEILISTEWNERQPAPALPPKPPKPTTVANN
GMNNNMSLQNAEWYWGDISREEVNEKLRDTADGTFLVRDASTKMHGDYTLTLRKGGNNKLIKIFHRDGKYGFSDPLTFSS
VVELINHYRNESLAQYNPKLDVKLLYPVSKYQQDQVVKEDNIEAVGKKLHEYNTQFQEKSREYDRLYEEYTRTSQEIQMK
RTAIEAFNETIKIFEEQCQTQERYSKEYIEKFKREGNEKEIQRIMHNYDKLKSRISEIIDSRRRLEEDLKKQAAEYREID
KRMNSIKPDLIQLRKTRDQYLMWLTQKGVRQKKLNEWLGNENTEDQYSLVEDDEDLPHHDEKTWNVGSSNRNKAENLLRG
KRDGTFLVRESSKQGCYACSVVVDGEVKHCVINKTATGYGFAEPYNLYSSLKELVLHYQHTSLVQHNDSLNVTLAYPVYA
QQRR
;
? 
2 UNP FYN_HUMAN  2 P06241 1 
;GCVQCKDKEATKLTEERDGSLNQSSGYRYGTDPTPQHYPSFGVTSIPNYNNFHAAGGQGLTVFGGVNSSSHTGTLRTRGG
TGVTLFVALYDYEARTEDDLSFHKGEKFQILNSSEGDWWEARSLTTGETGYIPSNYVAPVDSIQAEEWYFGKLGRKDAER
QLLSFGNPRGTFLIRESETTKGAYSLSIRDWDDMKGDHVKHYKIRKLDNGGYYITTRAQFETLQQLVQHYSERAAGLCCR
LVVPCHKGMPRLTDLSVKTKDVWEIPRESLQLIKRLGNGQFGEVWMGTWNGNTKVAIKTLKPGTMSPESFLEEAQIMKKL
KHDKLVQLYAVVSEEPIYIVTEYMNKGSLLDFLKDGEGRALKLPNLVDMAAQVAAGMAYIERMNYIHRDLRSANILVGNG
LICKIADFGLARLIEDNEYTARQGAKFPIKWTAPEAALYGRFTIKSDVWSFGILLTELVTKGRVPYPGMNNREVLEQVER
GYRMPCPQDCPISLHELMIHCWKKDPEERPTFEYLQSFLEDYFTATEPQYQPGENL
;
? 
# 
loop_
_struct_ref_seq.align_id 
_struct_ref_seq.ref_id 
_struct_ref_seq.pdbx_PDB_id_code 
_struct_ref_seq.pdbx_strand_id 
_struct_ref_seq.seq_align_beg 
_struct_ref_seq.pdbx_seq_align_beg_ins_code 
_struct_ref_seq.seq_align_end 
_struct_ref_seq.pdbx_seq_align_end_ins_code 
_struct_ref_seq.pdbx_db_accession 
_struct_ref_seq.db_align_beg 
_struct_ref_seq.pdbx_db_align_beg_ins_code 
_struct_ref_seq.db_align_end 
_struct_ref_seq.pdbx_db_align_end_ins_code 
_struct_ref_seq.pdbx_auth_seq_align_beg 
_struct_ref_seq.pdbx_auth_seq_align_end 
1 1 1AZG A 1 ? 14 ? P27986 91 ? 104 ? 91 104 
2 2 1AZG B 1 ? 67 ? P06241 81 ? 147 ? 82 148 
# 
_pdbx_struct_assembly.id                   1 
_pdbx_struct_assembly.details              author_defined_assembly 
_pdbx_struct_assembly.method_details       ? 
_pdbx_struct_assembly.oligomeric_details   dimeric 
_pdbx_struct_assembly.oligomeric_count     2 
# 
_pdbx_struct_assembly_gen.assembly_id       1 
_pdbx_struct_assembly_gen.oper_expression   1 
_pdbx_struct_assembly_gen.asym_id_list      A,B 
# 
_pdbx_struct_oper_list.id                   1 
_pdbx_struct_oper_list.type                 'identity operation' 
_pdbx_struct_oper_list.name                 1_555 
_pdbx_struct_oper_list.symmetry_operation   x,y,z 
_pdbx_struct_oper_list.matrix[1][1]         1.0000000000 
_pdbx_struct_oper_list.matrix[1][2]         0.0000000000 
_pdbx_struct_oper_list.matrix[1][3]         0.0000000000 
_pdbx_struct_oper_list.vector[1]            0.0000000000 
_pdbx_struct_oper_list.matrix[2][1]         0.0000000000 
_pdbx_struct_oper_list.matrix[2][2]         1.0000000000 
_pdbx_struct_oper_list.matrix[2][3]         0.0000000000 
_pdbx_struct_oper_list.vector[2]            0.0000000000 
_pdbx_struct_oper_list.matrix[3][1]         0.0000000000 
_pdbx_struct_oper_list.matrix[3][2]         0.0000000000 
_pdbx_struct_oper_list.matrix[3][3]         1.0000000000 
_pdbx_struct_oper_list.vector[3]            0.0000000000 
# 
_struct_biol.id   1 
# 
_struct_conf.conf_type_id            HELX_P 
_struct_conf.id                      HELX_P1 
_struct_conf.pdbx_PDB_helix_id       HA 
_struct_conf.beg_label_comp_id       PRO 
_struct_conf.beg_label_asym_id       B 
_struct_conf.beg_label_seq_id        53 
_struct_conf.pdbx_beg_PDB_ins_code   ? 
_struct_conf.end_label_comp_id       TYR 
_struct_conf.end_label_asym_id       B 
_struct_conf.end_label_seq_id        56 
_struct_conf.pdbx_end_PDB_ins_code   ? 
_struct_conf.beg_auth_comp_id        PRO 
_struct_conf.beg_auth_asym_id        B 
_struct_conf.beg_auth_seq_id         134 
_struct_conf.end_auth_comp_id        TYR 
_struct_conf.end_auth_asym_id        B 
_struct_conf.end_auth_seq_id         137 
_struct_conf.pdbx_PDB_helix_class    5 
_struct_conf.details                 ? 
_struct_conf.pdbx_PDB_helix_length   4 
# 
_struct_conf_type.id          HELX_P 
_struct_conf_type.criteria    ? 
_struct_conf_type.reference   ? 
# 
loop_
_struct_sheet.id 
_struct_sheet.type 
_struct_sheet.number_strands 
_struct_sheet.details 
S1 ? 3 ? 
S2 ? 3 ? 
# 
loop_
_struct_sheet_order.sheet_id 
_struct_sheet_order.range_id_1 
_struct_sheet_order.range_id_2 
_struct_sheet_order.offset 
_struct_sheet_order.sense 
S1 1 2 ? anti-parallel 
S1 2 3 ? anti-parallel 
S2 1 2 ? anti-parallel 
S2 2 3 ? anti-parallel 
# 
loop_
_struct_sheet_range.sheet_id 
_struct_sheet_range.id 
_struct_sheet_range.beg_label_comp_id 
_struct_sheet_range.beg_label_asym_id 
_struct_sheet_range.beg_label_seq_id 
_struct_sheet_range.pdbx_beg_PDB_ins_code 
_struct_sheet_range.end_label_comp_id 
_struct_sheet_range.end_label_asym_id 
_struct_sheet_range.end_label_seq_id 
_struct_sheet_range.pdbx_end_PDB_ins_code 
_struct_sheet_range.beg_auth_comp_id 
_struct_sheet_range.beg_auth_asym_id 
_struct_sheet_range.beg_auth_seq_id 
_struct_sheet_range.end_auth_comp_id 
_struct_sheet_range.end_auth_asym_id 
_struct_sheet_range.end_auth_seq_id 
S1 1 LYS B 27 ? LEU B 31 ? LYS B 108 LEU B 112 
S1 2 LEU B 5  ? ALA B 8  ? LEU B 86  ALA B 89  
S1 3 VAL B 57 ? PRO B 59 ? VAL B 138 PRO B 140 
S2 1 ASN B 32 ? SER B 33 ? ASN B 113 SER B 114 
S2 2 TRP B 38 ? SER B 43 ? TRP B 119 SER B 124 
S2 3 THR B 49 ? ILE B 52 ? THR B 130 ILE B 133 
# 
loop_
_pdbx_struct_sheet_hbond.sheet_id 
_pdbx_struct_sheet_hbond.range_id_1 
_pdbx_struct_sheet_hbond.range_id_2 
_pdbx_struct_sheet_hbond.range_1_label_atom_id 
_pdbx_struct_sheet_hbond.range_1_label_comp_id 
_pdbx_struct_sheet_hbond.range_1_label_asym_id 
_pdbx_struct_sheet_hbond.range_1_label_seq_id 
_pdbx_struct_sheet_hbond.range_1_PDB_ins_code 
_pdbx_struct_sheet_hbond.range_1_auth_atom_id 
_pdbx_struct_sheet_hbond.range_1_auth_comp_id 
_pdbx_struct_sheet_hbond.range_1_auth_asym_id 
_pdbx_struct_sheet_hbond.range_1_auth_seq_id 
_pdbx_struct_sheet_hbond.range_2_label_atom_id 
_pdbx_struct_sheet_hbond.range_2_label_comp_id 
_pdbx_struct_sheet_hbond.range_2_label_asym_id 
_pdbx_struct_sheet_hbond.range_2_label_seq_id 
_pdbx_struct_sheet_hbond.range_2_PDB_ins_code 
_pdbx_struct_sheet_hbond.range_2_auth_atom_id 
_pdbx_struct_sheet_hbond.range_2_auth_comp_id 
_pdbx_struct_sheet_hbond.range_2_auth_asym_id 
_pdbx_struct_sheet_hbond.range_2_auth_seq_id 
S1 1 2 O PHE B 28 ? O PHE B 109 N PHE B 6  ? N PHE B 87  
S1 2 3 N VAL B 7  ? N VAL B 88  O ALA B 58 ? O ALA B 139 
S2 1 2 O ASN B 32 ? O ASN B 113 N GLU B 40 ? N GLU B 121 
S2 2 3 N TRP B 39 ? N TRP B 120 O ILE B 52 ? O ILE B 133 
# 
loop_
_pdbx_validate_torsion.id 
_pdbx_validate_torsion.PDB_model_num 
_pdbx_validate_torsion.auth_comp_id 
_pdbx_validate_torsion.auth_asym_id 
_pdbx_validate_torsion.auth_seq_id 
_pdbx_validate_torsion.PDB_ins_code 
_pdbx_validate_torsion.label_alt_id 
_pdbx_validate_torsion.phi 
_pdbx_validate_torsion.psi 
1 1 LEU A 95  ? ? 67.31   98.40   
2 1 PRO A 96  ? ? -61.17  98.10   
3 1 ALA A 98  ? ? -47.51  173.05  
4 1 PRO A 99  ? ? -60.78  83.30   
5 1 THR B 85  ? ? -152.64 71.58   
6 1 ALA B 95  ? ? -56.28  106.10  
7 1 ASP B 100 ? ? -64.57  -176.51 
8 1 PHE B 103 ? ? -174.58 -172.34 
9 1 GLU B 116 ? ? -57.23  -153.36 
# 
loop_
_pdbx_validate_planes.id 
_pdbx_validate_planes.PDB_model_num 
_pdbx_validate_planes.auth_comp_id 
_pdbx_validate_planes.auth_asym_id 
_pdbx_validate_planes.auth_seq_id 
_pdbx_validate_planes.PDB_ins_code 
_pdbx_validate_planes.label_alt_id 
_pdbx_validate_planes.rmsd 
_pdbx_validate_planes.type 
1 1 ARG A 93  ? ? 0.291 'SIDE CHAIN' 
2 1 ARG B 123 ? ? 0.133 'SIDE CHAIN' 
# 
_pdbx_nmr_ensemble.entry_id                             1AZG 
_pdbx_nmr_ensemble.conformers_calculated_total_number   50 
_pdbx_nmr_ensemble.conformers_submitted_total_number    1 
_pdbx_nmr_ensemble.conformer_selection_criteria         ? 
# 
_pdbx_nmr_refine.entry_id           1AZG 
_pdbx_nmr_refine.method             ? 
_pdbx_nmr_refine.details            'REFINEMENT DETAILS CAN BE FOUND IN THE JRNL CITATION ABOVE.' 
_pdbx_nmr_refine.software_ordinal   1 
# 
_pdbx_nmr_software.classification   refinement 
_pdbx_nmr_software.name             X-PLOR 
_pdbx_nmr_software.version          3.1 
_pdbx_nmr_software.authors          BRUNGER 
_pdbx_nmr_software.ordinal          1 
# 
loop_
_pdbx_unobs_or_zero_occ_residues.id 
_pdbx_unobs_or_zero_occ_residues.PDB_model_num 
_pdbx_unobs_or_zero_occ_residues.polymer_flag 
_pdbx_unobs_or_zero_occ_residues.occupancy_flag 
_pdbx_unobs_or_zero_occ_residues.auth_asym_id 
_pdbx_unobs_or_zero_occ_residues.auth_comp_id 
_pdbx_unobs_or_zero_occ_residues.auth_seq_id 
_pdbx_unobs_or_zero_occ_residues.PDB_ins_code 
_pdbx_unobs_or_zero_occ_residues.label_asym_id 
_pdbx_unobs_or_zero_occ_residues.label_comp_id 
_pdbx_unobs_or_zero_occ_residues.label_seq_id 
1 1 Y 1 B THR 82  ? B THR 1  
2 1 Y 1 B GLY 83  ? B GLY 2  
3 1 Y 1 B ASP 142 ? B ASP 61 
4 1 Y 1 B SER 143 ? B SER 62 
5 1 Y 1 B ILE 144 ? B ILE 63 
6 1 Y 1 B GLN 145 ? B GLN 64 
7 1 Y 1 B ALA 146 ? B ALA 65 
8 1 Y 1 B GLU 147 ? B GLU 66 
9 1 Y 1 B GLU 148 ? B GLU 67 
# 
loop_
_chem_comp_atom.comp_id 
_chem_comp_atom.atom_id 
_chem_comp_atom.type_symbol 
_chem_comp_atom.pdbx_aromatic_flag 
_chem_comp_atom.pdbx_stereo_config 
_chem_comp_atom.pdbx_ordinal 
ALA N    N N N 1   
ALA CA   C N S 2   
ALA C    C N N 3   
ALA O    O N N 4   
ALA CB   C N N 5   
ALA OXT  O N N 6   
ALA H    H N N 7   
ALA H2   H N N 8   
ALA HA   H N N 9   
ALA HB1  H N N 10  
ALA HB2  H N N 11  
ALA HB3  H N N 12  
ALA HXT  H N N 13  
ARG N    N N N 14  
ARG CA   C N S 15  
ARG C    C N N 16  
ARG O    O N N 17  
ARG CB   C N N 18  
ARG CG   C N N 19  
ARG CD   C N N 20  
ARG NE   N N N 21  
ARG CZ   C N N 22  
ARG NH1  N N N 23  
ARG NH2  N N N 24  
ARG OXT  O N N 25  
ARG H    H N N 26  
ARG H2   H N N 27  
ARG HA   H N N 28  
ARG HB2  H N N 29  
ARG HB3  H N N 30  
ARG HG2  H N N 31  
ARG HG3  H N N 32  
ARG HD2  H N N 33  
ARG HD3  H N N 34  
ARG HE   H N N 35  
ARG HH11 H N N 36  
ARG HH12 H N N 37  
ARG HH21 H N N 38  
ARG HH22 H N N 39  
ARG HXT  H N N 40  
ASN N    N N N 41  
ASN CA   C N S 42  
ASN C    C N N 43  
ASN O    O N N 44  
ASN CB   C N N 45  
ASN CG   C N N 46  
ASN OD1  O N N 47  
ASN ND2  N N N 48  
ASN OXT  O N N 49  
ASN H    H N N 50  
ASN H2   H N N 51  
ASN HA   H N N 52  
ASN HB2  H N N 53  
ASN HB3  H N N 54  
ASN HD21 H N N 55  
ASN HD22 H N N 56  
ASN HXT  H N N 57  
ASP N    N N N 58  
ASP CA   C N S 59  
ASP C    C N N 60  
ASP O    O N N 61  
ASP CB   C N N 62  
ASP CG   C N N 63  
ASP OD1  O N N 64  
ASP OD2  O N N 65  
ASP OXT  O N N 66  
ASP H    H N N 67  
ASP H2   H N N 68  
ASP HA   H N N 69  
ASP HB2  H N N 70  
ASP HB3  H N N 71  
ASP HD2  H N N 72  
ASP HXT  H N N 73  
GLN N    N N N 74  
GLN CA   C N S 75  
GLN C    C N N 76  
GLN O    O N N 77  
GLN CB   C N N 78  
GLN CG   C N N 79  
GLN CD   C N N 80  
GLN OE1  O N N 81  
GLN NE2  N N N 82  
GLN OXT  O N N 83  
GLN H    H N N 84  
GLN H2   H N N 85  
GLN HA   H N N 86  
GLN HB2  H N N 87  
GLN HB3  H N N 88  
GLN HG2  H N N 89  
GLN HG3  H N N 90  
GLN HE21 H N N 91  
GLN HE22 H N N 92  
GLN HXT  H N N 93  
GLU N    N N N 94  
GLU CA   C N S 95  
GLU C    C N N 96  
GLU O    O N N 97  
GLU CB   C N N 98  
GLU CG   C N N 99  
GLU CD   C N N 100 
GLU OE1  O N N 101 
GLU OE2  O N N 102 
GLU OXT  O N N 103 
GLU H    H N N 104 
GLU H2   H N N 105 
GLU HA   H N N 106 
GLU HB2  H N N 107 
GLU HB3  H N N 108 
GLU HG2  H N N 109 
GLU HG3  H N N 110 
GLU HE2  H N N 111 
GLU HXT  H N N 112 
GLY N    N N N 113 
GLY CA   C N N 114 
GLY C    C N N 115 
GLY O    O N N 116 
GLY OXT  O N N 117 
GLY H    H N N 118 
GLY H2   H N N 119 
GLY HA2  H N N 120 
GLY HA3  H N N 121 
GLY HXT  H N N 122 
HIS N    N N N 123 
HIS CA   C N S 124 
HIS C    C N N 125 
HIS O    O N N 126 
HIS CB   C N N 127 
HIS CG   C Y N 128 
HIS ND1  N Y N 129 
HIS CD2  C Y N 130 
HIS CE1  C Y N 131 
HIS NE2  N Y N 132 
HIS OXT  O N N 133 
HIS H    H N N 134 
HIS H2   H N N 135 
HIS HA   H N N 136 
HIS HB2  H N N 137 
HIS HB3  H N N 138 
HIS HD1  H N N 139 
HIS HD2  H N N 140 
HIS HE1  H N N 141 
HIS HE2  H N N 142 
HIS HXT  H N N 143 
ILE N    N N N 144 
ILE CA   C N S 145 
ILE C    C N N 146 
ILE O    O N N 147 
ILE CB   C N S 148 
ILE CG1  C N N 149 
ILE CG2  C N N 150 
ILE CD1  C N N 151 
ILE OXT  O N N 152 
ILE H    H N N 153 
ILE H2   H N N 154 
ILE HA   H N N 155 
ILE HB   H N N 156 
ILE HG12 H N N 157 
ILE HG13 H N N 158 
ILE HG21 H N N 159 
ILE HG22 H N N 160 
ILE HG23 H N N 161 
ILE HD11 H N N 162 
ILE HD12 H N N 163 
ILE HD13 H N N 164 
ILE HXT  H N N 165 
LEU N    N N N 166 
LEU CA   C N S 167 
LEU C    C N N 168 
LEU O    O N N 169 
LEU CB   C N N 170 
LEU CG   C N N 171 
LEU CD1  C N N 172 
LEU CD2  C N N 173 
LEU OXT  O N N 174 
LEU H    H N N 175 
LEU H2   H N N 176 
LEU HA   H N N 177 
LEU HB2  H N N 178 
LEU HB3  H N N 179 
LEU HG   H N N 180 
LEU HD11 H N N 181 
LEU HD12 H N N 182 
LEU HD13 H N N 183 
LEU HD21 H N N 184 
LEU HD22 H N N 185 
LEU HD23 H N N 186 
LEU HXT  H N N 187 
LYS N    N N N 188 
LYS CA   C N S 189 
LYS C    C N N 190 
LYS O    O N N 191 
LYS CB   C N N 192 
LYS CG   C N N 193 
LYS CD   C N N 194 
LYS CE   C N N 195 
LYS NZ   N N N 196 
LYS OXT  O N N 197 
LYS H    H N N 198 
LYS H2   H N N 199 
LYS HA   H N N 200 
LYS HB2  H N N 201 
LYS HB3  H N N 202 
LYS HG2  H N N 203 
LYS HG3  H N N 204 
LYS HD2  H N N 205 
LYS HD3  H N N 206 
LYS HE2  H N N 207 
LYS HE3  H N N 208 
LYS HZ1  H N N 209 
LYS HZ2  H N N 210 
LYS HZ3  H N N 211 
LYS HXT  H N N 212 
PHE N    N N N 213 
PHE CA   C N S 214 
PHE C    C N N 215 
PHE O    O N N 216 
PHE CB   C N N 217 
PHE CG   C Y N 218 
PHE CD1  C Y N 219 
PHE CD2  C Y N 220 
PHE CE1  C Y N 221 
PHE CE2  C Y N 222 
PHE CZ   C Y N 223 
PHE OXT  O N N 224 
PHE H    H N N 225 
PHE H2   H N N 226 
PHE HA   H N N 227 
PHE HB2  H N N 228 
PHE HB3  H N N 229 
PHE HD1  H N N 230 
PHE HD2  H N N 231 
PHE HE1  H N N 232 
PHE HE2  H N N 233 
PHE HZ   H N N 234 
PHE HXT  H N N 235 
PRO N    N N N 236 
PRO CA   C N S 237 
PRO C    C N N 238 
PRO O    O N N 239 
PRO CB   C N N 240 
PRO CG   C N N 241 
PRO CD   C N N 242 
PRO OXT  O N N 243 
PRO H    H N N 244 
PRO HA   H N N 245 
PRO HB2  H N N 246 
PRO HB3  H N N 247 
PRO HG2  H N N 248 
PRO HG3  H N N 249 
PRO HD2  H N N 250 
PRO HD3  H N N 251 
PRO HXT  H N N 252 
SER N    N N N 253 
SER CA   C N S 254 
SER C    C N N 255 
SER O    O N N 256 
SER CB   C N N 257 
SER OG   O N N 258 
SER OXT  O N N 259 
SER H    H N N 260 
SER H2   H N N 261 
SER HA   H N N 262 
SER HB2  H N N 263 
SER HB3  H N N 264 
SER HG   H N N 265 
SER HXT  H N N 266 
THR N    N N N 267 
THR CA   C N S 268 
THR C    C N N 269 
THR O    O N N 270 
THR CB   C N R 271 
THR OG1  O N N 272 
THR CG2  C N N 273 
THR OXT  O N N 274 
THR H    H N N 275 
THR H2   H N N 276 
THR HA   H N N 277 
THR HB   H N N 278 
THR HG1  H N N 279 
THR HG21 H N N 280 
THR HG22 H N N 281 
THR HG23 H N N 282 
THR HXT  H N N 283 
TRP N    N N N 284 
TRP CA   C N S 285 
TRP C    C N N 286 
TRP O    O N N 287 
TRP CB   C N N 288 
TRP CG   C Y N 289 
TRP CD1  C Y N 290 
TRP CD2  C Y N 291 
TRP NE1  N Y N 292 
TRP CE2  C Y N 293 
TRP CE3  C Y N 294 
TRP CZ2  C Y N 295 
TRP CZ3  C Y N 296 
TRP CH2  C Y N 297 
TRP OXT  O N N 298 
TRP H    H N N 299 
TRP H2   H N N 300 
TRP HA   H N N 301 
TRP HB2  H N N 302 
TRP HB3  H N N 303 
TRP HD1  H N N 304 
TRP HE1  H N N 305 
TRP HE3  H N N 306 
TRP HZ2  H N N 307 
TRP HZ3  H N N 308 
TRP HH2  H N N 309 
TRP HXT  H N N 310 
TYR N    N N N 311 
TYR CA   C N S 312 
TYR C    C N N 313 
TYR O    O N N 314 
TYR CB   C N N 315 
TYR CG   C Y N 316 
TYR CD1  C Y N 317 
TYR CD2  C Y N 318 
TYR CE1  C Y N 319 
TYR CE2  C Y N 320 
TYR CZ   C Y N 321 
TYR OH   O N N 322 
TYR OXT  O N N 323 
TYR H    H N N 324 
TYR H2   H N N 325 
TYR HA   H N N 326 
TYR HB2  H N N 327 
TYR HB3  H N N 328 
TYR HD1  H N N 329 
TYR HD2  H N N 330 
TYR HE1  H N N 331 
TYR HE2  H N N 332 
TYR HH   H N N 333 
TYR HXT  H N N 334 
VAL N    N N N 335 
VAL CA   C N S 336 
VAL C    C N N 337 
VAL O    O N N 338 
VAL CB   C N N 339 
VAL CG1  C N N 340 
VAL CG2  C N N 341 
VAL OXT  O N N 342 
VAL H    H N N 343 
VAL H2   H N N 344 
VAL HA   H N N 345 
VAL HB   H N N 346 
VAL HG11 H N N 347 
VAL HG12 H N N 348 
VAL HG13 H N N 349 
VAL HG21 H N N 350 
VAL HG22 H N N 351 
VAL HG23 H N N 352 
VAL HXT  H N N 353 
# 
loop_
_chem_comp_bond.comp_id 
_chem_comp_bond.atom_id_1 
_chem_comp_bond.atom_id_2 
_chem_comp_bond.value_order 
_chem_comp_bond.pdbx_aromatic_flag 
_chem_comp_bond.pdbx_stereo_config 
_chem_comp_bond.pdbx_ordinal 
ALA N   CA   sing N N 1   
ALA N   H    sing N N 2   
ALA N   H2   sing N N 3   
ALA CA  C    sing N N 4   
ALA CA  CB   sing N N 5   
ALA CA  HA   sing N N 6   
ALA C   O    doub N N 7   
ALA C   OXT  sing N N 8   
ALA CB  HB1  sing N N 9   
ALA CB  HB2  sing N N 10  
ALA CB  HB3  sing N N 11  
ALA OXT HXT  sing N N 12  
ARG N   CA   sing N N 13  
ARG N   H    sing N N 14  
ARG N   H2   sing N N 15  
ARG CA  C    sing N N 16  
ARG CA  CB   sing N N 17  
ARG CA  HA   sing N N 18  
ARG C   O    doub N N 19  
ARG C   OXT  sing N N 20  
ARG CB  CG   sing N N 21  
ARG CB  HB2  sing N N 22  
ARG CB  HB3  sing N N 23  
ARG CG  CD   sing N N 24  
ARG CG  HG2  sing N N 25  
ARG CG  HG3  sing N N 26  
ARG CD  NE   sing N N 27  
ARG CD  HD2  sing N N 28  
ARG CD  HD3  sing N N 29  
ARG NE  CZ   sing N N 30  
ARG NE  HE   sing N N 31  
ARG CZ  NH1  sing N N 32  
ARG CZ  NH2  doub N N 33  
ARG NH1 HH11 sing N N 34  
ARG NH1 HH12 sing N N 35  
ARG NH2 HH21 sing N N 36  
ARG NH2 HH22 sing N N 37  
ARG OXT HXT  sing N N 38  
ASN N   CA   sing N N 39  
ASN N   H    sing N N 40  
ASN N   H2   sing N N 41  
ASN CA  C    sing N N 42  
ASN CA  CB   sing N N 43  
ASN CA  HA   sing N N 44  
ASN C   O    doub N N 45  
ASN C   OXT  sing N N 46  
ASN CB  CG   sing N N 47  
ASN CB  HB2  sing N N 48  
ASN CB  HB3  sing N N 49  
ASN CG  OD1  doub N N 50  
ASN CG  ND2  sing N N 51  
ASN ND2 HD21 sing N N 52  
ASN ND2 HD22 sing N N 53  
ASN OXT HXT  sing N N 54  
ASP N   CA   sing N N 55  
ASP N   H    sing N N 56  
ASP N   H2   sing N N 57  
ASP CA  C    sing N N 58  
ASP CA  CB   sing N N 59  
ASP CA  HA   sing N N 60  
ASP C   O    doub N N 61  
ASP C   OXT  sing N N 62  
ASP CB  CG   sing N N 63  
ASP CB  HB2  sing N N 64  
ASP CB  HB3  sing N N 65  
ASP CG  OD1  doub N N 66  
ASP CG  OD2  sing N N 67  
ASP OD2 HD2  sing N N 68  
ASP OXT HXT  sing N N 69  
GLN N   CA   sing N N 70  
GLN N   H    sing N N 71  
GLN N   H2   sing N N 72  
GLN CA  C    sing N N 73  
GLN CA  CB   sing N N 74  
GLN CA  HA   sing N N 75  
GLN C   O    doub N N 76  
GLN C   OXT  sing N N 77  
GLN CB  CG   sing N N 78  
GLN CB  HB2  sing N N 79  
GLN CB  HB3  sing N N 80  
GLN CG  CD   sing N N 81  
GLN CG  HG2  sing N N 82  
GLN CG  HG3  sing N N 83  
GLN CD  OE1  doub N N 84  
GLN CD  NE2  sing N N 85  
GLN NE2 HE21 sing N N 86  
GLN NE2 HE22 sing N N 87  
GLN OXT HXT  sing N N 88  
GLU N   CA   sing N N 89  
GLU N   H    sing N N 90  
GLU N   H2   sing N N 91  
GLU CA  C    sing N N 92  
GLU CA  CB   sing N N 93  
GLU CA  HA   sing N N 94  
GLU C   O    doub N N 95  
GLU C   OXT  sing N N 96  
GLU CB  CG   sing N N 97  
GLU CB  HB2  sing N N 98  
GLU CB  HB3  sing N N 99  
GLU CG  CD   sing N N 100 
GLU CG  HG2  sing N N 101 
GLU CG  HG3  sing N N 102 
GLU CD  OE1  doub N N 103 
GLU CD  OE2  sing N N 104 
GLU OE2 HE2  sing N N 105 
GLU OXT HXT  sing N N 106 
GLY N   CA   sing N N 107 
GLY N   H    sing N N 108 
GLY N   H2   sing N N 109 
GLY CA  C    sing N N 110 
GLY CA  HA2  sing N N 111 
GLY CA  HA3  sing N N 112 
GLY C   O    doub N N 113 
GLY C   OXT  sing N N 114 
GLY OXT HXT  sing N N 115 
HIS N   CA   sing N N 116 
HIS N   H    sing N N 117 
HIS N   H2   sing N N 118 
HIS CA  C    sing N N 119 
HIS CA  CB   sing N N 120 
HIS CA  HA   sing N N 121 
HIS C   O    doub N N 122 
HIS C   OXT  sing N N 123 
HIS CB  CG   sing N N 124 
HIS CB  HB2  sing N N 125 
HIS CB  HB3  sing N N 126 
HIS CG  ND1  sing Y N 127 
HIS CG  CD2  doub Y N 128 
HIS ND1 CE1  doub Y N 129 
HIS ND1 HD1  sing N N 130 
HIS CD2 NE2  sing Y N 131 
HIS CD2 HD2  sing N N 132 
HIS CE1 NE2  sing Y N 133 
HIS CE1 HE1  sing N N 134 
HIS NE2 HE2  sing N N 135 
HIS OXT HXT  sing N N 136 
ILE N   CA   sing N N 137 
ILE N   H    sing N N 138 
ILE N   H2   sing N N 139 
ILE CA  C    sing N N 140 
ILE CA  CB   sing N N 141 
ILE CA  HA   sing N N 142 
ILE C   O    doub N N 143 
ILE C   OXT  sing N N 144 
ILE CB  CG1  sing N N 145 
ILE CB  CG2  sing N N 146 
ILE CB  HB   sing N N 147 
ILE CG1 CD1  sing N N 148 
ILE CG1 HG12 sing N N 149 
ILE CG1 HG13 sing N N 150 
ILE CG2 HG21 sing N N 151 
ILE CG2 HG22 sing N N 152 
ILE CG2 HG23 sing N N 153 
ILE CD1 HD11 sing N N 154 
ILE CD1 HD12 sing N N 155 
ILE CD1 HD13 sing N N 156 
ILE OXT HXT  sing N N 157 
LEU N   CA   sing N N 158 
LEU N   H    sing N N 159 
LEU N   H2   sing N N 160 
LEU CA  C    sing N N 161 
LEU CA  CB   sing N N 162 
LEU CA  HA   sing N N 163 
LEU C   O    doub N N 164 
LEU C   OXT  sing N N 165 
LEU CB  CG   sing N N 166 
LEU CB  HB2  sing N N 167 
LEU CB  HB3  sing N N 168 
LEU CG  CD1  sing N N 169 
LEU CG  CD2  sing N N 170 
LEU CG  HG   sing N N 171 
LEU CD1 HD11 sing N N 172 
LEU CD1 HD12 sing N N 173 
LEU CD1 HD13 sing N N 174 
LEU CD2 HD21 sing N N 175 
LEU CD2 HD22 sing N N 176 
LEU CD2 HD23 sing N N 177 
LEU OXT HXT  sing N N 178 
LYS N   CA   sing N N 179 
LYS N   H    sing N N 180 
LYS N   H2   sing N N 181 
LYS CA  C    sing N N 182 
LYS CA  CB   sing N N 183 
LYS CA  HA   sing N N 184 
LYS C   O    doub N N 185 
LYS C   OXT  sing N N 186 
LYS CB  CG   sing N N 187 
LYS CB  HB2  sing N N 188 
LYS CB  HB3  sing N N 189 
LYS CG  CD   sing N N 190 
LYS CG  HG2  sing N N 191 
LYS CG  HG3  sing N N 192 
LYS CD  CE   sing N N 193 
LYS CD  HD2  sing N N 194 
LYS CD  HD3  sing N N 195 
LYS CE  NZ   sing N N 196 
LYS CE  HE2  sing N N 197 
LYS CE  HE3  sing N N 198 
LYS NZ  HZ1  sing N N 199 
LYS NZ  HZ2  sing N N 200 
LYS NZ  HZ3  sing N N 201 
LYS OXT HXT  sing N N 202 
PHE N   CA   sing N N 203 
PHE N   H    sing N N 204 
PHE N   H2   sing N N 205 
PHE CA  C    sing N N 206 
PHE CA  CB   sing N N 207 
PHE CA  HA   sing N N 208 
PHE C   O    doub N N 209 
PHE C   OXT  sing N N 210 
PHE CB  CG   sing N N 211 
PHE CB  HB2  sing N N 212 
PHE CB  HB3  sing N N 213 
PHE CG  CD1  doub Y N 214 
PHE CG  CD2  sing Y N 215 
PHE CD1 CE1  sing Y N 216 
PHE CD1 HD1  sing N N 217 
PHE CD2 CE2  doub Y N 218 
PHE CD2 HD2  sing N N 219 
PHE CE1 CZ   doub Y N 220 
PHE CE1 HE1  sing N N 221 
PHE CE2 CZ   sing Y N 222 
PHE CE2 HE2  sing N N 223 
PHE CZ  HZ   sing N N 224 
PHE OXT HXT  sing N N 225 
PRO N   CA   sing N N 226 
PRO N   CD   sing N N 227 
PRO N   H    sing N N 228 
PRO CA  C    sing N N 229 
PRO CA  CB   sing N N 230 
PRO CA  HA   sing N N 231 
PRO C   O    doub N N 232 
PRO C   OXT  sing N N 233 
PRO CB  CG   sing N N 234 
PRO CB  HB2  sing N N 235 
PRO CB  HB3  sing N N 236 
PRO CG  CD   sing N N 237 
PRO CG  HG2  sing N N 238 
PRO CG  HG3  sing N N 239 
PRO CD  HD2  sing N N 240 
PRO CD  HD3  sing N N 241 
PRO OXT HXT  sing N N 242 
SER N   CA   sing N N 243 
SER N   H    sing N N 244 
SER N   H2   sing N N 245 
SER CA  C    sing N N 246 
SER CA  CB   sing N N 247 
SER CA  HA   sing N N 248 
SER C   O    doub N N 249 
SER C   OXT  sing N N 250 
SER CB  OG   sing N N 251 
SER CB  HB2  sing N N 252 
SER CB  HB3  sing N N 253 
SER OG  HG   sing N N 254 
SER OXT HXT  sing N N 255 
THR N   CA   sing N N 256 
THR N   H    sing N N 257 
THR N   H2   sing N N 258 
THR CA  C    sing N N 259 
THR CA  CB   sing N N 260 
THR CA  HA   sing N N 261 
THR C   O    doub N N 262 
THR C   OXT  sing N N 263 
THR CB  OG1  sing N N 264 
THR CB  CG2  sing N N 265 
THR CB  HB   sing N N 266 
THR OG1 HG1  sing N N 267 
THR CG2 HG21 sing N N 268 
THR CG2 HG22 sing N N 269 
THR CG2 HG23 sing N N 270 
THR OXT HXT  sing N N 271 
TRP N   CA   sing N N 272 
TRP N   H    sing N N 273 
TRP N   H2   sing N N 274 
TRP CA  C    sing N N 275 
TRP CA  CB   sing N N 276 
TRP CA  HA   sing N N 277 
TRP C   O    doub N N 278 
TRP C   OXT  sing N N 279 
TRP CB  CG   sing N N 280 
TRP CB  HB2  sing N N 281 
TRP CB  HB3  sing N N 282 
TRP CG  CD1  doub Y N 283 
TRP CG  CD2  sing Y N 284 
TRP CD1 NE1  sing Y N 285 
TRP CD1 HD1  sing N N 286 
TRP CD2 CE2  doub Y N 287 
TRP CD2 CE3  sing Y N 288 
TRP NE1 CE2  sing Y N 289 
TRP NE1 HE1  sing N N 290 
TRP CE2 CZ2  sing Y N 291 
TRP CE3 CZ3  doub Y N 292 
TRP CE3 HE3  sing N N 293 
TRP CZ2 CH2  doub Y N 294 
TRP CZ2 HZ2  sing N N 295 
TRP CZ3 CH2  sing Y N 296 
TRP CZ3 HZ3  sing N N 297 
TRP CH2 HH2  sing N N 298 
TRP OXT HXT  sing N N 299 
TYR N   CA   sing N N 300 
TYR N   H    sing N N 301 
TYR N   H2   sing N N 302 
TYR CA  C    sing N N 303 
TYR CA  CB   sing N N 304 
TYR CA  HA   sing N N 305 
TYR C   O    doub N N 306 
TYR C   OXT  sing N N 307 
TYR CB  CG   sing N N 308 
TYR CB  HB2  sing N N 309 
TYR CB  HB3  sing N N 310 
TYR CG  CD1  doub Y N 311 
TYR CG  CD2  sing Y N 312 
TYR CD1 CE1  sing Y N 313 
TYR CD1 HD1  sing N N 314 
TYR CD2 CE2  doub Y N 315 
TYR CD2 HD2  sing N N 316 
TYR CE1 CZ   doub Y N 317 
TYR CE1 HE1  sing N N 318 
TYR CE2 CZ   sing Y N 319 
TYR CE2 HE2  sing N N 320 
TYR CZ  OH   sing N N 321 
TYR OH  HH   sing N N 322 
TYR OXT HXT  sing N N 323 
VAL N   CA   sing N N 324 
VAL N   H    sing N N 325 
VAL N   H2   sing N N 326 
VAL CA  C    sing N N 327 
VAL CA  CB   sing N N 328 
VAL CA  HA   sing N N 329 
VAL C   O    doub N N 330 
VAL C   OXT  sing N N 331 
VAL CB  CG1  sing N N 332 
VAL CB  CG2  sing N N 333 
VAL CB  HB   sing N N 334 
VAL CG1 HG11 sing N N 335 
VAL CG1 HG12 sing N N 336 
VAL CG1 HG13 sing N N 337 
VAL CG2 HG21 sing N N 338 
VAL CG2 HG22 sing N N 339 
VAL CG2 HG23 sing N N 340 
VAL OXT HXT  sing N N 341 
# 
_atom_sites.entry_id                    1AZG 
_atom_sites.fract_transf_matrix[1][1]   1.000000 
_atom_sites.fract_transf_matrix[1][2]   0.000000 
_atom_sites.fract_transf_matrix[1][3]   0.000000 
_atom_sites.fract_transf_matrix[2][1]   0.000000 
_atom_sites.fract_transf_matrix[2][2]   1.000000 
_atom_sites.fract_transf_matrix[2][3]   0.000000 
_atom_sites.fract_transf_matrix[3][1]   0.000000 
_atom_sites.fract_transf_matrix[3][2]   0.000000 
_atom_sites.fract_transf_matrix[3][3]   1.000000 
_atom_sites.fract_transf_vector[1]      0.00000 
_atom_sites.fract_transf_vector[2]      0.00000 
_atom_sites.fract_transf_vector[3]      0.00000 
# 
loop_
_atom_type.symbol 
C 
H 
N 
O 
# 
loop_
_atom_site.group_PDB 
_atom_site.id 
_atom_site.type_symbol 
_atom_site.label_atom_id 
_atom_site.label_alt_id 
_atom_site.label_comp_id 
_atom_site.label_asym_id 
_atom_site.label_entity_id 
_atom_site.label_seq_id 
_atom_site.pdbx_PDB_ins_code 
_atom_site.Cartn_x 
_atom_site.Cartn_y 
_atom_site.Cartn_z 
_atom_site.occupancy 
_atom_site.B_iso_or_equiv 
_atom_site.pdbx_formal_charge 
_atom_site.auth_seq_id 
_atom_site.auth_comp_id 
_atom_site.auth_asym_id 
_atom_site.auth_atom_id 
_atom_site.pdbx_PDB_model_num 
ATOM 1    N N    . PRO A 1 1  ? -12.910 8.803   -9.491  1.00 5.18  ? 91  PRO A N    1 
ATOM 2    C CA   . PRO A 1 1  ? -13.410 9.432   -8.228  1.00 4.49  ? 91  PRO A CA   1 
ATOM 3    C C    . PRO A 1 1  ? -12.247 9.616   -7.249  1.00 3.46  ? 91  PRO A C    1 
ATOM 4    O O    . PRO A 1 1  ? -11.169 9.097   -7.462  1.00 3.53  ? 91  PRO A O    1 
ATOM 5    C CB   . PRO A 1 1  ? -14.461 8.506   -7.615  1.00 5.19  ? 91  PRO A CB   1 
ATOM 6    C CG   . PRO A 1 1  ? -14.591 7.298   -8.534  1.00 6.23  ? 91  PRO A CG   1 
ATOM 7    C CD   . PRO A 1 1  ? -13.624 7.506   -9.700  1.00 6.18  ? 91  PRO A CD   1 
ATOM 8    H H2   . PRO A 1 1  ? -11.889 8.627   -9.413  1.00 4.91  ? 91  PRO A H2   1 
ATOM 9    H H3   . PRO A 1 1  ? -13.097 9.438   -10.294 1.00 5.54  ? 91  PRO A H3   1 
ATOM 10   H HA   . PRO A 1 1  ? -13.855 10.390  -8.449  1.00 4.67  ? 91  PRO A HA   1 
ATOM 11   H HB2  . PRO A 1 1  ? -14.143 8.190   -6.632  1.00 4.85  ? 91  PRO A HB2  1 
ATOM 12   H HB3  . PRO A 1 1  ? -15.409 9.017   -7.551  1.00 5.64  ? 91  PRO A HB3  1 
ATOM 13   H HG2  . PRO A 1 1  ? -14.332 6.397   -7.994  1.00 6.45  ? 91  PRO A HG2  1 
ATOM 14   H HG3  . PRO A 1 1  ? -15.600 7.227   -8.909  1.00 7.01  ? 91  PRO A HG3  1 
ATOM 15   H HD2  . PRO A 1 1  ? -12.909 6.696   -9.729  1.00 6.40  ? 91  PRO A HD2  1 
ATOM 16   H HD3  . PRO A 1 1  ? -14.175 7.540   -10.628 1.00 6.89  ? 91  PRO A HD3  1 
ATOM 17   N N    . PRO A 1 2  ? -12.509 10.352  -6.201  1.00 3.01  ? 92  PRO A N    1 
ATOM 18   C CA   . PRO A 1 2  ? -11.503 10.631  -5.161  1.00 2.60  ? 92  PRO A CA   1 
ATOM 19   C C    . PRO A 1 2  ? -11.050 9.324   -4.502  1.00 2.06  ? 92  PRO A C    1 
ATOM 20   O O    . PRO A 1 2  ? -11.828 8.633   -3.874  1.00 2.44  ? 92  PRO A O    1 
ATOM 21   C CB   . PRO A 1 2  ? -12.228 11.525  -4.145  1.00 3.19  ? 92  PRO A CB   1 
ATOM 22   C CG   . PRO A 1 2  ? -13.678 11.735  -4.652  1.00 3.75  ? 92  PRO A CG   1 
ATOM 23   C CD   . PRO A 1 2  ? -13.829 10.965  -5.973  1.00 3.65  ? 92  PRO A CD   1 
ATOM 24   H HA   . PRO A 1 2  ? -10.660 11.157  -5.579  1.00 2.97  ? 92  PRO A HA   1 
ATOM 25   H HB2  . PRO A 1 2  ? -12.241 11.043  -3.177  1.00 3.27  ? 92  PRO A HB2  1 
ATOM 26   H HB3  . PRO A 1 2  ? -11.729 12.479  -4.074  1.00 3.67  ? 92  PRO A HB3  1 
ATOM 27   H HG2  . PRO A 1 2  ? -14.380 11.356  -3.922  1.00 4.19  ? 92  PRO A HG2  1 
ATOM 28   H HG3  . PRO A 1 2  ? -13.859 12.785  -4.824  1.00 4.23  ? 92  PRO A HG3  1 
ATOM 29   H HD2  . PRO A 1 2  ? -14.589 10.202  -5.879  1.00 4.07  ? 92  PRO A HD2  1 
ATOM 30   H HD3  . PRO A 1 2  ? -14.068 11.641  -6.780  1.00 4.07  ? 92  PRO A HD3  1 
ATOM 31   N N    . ARG A 1 3  ? -9.798  8.981   -4.640  1.00 1.67  ? 93  ARG A N    1 
ATOM 32   C CA   . ARG A 1 3  ? -9.300  7.720   -4.023  1.00 1.34  ? 93  ARG A CA   1 
ATOM 33   C C    . ARG A 1 3  ? -9.841  7.601   -2.595  1.00 1.12  ? 93  ARG A C    1 
ATOM 34   O O    . ARG A 1 3  ? -9.820  8.556   -1.844  1.00 1.57  ? 93  ARG A O    1 
ATOM 35   C CB   . ARG A 1 3  ? -7.770  7.740   -3.984  1.00 1.72  ? 93  ARG A CB   1 
ATOM 36   C CG   . ARG A 1 3  ? -7.217  7.576   -5.402  1.00 2.65  ? 93  ARG A CG   1 
ATOM 37   C CD   . ARG A 1 3  ? -7.905  6.394   -6.086  1.00 3.48  ? 93  ARG A CD   1 
ATOM 38   N NE   . ARG A 1 3  ? -9.102  6.879   -6.829  1.00 4.46  ? 93  ARG A NE   1 
ATOM 39   C CZ   . ARG A 1 3  ? -10.177 6.142   -6.887  1.00 5.18  ? 93  ARG A CZ   1 
ATOM 40   N NH1  . ARG A 1 3  ? -10.160 5.013   -7.541  1.00 5.86  ? 93  ARG A NH1  1 
ATOM 41   N NH2  . ARG A 1 3  ? -11.270 6.533   -6.290  1.00 5.56  ? 93  ARG A NH2  1 
ATOM 42   H H    . ARG A 1 3  ? -9.187  9.552   -5.151  1.00 1.99  ? 93  ARG A H    1 
ATOM 43   H HA   . ARG A 1 3  ? -9.634  6.878   -4.608  1.00 1.64  ? 93  ARG A HA   1 
ATOM 44   H HB2  . ARG A 1 3  ? -7.432  8.680   -3.572  1.00 1.98  ? 93  ARG A HB2  1 
ATOM 45   H HB3  . ARG A 1 3  ? -7.415  6.929   -3.367  1.00 1.92  ? 93  ARG A HB3  1 
ATOM 46   H HG2  . ARG A 1 3  ? -7.404  8.478   -5.967  1.00 3.01  ? 93  ARG A HG2  1 
ATOM 47   H HG3  . ARG A 1 3  ? -6.154  7.394   -5.356  1.00 3.04  ? 93  ARG A HG3  1 
ATOM 48   H HD2  . ARG A 1 3  ? -7.218  5.927   -6.777  1.00 3.77  ? 93  ARG A HD2  1 
ATOM 49   H HD3  . ARG A 1 3  ? -8.211  5.674   -5.342  1.00 3.61  ? 93  ARG A HD3  1 
ATOM 50   H HE   . ARG A 1 3  ? -9.082  7.753   -7.273  1.00 4.80  ? 93  ARG A HE   1 
ATOM 51   H HH11 . ARG A 1 3  ? -9.324  4.713   -7.998  1.00 5.90  ? 93  ARG A HH11 1 
ATOM 52   H HH12 . ARG A 1 3  ? -10.984 4.448   -7.585  1.00 6.53  ? 93  ARG A HH12 1 
ATOM 53   H HH21 . ARG A 1 3  ? -11.284 7.399   -5.788  1.00 5.37  ? 93  ARG A HH21 1 
ATOM 54   H HH22 . ARG A 1 3  ? -12.094 5.969   -6.334  1.00 6.26  ? 93  ARG A HH22 1 
ATOM 55   N N    . PRO A 1 4  ? -10.309 6.425   -2.264  1.00 1.18  ? 94  PRO A N    1 
ATOM 56   C CA   . PRO A 1 4  ? -10.863 6.148   -0.928  1.00 1.56  ? 94  PRO A CA   1 
ATOM 57   C C    . PRO A 1 4  ? -9.786  6.349   0.142   1.00 1.10  ? 94  PRO A C    1 
ATOM 58   O O    . PRO A 1 4  ? -9.900  7.204   0.999   1.00 1.48  ? 94  PRO A O    1 
ATOM 59   C CB   . PRO A 1 4  ? -11.302 4.678   -0.981  1.00 2.29  ? 94  PRO A CB   1 
ATOM 60   C CG   . PRO A 1 4  ? -10.974 4.140   -2.398  1.00 2.46  ? 94  PRO A CG   1 
ATOM 61   C CD   . PRO A 1 4  ? -10.325 5.283   -3.193  1.00 1.72  ? 94  PRO A CD   1 
ATOM 62   H HA   . PRO A 1 4  ? -11.714 6.780   -0.732  1.00 2.04  ? 94  PRO A HA   1 
ATOM 63   H HB2  . PRO A 1 4  ? -10.765 4.109   -0.235  1.00 2.35  ? 94  PRO A HB2  1 
ATOM 64   H HB3  . PRO A 1 4  ? -12.365 4.605   -0.805  1.00 2.89  ? 94  PRO A HB3  1 
ATOM 65   H HG2  . PRO A 1 4  ? -10.287 3.307   -2.322  1.00 2.80  ? 94  PRO A HG2  1 
ATOM 66   H HG3  . PRO A 1 4  ? -11.880 3.824   -2.890  1.00 2.98  ? 94  PRO A HG3  1 
ATOM 67   H HD2  . PRO A 1 4  ? -9.317  5.015   -3.481  1.00 1.86  ? 94  PRO A HD2  1 
ATOM 68   H HD3  . PRO A 1 4  ? -10.916 5.521   -4.064  1.00 1.84  ? 94  PRO A HD3  1 
ATOM 69   N N    . LEU A 1 5  ? -8.742  5.568   0.098   1.00 0.83  ? 95  LEU A N    1 
ATOM 70   C CA   . LEU A 1 5  ? -7.660  5.715   1.111   1.00 0.47  ? 95  LEU A CA   1 
ATOM 71   C C    . LEU A 1 5  ? -8.193  5.306   2.488   1.00 0.46  ? 95  LEU A C    1 
ATOM 72   O O    . LEU A 1 5  ? -8.842  6.088   3.156   1.00 0.52  ? 95  LEU A O    1 
ATOM 73   C CB   . LEU A 1 5  ? -7.199  7.174   1.154   1.00 0.89  ? 95  LEU A CB   1 
ATOM 74   C CG   . LEU A 1 5  ? -5.750  7.267   0.673   1.00 0.69  ? 95  LEU A CG   1 
ATOM 75   C CD1  . LEU A 1 5  ? -5.446  8.703   0.240   1.00 1.34  ? 95  LEU A CD1  1 
ATOM 76   C CD2  . LEU A 1 5  ? -4.810  6.869   1.815   1.00 1.34  ? 95  LEU A CD2  1 
ATOM 77   H H    . LEU A 1 5  ? -8.669  4.885   -0.601  1.00 1.29  ? 95  LEU A H    1 
ATOM 78   H HA   . LEU A 1 5  ? -6.827  5.082   0.843   1.00 0.49  ? 95  LEU A HA   1 
ATOM 79   H HB2  . LEU A 1 5  ? -7.831  7.769   0.511   1.00 1.53  ? 95  LEU A HB2  1 
ATOM 80   H HB3  . LEU A 1 5  ? -7.265  7.543   2.166   1.00 1.54  ? 95  LEU A HB3  1 
ATOM 81   H HG   . LEU A 1 5  ? -5.605  6.601   -0.164  1.00 1.08  ? 95  LEU A HG   1 
ATOM 82   H HD11 . LEU A 1 5  ? -5.898  9.392   0.937   1.00 1.77  ? 95  LEU A HD11 1 
ATOM 83   H HD12 . LEU A 1 5  ? -4.376  8.854   0.226   1.00 1.90  ? 95  LEU A HD12 1 
ATOM 84   H HD13 . LEU A 1 5  ? -5.847  8.873   -0.747  1.00 1.78  ? 95  LEU A HD13 1 
ATOM 85   H HD21 . LEU A 1 5  ? -5.323  6.193   2.483   1.00 1.80  ? 95  LEU A HD21 1 
ATOM 86   H HD22 . LEU A 1 5  ? -3.937  6.381   1.407   1.00 1.85  ? 95  LEU A HD22 1 
ATOM 87   H HD23 . LEU A 1 5  ? -4.508  7.753   2.357   1.00 1.91  ? 95  LEU A HD23 1 
ATOM 88   N N    . PRO A 1 6  ? -7.903  4.089   2.870   1.00 0.46  ? 96  PRO A N    1 
ATOM 89   C CA   . PRO A 1 6  ? -8.342  3.544   4.167   1.00 0.56  ? 96  PRO A CA   1 
ATOM 90   C C    . PRO A 1 6  ? -7.755  4.370   5.313   1.00 0.64  ? 96  PRO A C    1 
ATOM 91   O O    . PRO A 1 6  ? -6.621  4.183   5.709   1.00 1.20  ? 96  PRO A O    1 
ATOM 92   C CB   . PRO A 1 6  ? -7.793  2.111   4.197   1.00 0.62  ? 96  PRO A CB   1 
ATOM 93   C CG   . PRO A 1 6  ? -7.027  1.871   2.870   1.00 0.57  ? 96  PRO A CG   1 
ATOM 94   C CD   . PRO A 1 6  ? -7.113  3.163   2.040   1.00 0.47  ? 96  PRO A CD   1 
ATOM 95   H HA   . PRO A 1 6  ? -9.419  3.526   4.224   1.00 0.60  ? 96  PRO A HA   1 
ATOM 96   H HB2  . PRO A 1 6  ? -7.123  1.994   5.037   1.00 0.69  ? 96  PRO A HB2  1 
ATOM 97   H HB3  . PRO A 1 6  ? -8.608  1.407   4.275   1.00 0.70  ? 96  PRO A HB3  1 
ATOM 98   H HG2  . PRO A 1 6  ? -5.993  1.638   3.082   1.00 0.62  ? 96  PRO A HG2  1 
ATOM 99   H HG3  . PRO A 1 6  ? -7.483  1.059   2.324   1.00 0.64  ? 96  PRO A HG3  1 
ATOM 100  H HD2  . PRO A 1 6  ? -6.124  3.562   1.864   1.00 0.47  ? 96  PRO A HD2  1 
ATOM 101  H HD3  . PRO A 1 6  ? -7.619  2.977   1.107   1.00 0.48  ? 96  PRO A HD3  1 
ATOM 102  N N    . VAL A 1 7  ? -8.515  5.284   5.850   1.00 1.04  ? 97  VAL A N    1 
ATOM 103  C CA   . VAL A 1 7  ? -7.999  6.120   6.969   1.00 1.16  ? 97  VAL A CA   1 
ATOM 104  C C    . VAL A 1 7  ? -7.268  5.232   7.977   1.00 1.16  ? 97  VAL A C    1 
ATOM 105  O O    . VAL A 1 7  ? -7.816  4.275   8.487   1.00 1.86  ? 97  VAL A O    1 
ATOM 106  C CB   . VAL A 1 7  ? -9.166  6.823   7.662   1.00 1.40  ? 97  VAL A CB   1 
ATOM 107  C CG1  . VAL A 1 7  ? -8.663  7.519   8.927   1.00 2.30  ? 97  VAL A CG1  1 
ATOM 108  C CG2  . VAL A 1 7  ? -9.770  7.863   6.715   1.00 1.97  ? 97  VAL A CG2  1 
ATOM 109  H H    . VAL A 1 7  ? -9.427  5.420   5.516   1.00 1.60  ? 97  VAL A H    1 
ATOM 110  H HA   . VAL A 1 7  ? -7.315  6.859   6.579   1.00 1.20  ? 97  VAL A HA   1 
ATOM 111  H HB   . VAL A 1 7  ? -9.919  6.094   7.928   1.00 1.55  ? 97  VAL A HB   1 
ATOM 112  H HG11 . VAL A 1 7  ? -7.595  7.378   9.015   1.00 2.69  ? 97  VAL A HG11 1 
ATOM 113  H HG12 . VAL A 1 7  ? -8.882  8.576   8.869   1.00 2.85  ? 97  VAL A HG12 1 
ATOM 114  H HG13 . VAL A 1 7  ? -9.155  7.097   9.791   1.00 2.74  ? 97  VAL A HG13 1 
ATOM 115  H HG21 . VAL A 1 7  ? -8.979  8.445   6.268   1.00 2.41  ? 97  VAL A HG21 1 
ATOM 116  H HG22 . VAL A 1 7  ? -10.331 7.361   5.941   1.00 2.55  ? 97  VAL A HG22 1 
ATOM 117  H HG23 . VAL A 1 7  ? -10.428 8.516   7.270   1.00 2.31  ? 97  VAL A HG23 1 
ATOM 118  N N    . ALA A 1 8  ? -6.036  5.542   8.270   1.00 0.98  ? 98  ALA A N    1 
ATOM 119  C CA   . ALA A 1 8  ? -5.271  4.717   9.248   1.00 1.04  ? 98  ALA A CA   1 
ATOM 120  C C    . ALA A 1 8  ? -6.131  4.476   10.492  1.00 1.25  ? 98  ALA A C    1 
ATOM 121  O O    . ALA A 1 8  ? -7.202  5.035   10.621  1.00 1.55  ? 98  ALA A O    1 
ATOM 122  C CB   . ALA A 1 8  ? -3.991  5.456   9.644   1.00 1.29  ? 98  ALA A CB   1 
ATOM 123  H H    . ALA A 1 8  ? -5.612  6.319   7.849   1.00 1.37  ? 98  ALA A H    1 
ATOM 124  H HA   . ALA A 1 8  ? -5.016  3.769   8.797   1.00 1.27  ? 98  ALA A HA   1 
ATOM 125  H HB1  . ALA A 1 8  ? -3.917  6.376   9.083   1.00 1.73  ? 98  ALA A HB1  1 
ATOM 126  H HB2  . ALA A 1 8  ? -4.016  5.680   10.699  1.00 1.75  ? 98  ALA A HB2  1 
ATOM 127  H HB3  . ALA A 1 8  ? -3.135  4.834   9.428   1.00 1.67  ? 98  ALA A HB3  1 
ATOM 128  N N    . PRO A 1 9  ? -5.631  3.647   11.370  1.00 1.43  ? 99  PRO A N    1 
ATOM 129  C CA   . PRO A 1 9  ? -6.333  3.304   12.620  1.00 1.95  ? 99  PRO A CA   1 
ATOM 130  C C    . PRO A 1 9  ? -6.549  4.557   13.474  1.00 2.19  ? 99  PRO A C    1 
ATOM 131  O O    . PRO A 1 9  ? -5.788  4.843   14.378  1.00 2.53  ? 99  PRO A O    1 
ATOM 132  C CB   . PRO A 1 9  ? -5.398  2.319   13.336  1.00 2.19  ? 99  PRO A CB   1 
ATOM 133  C CG   . PRO A 1 9  ? -4.147  2.122   12.443  1.00 1.90  ? 99  PRO A CG   1 
ATOM 134  C CD   . PRO A 1 9  ? -4.329  2.985   11.185  1.00 1.42  ? 99  PRO A CD   1 
ATOM 135  H HA   . PRO A 1 9  ? -7.274  2.825   12.407  1.00 2.23  ? 99  PRO A HA   1 
ATOM 136  H HB2  . PRO A 1 9  ? -5.108  2.724   14.296  1.00 2.39  ? 99  PRO A HB2  1 
ATOM 137  H HB3  . PRO A 1 9  ? -5.897  1.373   13.472  1.00 2.57  ? 99  PRO A HB3  1 
ATOM 138  H HG2  . PRO A 1 9  ? -3.261  2.435   12.980  1.00 1.98  ? 99  PRO A HG2  1 
ATOM 139  H HG3  . PRO A 1 9  ? -4.056  1.084   12.161  1.00 2.18  ? 99  PRO A HG3  1 
ATOM 140  H HD2  . PRO A 1 9  ? -3.536  3.716   11.114  1.00 1.35  ? 99  PRO A HD2  1 
ATOM 141  H HD3  . PRO A 1 9  ? -4.350  2.364   10.302  1.00 1.53  ? 99  PRO A HD3  1 
ATOM 142  N N    . GLY A 1 10 ? -7.583  5.304   13.198  1.00 2.57  ? 100 GLY A N    1 
ATOM 143  C CA   . GLY A 1 10 ? -7.852  6.535   13.995  1.00 3.04  ? 100 GLY A CA   1 
ATOM 144  C C    . GLY A 1 10 ? -6.540  7.276   14.260  1.00 3.84  ? 100 GLY A C    1 
ATOM 145  O O    . GLY A 1 10 ? -5.554  7.074   13.580  1.00 4.33  ? 100 GLY A O    1 
ATOM 146  H H    . GLY A 1 10 ? -8.186  5.053   12.467  1.00 2.84  ? 100 GLY A H    1 
ATOM 147  H HA2  . GLY A 1 10 ? -8.526  7.178   13.445  1.00 3.10  ? 100 GLY A HA2  1 
ATOM 148  H HA3  . GLY A 1 10 ? -8.303  6.262   14.937  1.00 3.28  ? 100 GLY A HA3  1 
ATOM 149  N N    . SER A 1 11 ? -6.522  8.134   15.243  1.00 4.46  ? 101 SER A N    1 
ATOM 150  C CA   . SER A 1 11 ? -5.276  8.889   15.553  1.00 5.57  ? 101 SER A CA   1 
ATOM 151  C C    . SER A 1 11 ? -4.338  8.008   16.381  1.00 6.22  ? 101 SER A C    1 
ATOM 152  O O    . SER A 1 11 ? -4.190  8.192   17.573  1.00 6.58  ? 101 SER A O    1 
ATOM 153  C CB   . SER A 1 11 ? -5.627  10.145  16.348  1.00 5.96  ? 101 SER A CB   1 
ATOM 154  O OG   . SER A 1 11 ? -6.206  11.107  15.476  1.00 6.51  ? 101 SER A OG   1 
ATOM 155  H H    . SER A 1 11 ? -7.329  8.282   15.778  1.00 4.47  ? 101 SER A H    1 
ATOM 156  H HA   . SER A 1 11 ? -4.786  9.170   14.631  1.00 6.00  ? 101 SER A HA   1 
ATOM 157  H HB2  . SER A 1 11 ? -6.334  9.898   17.122  1.00 5.99  ? 101 SER A HB2  1 
ATOM 158  H HB3  . SER A 1 11 ? -4.729  10.548  16.799  1.00 6.19  ? 101 SER A HB3  1 
ATOM 159  H HG   . SER A 1 11 ? -5.536  11.374  14.842  1.00 6.69  ? 101 SER A HG   1 
ATOM 160  N N    . SER A 1 12 ? -3.701  7.054   15.760  1.00 6.70  ? 102 SER A N    1 
ATOM 161  C CA   . SER A 1 12 ? -2.775  6.165   16.516  1.00 7.63  ? 102 SER A CA   1 
ATOM 162  C C    . SER A 1 12 ? -3.474  5.656   17.776  1.00 8.36  ? 102 SER A C    1 
ATOM 163  O O    . SER A 1 12 ? -3.035  5.897   18.884  1.00 8.51  ? 102 SER A O    1 
ATOM 164  C CB   . SER A 1 12 ? -1.523  6.951   16.909  1.00 7.96  ? 102 SER A CB   1 
ATOM 165  O OG   . SER A 1 12 ? -1.873  8.310   17.133  1.00 8.19  ? 102 SER A OG   1 
ATOM 166  H H    . SER A 1 12 ? -3.832  6.921   14.798  1.00 6.66  ? 102 SER A H    1 
ATOM 167  H HA   . SER A 1 12 ? -2.494  5.327   15.896  1.00 7.85  ? 102 SER A HA   1 
ATOM 168  H HB2  . SER A 1 12 ? -1.107  6.539   17.814  1.00 7.90  ? 102 SER A HB2  1 
ATOM 169  H HB3  . SER A 1 12 ? -0.792  6.883   16.115  1.00 8.40  ? 102 SER A HB3  1 
ATOM 170  H HG   . SER A 1 12 ? -1.596  8.546   18.022  1.00 8.41  ? 102 SER A HG   1 
ATOM 171  N N    . LYS A 1 13 ? -4.562  4.954   17.618  1.00 9.05  ? 103 LYS A N    1 
ATOM 172  C CA   . LYS A 1 13 ? -5.291  4.430   18.807  1.00 9.97  ? 103 LYS A CA   1 
ATOM 173  C C    . LYS A 1 13 ? -4.894  2.972   19.048  1.00 10.64 ? 103 LYS A C    1 
ATOM 174  O O    . LYS A 1 13 ? -4.927  2.154   18.150  1.00 11.03 ? 103 LYS A O    1 
ATOM 175  C CB   . LYS A 1 13 ? -6.799  4.513   18.558  1.00 10.46 ? 103 LYS A CB   1 
ATOM 176  C CG   . LYS A 1 13 ? -7.112  5.768   17.741  1.00 10.65 ? 103 LYS A CG   1 
ATOM 177  C CD   . LYS A 1 13 ? -8.311  6.492   18.355  1.00 11.08 ? 103 LYS A CD   1 
ATOM 178  C CE   . LYS A 1 13 ? -8.113  8.004   18.230  1.00 11.51 ? 103 LYS A CE   1 
ATOM 179  N NZ   . LYS A 1 13 ? -8.770  8.687   19.380  1.00 12.12 ? 103 LYS A NZ   1 
ATOM 180  H H    . LYS A 1 13 ? -4.902  4.771   16.717  1.00 9.10  ? 103 LYS A H    1 
ATOM 181  H HA   . LYS A 1 13 ? -5.037  5.021   19.675  1.00 10.05 ? 103 LYS A HA   1 
ATOM 182  H HB2  . LYS A 1 13 ? -7.122  3.637   18.015  1.00 10.38 ? 103 LYS A HB2  1 
ATOM 183  H HB3  . LYS A 1 13 ? -7.318  4.563   19.504  1.00 11.00 ? 103 LYS A HB3  1 
ATOM 184  H HG2  . LYS A 1 13 ? -6.253  6.423   17.746  1.00 10.63 ? 103 LYS A HG2  1 
ATOM 185  H HG3  . LYS A 1 13 ? -7.345  5.487   16.725  1.00 10.74 ? 103 LYS A HG3  1 
ATOM 186  H HD2  . LYS A 1 13 ? -9.212  6.201   17.834  1.00 11.24 ? 103 LYS A HD2  1 
ATOM 187  H HD3  . LYS A 1 13 ? -8.397  6.227   19.398  1.00 11.15 ? 103 LYS A HD3  1 
ATOM 188  H HE2  . LYS A 1 13 ? -7.058  8.230   18.231  1.00 11.41 ? 103 LYS A HE2  1 
ATOM 189  H HE3  . LYS A 1 13 ? -8.554  8.350   17.307  1.00 11.69 ? 103 LYS A HE3  1 
ATOM 190  H HZ1  . LYS A 1 13 ? -8.974  7.992   20.127  1.00 12.28 ? 103 LYS A HZ1  1 
ATOM 191  H HZ2  . LYS A 1 13 ? -8.135  9.422   19.754  1.00 12.41 ? 103 LYS A HZ2  1 
ATOM 192  H HZ3  . LYS A 1 13 ? -9.659  9.123   19.065  1.00 12.27 ? 103 LYS A HZ3  1 
ATOM 193  N N    . THR A 1 14 ? -4.516  2.641   20.252  1.00 10.98 ? 104 THR A N    1 
ATOM 194  C CA   . THR A 1 14 ? -4.117  1.236   20.547  1.00 11.84 ? 104 THR A CA   1 
ATOM 195  C C    . THR A 1 14 ? -2.864  0.886   19.741  1.00 12.12 ? 104 THR A C    1 
ATOM 196  O O    . THR A 1 14 ? -2.935  -0.035  18.945  1.00 12.45 ? 104 THR A O    1 
ATOM 197  C CB   . THR A 1 14 ? -5.255  0.291   20.158  1.00 12.14 ? 104 THR A CB   1 
ATOM 198  O OG1  . THR A 1 14 ? -6.499  0.872   20.523  1.00 12.03 ? 104 THR A OG1  1 
ATOM 199  C CG2  . THR A 1 14 ? -5.082  -1.045  20.883  1.00 12.75 ? 104 THR A CG2  1 
ATOM 200  O OXT  . THR A 1 14 ? -1.856  1.547   19.933  1.00 12.18 ? 104 THR A OXT  1 
ATOM 201  H H    . THR A 1 14 ? -4.497  3.316   20.962  1.00 10.80 ? 104 THR A H    1 
ATOM 202  H HA   . THR A 1 14 ? -3.907  1.135   21.601  1.00 12.27 ? 104 THR A HA   1 
ATOM 203  H HB   . THR A 1 14 ? -5.235  0.122   19.092  1.00 12.22 ? 104 THR A HB   1 
ATOM 204  H HG1  . THR A 1 14 ? -6.804  1.406   19.786  1.00 12.21 ? 104 THR A HG1  1 
ATOM 205  H HG21 . THR A 1 14 ? -4.853  -0.864  21.922  1.00 12.93 ? 104 THR A HG21 1 
ATOM 206  H HG22 . THR A 1 14 ? -5.995  -1.616  20.808  1.00 13.00 ? 104 THR A HG22 1 
ATOM 207  H HG23 . THR A 1 14 ? -4.273  -1.599  20.428  1.00 12.94 ? 104 THR A HG23 1 
ATOM 208  N N    . VAL B 2 3  ? 16.980  3.574   -5.457  1.00 1.61  ? 84  VAL B N    1 
ATOM 209  C CA   . VAL B 2 3  ? 16.519  2.831   -4.250  1.00 1.12  ? 84  VAL B CA   1 
ATOM 210  C C    . VAL B 2 3  ? 15.193  3.419   -3.765  1.00 1.03  ? 84  VAL B C    1 
ATOM 211  O O    . VAL B 2 3  ? 15.103  4.586   -3.436  1.00 1.23  ? 84  VAL B O    1 
ATOM 212  C CB   . VAL B 2 3  ? 17.568  2.956   -3.144  1.00 1.68  ? 84  VAL B CB   1 
ATOM 213  C CG1  . VAL B 2 3  ? 17.608  4.399   -2.639  1.00 2.43  ? 84  VAL B CG1  1 
ATOM 214  C CG2  . VAL B 2 3  ? 17.202  2.022   -1.987  1.00 2.55  ? 84  VAL B CG2  1 
ATOM 215  H HA   . VAL B 2 3  ? 16.381  1.788   -4.500  1.00 1.57  ? 84  VAL B HA   1 
ATOM 216  H HB   . VAL B 2 3  ? 18.537  2.685   -3.536  1.00 1.94  ? 84  VAL B HB   1 
ATOM 217  H HG11 . VAL B 2 3  ? 17.313  5.067   -3.435  1.00 2.93  ? 84  VAL B HG11 1 
ATOM 218  H HG12 . VAL B 2 3  ? 16.928  4.508   -1.807  1.00 2.82  ? 84  VAL B HG12 1 
ATOM 219  H HG13 . VAL B 2 3  ? 18.611  4.640   -2.319  1.00 2.82  ? 84  VAL B HG13 1 
ATOM 220  H HG21 . VAL B 2 3  ? 16.134  2.043   -1.833  1.00 2.94  ? 84  VAL B HG21 1 
ATOM 221  H HG22 . VAL B 2 3  ? 17.513  1.015   -2.226  1.00 2.96  ? 84  VAL B HG22 1 
ATOM 222  H HG23 . VAL B 2 3  ? 17.702  2.350   -1.089  1.00 3.01  ? 84  VAL B HG23 1 
ATOM 223  N N    . THR B 2 4  ? 14.161  2.622   -3.718  1.00 0.84  ? 85  THR B N    1 
ATOM 224  C CA   . THR B 2 4  ? 12.841  3.137   -3.253  1.00 0.86  ? 85  THR B CA   1 
ATOM 225  C C    . THR B 2 4  ? 12.029  1.991   -2.649  1.00 0.65  ? 85  THR B C    1 
ATOM 226  O O    . THR B 2 4  ? 11.058  1.535   -3.221  1.00 0.82  ? 85  THR B O    1 
ATOM 227  C CB   . THR B 2 4  ? 12.080  3.735   -4.440  1.00 1.14  ? 85  THR B CB   1 
ATOM 228  O OG1  . THR B 2 4  ? 12.902  3.692   -5.597  1.00 1.66  ? 85  THR B OG1  1 
ATOM 229  C CG2  . THR B 2 4  ? 11.706  5.185   -4.131  1.00 1.64  ? 85  THR B CG2  1 
ATOM 230  H H    . THR B 2 4  ? 14.253  1.683   -3.987  1.00 0.81  ? 85  THR B H    1 
ATOM 231  H HA   . THR B 2 4  ? 12.998  3.900   -2.505  1.00 0.96  ? 85  THR B HA   1 
ATOM 232  H HB   . THR B 2 4  ? 11.182  3.165   -4.615  1.00 1.56  ? 85  THR B HB   1 
ATOM 233  H HG1  . THR B 2 4  ? 12.692  4.456   -6.138  1.00 2.05  ? 85  THR B HG1  1 
ATOM 234  H HG21 . THR B 2 4  ? 12.035  5.437   -3.133  1.00 2.00  ? 85  THR B HG21 1 
ATOM 235  H HG22 . THR B 2 4  ? 12.183  5.840   -4.844  1.00 2.15  ? 85  THR B HG22 1 
ATOM 236  H HG23 . THR B 2 4  ? 10.633  5.301   -4.197  1.00 2.17  ? 85  THR B HG23 1 
ATOM 237  N N    . LEU B 2 5  ? 12.415  1.522   -1.494  1.00 0.47  ? 86  LEU B N    1 
ATOM 238  C CA   . LEU B 2 5  ? 11.665  0.406   -0.851  1.00 0.39  ? 86  LEU B CA   1 
ATOM 239  C C    . LEU B 2 5  ? 10.724  0.975   0.214   1.00 0.35  ? 86  LEU B C    1 
ATOM 240  O O    . LEU B 2 5  ? 11.141  1.676   1.114   1.00 0.49  ? 86  LEU B O    1 
ATOM 241  C CB   . LEU B 2 5  ? 12.654  -0.561  -0.194  1.00 0.53  ? 86  LEU B CB   1 
ATOM 242  C CG   . LEU B 2 5  ? 12.913  -1.742  -1.132  1.00 0.75  ? 86  LEU B CG   1 
ATOM 243  C CD1  . LEU B 2 5  ? 11.613  -2.519  -1.345  1.00 1.43  ? 86  LEU B CD1  1 
ATOM 244  C CD2  . LEU B 2 5  ? 13.421  -1.222  -2.479  1.00 1.41  ? 86  LEU B CD2  1 
ATOM 245  H H    . LEU B 2 5  ? 13.200  1.905   -1.048  1.00 0.58  ? 86  LEU B H    1 
ATOM 246  H HA   . LEU B 2 5  ? 11.089  -0.119  -1.598  1.00 0.47  ? 86  LEU B HA   1 
ATOM 247  H HB2  . LEU B 2 5  ? 13.582  -0.045  0.003   1.00 0.69  ? 86  LEU B HB2  1 
ATOM 248  H HB3  . LEU B 2 5  ? 12.239  -0.925  0.733   1.00 0.83  ? 86  LEU B HB3  1 
ATOM 249  H HG   . LEU B 2 5  ? 13.654  -2.393  -0.691  1.00 1.64  ? 86  LEU B HG   1 
ATOM 250  H HD11 . LEU B 2 5  ? 10.775  -1.913  -1.034  1.00 2.01  ? 86  LEU B HD11 1 
ATOM 251  H HD12 . LEU B 2 5  ? 11.509  -2.768  -2.391  1.00 2.04  ? 86  LEU B HD12 1 
ATOM 252  H HD13 . LEU B 2 5  ? 11.636  -3.427  -0.760  1.00 1.94  ? 86  LEU B HD13 1 
ATOM 253  H HD21 . LEU B 2 5  ? 14.324  -0.648  -2.326  1.00 1.91  ? 86  LEU B HD21 1 
ATOM 254  H HD22 . LEU B 2 5  ? 13.632  -2.057  -3.130  1.00 2.05  ? 86  LEU B HD22 1 
ATOM 255  H HD23 . LEU B 2 5  ? 12.668  -0.594  -2.931  1.00 1.93  ? 86  LEU B HD23 1 
ATOM 256  N N    . PHE B 2 6  ? 9.455   0.683   0.118   1.00 0.28  ? 87  PHE B N    1 
ATOM 257  C CA   . PHE B 2 6  ? 8.491   1.211   1.124   1.00 0.28  ? 87  PHE B CA   1 
ATOM 258  C C    . PHE B 2 6  ? 7.828   0.046   1.862   1.00 0.30  ? 87  PHE B C    1 
ATOM 259  O O    . PHE B 2 6  ? 7.516   -0.973  1.280   1.00 0.57  ? 87  PHE B O    1 
ATOM 260  C CB   . PHE B 2 6  ? 7.417   2.041   0.418   1.00 0.32  ? 87  PHE B CB   1 
ATOM 261  C CG   . PHE B 2 6  ? 8.072   3.188   -0.314  1.00 0.35  ? 87  PHE B CG   1 
ATOM 262  C CD1  . PHE B 2 6  ? 8.842   2.939   -1.455  1.00 1.21  ? 87  PHE B CD1  1 
ATOM 263  C CD2  . PHE B 2 6  ? 7.908   4.499   0.150   1.00 1.25  ? 87  PHE B CD2  1 
ATOM 264  C CE1  . PHE B 2 6  ? 9.451   4.002   -2.133  1.00 1.22  ? 87  PHE B CE1  1 
ATOM 265  C CE2  . PHE B 2 6  ? 8.517   5.561   -0.529  1.00 1.29  ? 87  PHE B CE2  1 
ATOM 266  C CZ   . PHE B 2 6  ? 9.288   5.312   -1.670  1.00 0.50  ? 87  PHE B CZ   1 
ATOM 267  H H    . PHE B 2 6  ? 9.136   0.118   -0.617  1.00 0.33  ? 87  PHE B H    1 
ATOM 268  H HA   . PHE B 2 6  ? 9.017   1.834   1.833   1.00 0.30  ? 87  PHE B HA   1 
ATOM 269  H HB2  . PHE B 2 6  ? 6.887   1.419   -0.288  1.00 0.35  ? 87  PHE B HB2  1 
ATOM 270  H HB3  . PHE B 2 6  ? 6.724   2.431   1.148   1.00 0.36  ? 87  PHE B HB3  1 
ATOM 271  H HD1  . PHE B 2 6  ? 8.968   1.927   -1.812  1.00 2.09  ? 87  PHE B HD1  1 
ATOM 272  H HD2  . PHE B 2 6  ? 7.312   4.689   1.029   1.00 2.12  ? 87  PHE B HD2  1 
ATOM 273  H HE1  . PHE B 2 6  ? 10.046  3.810   -3.014  1.00 2.09  ? 87  PHE B HE1  1 
ATOM 274  H HE2  . PHE B 2 6  ? 8.391   6.572   -0.171  1.00 2.17  ? 87  PHE B HE2  1 
ATOM 275  H HZ   . PHE B 2 6  ? 9.758   6.132   -2.194  1.00 0.58  ? 87  PHE B HZ   1 
ATOM 276  N N    . VAL B 2 7  ? 7.612   0.190   3.141   1.00 0.25  ? 88  VAL B N    1 
ATOM 277  C CA   . VAL B 2 7  ? 6.970   -0.907  3.916   1.00 0.25  ? 88  VAL B CA   1 
ATOM 278  C C    . VAL B 2 7  ? 5.533   -0.514  4.259   1.00 0.24  ? 88  VAL B C    1 
ATOM 279  O O    . VAL B 2 7  ? 5.204   0.652   4.358   1.00 0.26  ? 88  VAL B O    1 
ATOM 280  C CB   . VAL B 2 7  ? 7.754   -1.145  5.208   1.00 0.26  ? 88  VAL B CB   1 
ATOM 281  C CG1  . VAL B 2 7  ? 7.608   -2.607  5.631   1.00 0.33  ? 88  VAL B CG1  1 
ATOM 282  C CG2  . VAL B 2 7  ? 9.233   -0.830  4.970   1.00 0.35  ? 88  VAL B CG2  1 
ATOM 283  H H    . VAL B 2 7  ? 7.872   1.021   3.591   1.00 0.44  ? 88  VAL B H    1 
ATOM 284  H HA   . VAL B 2 7  ? 6.967   -1.811  3.326   1.00 0.27  ? 88  VAL B HA   1 
ATOM 285  H HB   . VAL B 2 7  ? 7.367   -0.504  5.987   1.00 0.27  ? 88  VAL B HB   1 
ATOM 286  H HG11 . VAL B 2 7  ? 6.670   -2.995  5.264   1.00 1.02  ? 88  VAL B HG11 1 
ATOM 287  H HG12 . VAL B 2 7  ? 8.422   -3.185  5.220   1.00 1.18  ? 88  VAL B HG12 1 
ATOM 288  H HG13 . VAL B 2 7  ? 7.628   -2.673  6.709   1.00 0.99  ? 88  VAL B HG13 1 
ATOM 289  H HG21 . VAL B 2 7  ? 9.515   -1.150  3.978   1.00 1.09  ? 88  VAL B HG21 1 
ATOM 290  H HG22 . VAL B 2 7  ? 9.394   0.234   5.065   1.00 1.07  ? 88  VAL B HG22 1 
ATOM 291  H HG23 . VAL B 2 7  ? 9.834   -1.351  5.701   1.00 1.05  ? 88  VAL B HG23 1 
ATOM 292  N N    . ALA B 2 8  ? 4.672   -1.478  4.443   1.00 0.25  ? 89  ALA B N    1 
ATOM 293  C CA   . ALA B 2 8  ? 3.257   -1.157  4.780   1.00 0.25  ? 89  ALA B CA   1 
ATOM 294  C C    . ALA B 2 8  ? 3.150   -0.836  6.271   1.00 0.25  ? 89  ALA B C    1 
ATOM 295  O O    . ALA B 2 8  ? 3.397   -1.673  7.116   1.00 0.28  ? 89  ALA B O    1 
ATOM 296  C CB   . ALA B 2 8  ? 2.369   -2.359  4.449   1.00 0.26  ? 89  ALA B CB   1 
ATOM 297  H H    . ALA B 2 8  ? 4.956   -2.412  4.359   1.00 0.28  ? 89  ALA B H    1 
ATOM 298  H HA   . ALA B 2 8  ? 2.935   -0.302  4.204   1.00 0.27  ? 89  ALA B HA   1 
ATOM 299  H HB1  . ALA B 2 8  ? 2.954   -3.265  4.505   1.00 1.01  ? 89  ALA B HB1  1 
ATOM 300  H HB2  . ALA B 2 8  ? 1.556   -2.411  5.158   1.00 1.08  ? 89  ALA B HB2  1 
ATOM 301  H HB3  . ALA B 2 8  ? 1.970   -2.248  3.452   1.00 1.04  ? 89  ALA B HB3  1 
ATOM 302  N N    . LEU B 2 9  ? 2.784   0.372   6.603   1.00 0.24  ? 90  LEU B N    1 
ATOM 303  C CA   . LEU B 2 9  ? 2.663   0.747   8.040   1.00 0.26  ? 90  LEU B CA   1 
ATOM 304  C C    . LEU B 2 9  ? 1.400   0.112   8.627   1.00 0.26  ? 90  LEU B C    1 
ATOM 305  O O    . LEU B 2 9  ? 1.184   0.128   9.823   1.00 0.31  ? 90  LEU B O    1 
ATOM 306  C CB   . LEU B 2 9  ? 2.573   2.269   8.163   1.00 0.32  ? 90  LEU B CB   1 
ATOM 307  C CG   . LEU B 2 9  ? 3.787   2.907   7.486   1.00 0.32  ? 90  LEU B CG   1 
ATOM 308  C CD1  . LEU B 2 9  ? 3.417   4.307   6.991   1.00 0.44  ? 90  LEU B CD1  1 
ATOM 309  C CD2  . LEU B 2 9  ? 4.934   3.011   8.493   1.00 0.43  ? 90  LEU B CD2  1 
ATOM 310  H H    . LEU B 2 9  ? 2.592   1.034   5.907   1.00 0.25  ? 90  LEU B H    1 
ATOM 311  H HA   . LEU B 2 9  ? 3.528   0.392   8.579   1.00 0.29  ? 90  LEU B HA   1 
ATOM 312  H HB2  . LEU B 2 9  ? 1.669   2.616   7.684   1.00 0.37  ? 90  LEU B HB2  1 
ATOM 313  H HB3  . LEU B 2 9  ? 2.558   2.545   9.206   1.00 0.39  ? 90  LEU B HB3  1 
ATOM 314  H HG   . LEU B 2 9  ? 4.093   2.299   6.648   1.00 0.33  ? 90  LEU B HG   1 
ATOM 315  H HD11 . LEU B 2 9  ? 3.067   4.901   7.822   1.00 1.09  ? 90  LEU B HD11 1 
ATOM 316  H HD12 . LEU B 2 9  ? 4.286   4.776   6.555   1.00 1.05  ? 90  LEU B HD12 1 
ATOM 317  H HD13 . LEU B 2 9  ? 2.637   4.232   6.249   1.00 1.15  ? 90  LEU B HD13 1 
ATOM 318  H HD21 . LEU B 2 9  ? 4.598   2.667   9.460   1.00 1.09  ? 90  LEU B HD21 1 
ATOM 319  H HD22 . LEU B 2 9  ? 5.760   2.399   8.161   1.00 1.13  ? 90  LEU B HD22 1 
ATOM 320  H HD23 . LEU B 2 9  ? 5.256   4.039   8.568   1.00 1.12  ? 90  LEU B HD23 1 
ATOM 321  N N    . TYR B 2 10 ? 0.564   -0.447  7.795   1.00 0.26  ? 91  TYR B N    1 
ATOM 322  C CA   . TYR B 2 10 ? -0.683  -1.083  8.305   1.00 0.33  ? 91  TYR B CA   1 
ATOM 323  C C    . TYR B 2 10 ? -1.074  -2.246  7.390   1.00 0.31  ? 91  TYR B C    1 
ATOM 324  O O    . TYR B 2 10 ? -0.471  -2.466  6.358   1.00 0.49  ? 91  TYR B O    1 
ATOM 325  C CB   . TYR B 2 10 ? -1.814  -0.052  8.325   1.00 0.41  ? 91  TYR B CB   1 
ATOM 326  C CG   . TYR B 2 10 ? -1.394  1.145   9.144   1.00 0.61  ? 91  TYR B CG   1 
ATOM 327  C CD1  . TYR B 2 10 ? -1.539  1.127   10.537  1.00 1.35  ? 91  TYR B CD1  1 
ATOM 328  C CD2  . TYR B 2 10 ? -0.861  2.274   8.511   1.00 1.32  ? 91  TYR B CD2  1 
ATOM 329  C CE1  . TYR B 2 10 ? -1.151  2.238   11.296  1.00 1.63  ? 91  TYR B CE1  1 
ATOM 330  C CE2  . TYR B 2 10 ? -0.473  3.384   9.269   1.00 1.74  ? 91  TYR B CE2  1 
ATOM 331  C CZ   . TYR B 2 10 ? -0.618  3.367   10.663  1.00 1.58  ? 91  TYR B CZ   1 
ATOM 332  O OH   . TYR B 2 10 ? -0.235  4.462   11.410  1.00 2.10  ? 91  TYR B OH   1 
ATOM 333  H H    . TYR B 2 10 ? 0.758   -0.450  6.834   1.00 0.25  ? 91  TYR B H    1 
ATOM 334  H HA   . TYR B 2 10 ? -0.516  -1.453  9.306   1.00 0.38  ? 91  TYR B HA   1 
ATOM 335  H HB2  . TYR B 2 10 ? -2.032  0.261   7.315   1.00 0.58  ? 91  TYR B HB2  1 
ATOM 336  H HB3  . TYR B 2 10 ? -2.696  -0.496  8.762   1.00 0.75  ? 91  TYR B HB3  1 
ATOM 337  H HD1  . TYR B 2 10 ? -1.951  0.257   11.027  1.00 2.02  ? 91  TYR B HD1  1 
ATOM 338  H HD2  . TYR B 2 10 ? -0.749  2.288   7.437   1.00 1.90  ? 91  TYR B HD2  1 
ATOM 339  H HE1  . TYR B 2 10 ? -1.263  2.225   12.370  1.00 2.29  ? 91  TYR B HE1  1 
ATOM 340  H HE2  . TYR B 2 10 ? -0.062  4.256   8.781   1.00 2.50  ? 91  TYR B HE2  1 
ATOM 341  H HH   . TYR B 2 10 ? -0.301  4.225   12.337  1.00 2.39  ? 91  TYR B HH   1 
ATOM 342  N N    . ASP B 2 11 ? -2.078  -2.991  7.761   1.00 0.36  ? 92  ASP B N    1 
ATOM 343  C CA   . ASP B 2 11 ? -2.506  -4.140  6.913   1.00 0.35  ? 92  ASP B CA   1 
ATOM 344  C C    . ASP B 2 11 ? -3.600  -3.679  5.946   1.00 0.35  ? 92  ASP B C    1 
ATOM 345  O O    . ASP B 2 11 ? -4.112  -2.582  6.048   1.00 0.49  ? 92  ASP B O    1 
ATOM 346  C CB   . ASP B 2 11 ? -3.052  -5.256  7.805   1.00 0.41  ? 92  ASP B CB   1 
ATOM 347  C CG   . ASP B 2 11 ? -4.070  -4.674  8.788   1.00 1.10  ? 92  ASP B CG   1 
ATOM 348  O OD1  . ASP B 2 11 ? -4.517  -3.562  8.558   1.00 1.85  ? 92  ASP B OD1  1 
ATOM 349  O OD2  . ASP B 2 11 ? -4.386  -5.351  9.752   1.00 1.88  ? 92  ASP B OD2  1 
ATOM 350  H H    . ASP B 2 11 ? -2.550  -2.797  8.597   1.00 0.54  ? 92  ASP B H    1 
ATOM 351  H HA   . ASP B 2 11 ? -1.661  -4.508  6.352   1.00 0.32  ? 92  ASP B HA   1 
ATOM 352  H HB2  . ASP B 2 11 ? -3.531  -6.005  7.191   1.00 1.09  ? 92  ASP B HB2  1 
ATOM 353  H HB3  . ASP B 2 11 ? -2.240  -5.707  8.355   1.00 0.98  ? 92  ASP B HB3  1 
ATOM 354  N N    . TYR B 2 12 ? -3.961  -4.509  5.005   1.00 0.35  ? 93  TYR B N    1 
ATOM 355  C CA   . TYR B 2 12 ? -5.020  -4.119  4.033   1.00 0.35  ? 93  TYR B CA   1 
ATOM 356  C C    . TYR B 2 12 ? -5.511  -5.365  3.291   1.00 0.34  ? 93  TYR B C    1 
ATOM 357  O O    . TYR B 2 12 ? -4.731  -6.190  2.860   1.00 0.42  ? 93  TYR B O    1 
ATOM 358  C CB   . TYR B 2 12 ? -4.447  -3.119  3.027   1.00 0.37  ? 93  TYR B CB   1 
ATOM 359  C CG   . TYR B 2 12 ? -5.480  -2.816  1.969   1.00 0.36  ? 93  TYR B CG   1 
ATOM 360  C CD1  . TYR B 2 12 ? -6.496  -1.887  2.228   1.00 1.33  ? 93  TYR B CD1  1 
ATOM 361  C CD2  . TYR B 2 12 ? -5.424  -3.463  0.729   1.00 1.12  ? 93  TYR B CD2  1 
ATOM 362  C CE1  . TYR B 2 12 ? -7.454  -1.605  1.247   1.00 1.37  ? 93  TYR B CE1  1 
ATOM 363  C CE2  . TYR B 2 12 ? -6.382  -3.181  -0.252  1.00 1.13  ? 93  TYR B CE2  1 
ATOM 364  C CZ   . TYR B 2 12 ? -7.397  -2.253  0.007   1.00 0.53  ? 93  TYR B CZ   1 
ATOM 365  O OH   . TYR B 2 12 ? -8.341  -1.975  -0.960  1.00 0.65  ? 93  TYR B OH   1 
ATOM 366  H H    . TYR B 2 12 ? -3.536  -5.390  4.940   1.00 0.46  ? 93  TYR B H    1 
ATOM 367  H HA   . TYR B 2 12 ? -5.847  -3.667  4.562   1.00 0.40  ? 93  TYR B HA   1 
ATOM 368  H HB2  . TYR B 2 12 ? -4.179  -2.207  3.540   1.00 0.43  ? 93  TYR B HB2  1 
ATOM 369  H HB3  . TYR B 2 12 ? -3.569  -3.540  2.561   1.00 0.41  ? 93  TYR B HB3  1 
ATOM 370  H HD1  . TYR B 2 12 ? -6.540  -1.388  3.185   1.00 2.19  ? 93  TYR B HD1  1 
ATOM 371  H HD2  . TYR B 2 12 ? -4.640  -4.179  0.529   1.00 1.99  ? 93  TYR B HD2  1 
ATOM 372  H HE1  . TYR B 2 12 ? -8.238  -0.890  1.447   1.00 2.26  ? 93  TYR B HE1  1 
ATOM 373  H HE2  . TYR B 2 12 ? -6.338  -3.680  -1.209  1.00 1.98  ? 93  TYR B HE2  1 
ATOM 374  H HH   . TYR B 2 12 ? -7.880  -1.795  -1.783  1.00 1.02  ? 93  TYR B HH   1 
ATOM 375  N N    . GLU B 2 13 ? -6.800  -5.510  3.141   1.00 0.41  ? 94  GLU B N    1 
ATOM 376  C CA   . GLU B 2 13 ? -7.338  -6.705  2.429   1.00 0.44  ? 94  GLU B CA   1 
ATOM 377  C C    . GLU B 2 13 ? -7.807  -6.295  1.033   1.00 0.47  ? 94  GLU B C    1 
ATOM 378  O O    . GLU B 2 13 ? -8.811  -5.629  0.876   1.00 0.57  ? 94  GLU B O    1 
ATOM 379  C CB   . GLU B 2 13 ? -8.521  -7.285  3.211   1.00 0.50  ? 94  GLU B CB   1 
ATOM 380  C CG   . GLU B 2 13 ? -8.490  -6.774  4.653   1.00 1.37  ? 94  GLU B CG   1 
ATOM 381  C CD   . GLU B 2 13 ? -9.238  -7.754  5.558   1.00 1.93  ? 94  GLU B CD   1 
ATOM 382  O OE1  . GLU B 2 13 ? -9.121  -8.946  5.331   1.00 2.61  ? 94  GLU B OE1  1 
ATOM 383  O OE2  . GLU B 2 13 ? -9.915  -7.295  6.464   1.00 2.33  ? 94  GLU B OE2  1 
ATOM 384  H H    . GLU B 2 13 ? -7.414  -4.835  3.497   1.00 0.53  ? 94  GLU B H    1 
ATOM 385  H HA   . GLU B 2 13 ? -6.563  -7.451  2.343   1.00 0.44  ? 94  GLU B HA   1 
ATOM 386  H HB2  . GLU B 2 13 ? -9.444  -6.983  2.741   1.00 0.99  ? 94  GLU B HB2  1 
ATOM 387  H HB3  . GLU B 2 13 ? -8.455  -8.363  3.213   1.00 0.96  ? 94  GLU B HB3  1 
ATOM 388  H HG2  . GLU B 2 13 ? -7.465  -6.687  4.982   1.00 1.90  ? 94  GLU B HG2  1 
ATOM 389  H HG3  . GLU B 2 13 ? -8.967  -5.806  4.701   1.00 1.88  ? 94  GLU B HG3  1 
ATOM 390  N N    . ALA B 2 14 ? -7.091  -6.690  0.016   1.00 0.52  ? 95  ALA B N    1 
ATOM 391  C CA   . ALA B 2 14 ? -7.499  -6.323  -1.369  1.00 0.58  ? 95  ALA B CA   1 
ATOM 392  C C    . ALA B 2 14 ? -8.929  -6.806  -1.624  1.00 0.57  ? 95  ALA B C    1 
ATOM 393  O O    . ALA B 2 14 ? -9.173  -7.982  -1.798  1.00 0.67  ? 95  ALA B O    1 
ATOM 394  C CB   . ALA B 2 14 ? -6.551  -6.983  -2.372  1.00 0.72  ? 95  ALA B CB   1 
ATOM 395  H H    . ALA B 2 14 ? -6.285  -7.226  0.163   1.00 0.61  ? 95  ALA B H    1 
ATOM 396  H HA   . ALA B 2 14 ? -7.455  -5.251  -1.483  1.00 0.65  ? 95  ALA B HA   1 
ATOM 397  H HB1  . ALA B 2 14 ? -5.766  -7.500  -1.839  1.00 1.30  ? 95  ALA B HB1  1 
ATOM 398  H HB2  . ALA B 2 14 ? -7.101  -7.689  -2.975  1.00 1.15  ? 95  ALA B HB2  1 
ATOM 399  H HB3  . ALA B 2 14 ? -6.116  -6.226  -3.009  1.00 1.34  ? 95  ALA B HB3  1 
ATOM 400  N N    . ARG B 2 15 ? -9.874  -5.907  -1.649  1.00 0.65  ? 96  ARG B N    1 
ATOM 401  C CA   . ARG B 2 15 ? -11.286 -6.317  -1.894  1.00 0.79  ? 96  ARG B CA   1 
ATOM 402  C C    . ARG B 2 15 ? -11.548 -6.363  -3.401  1.00 0.77  ? 96  ARG B C    1 
ATOM 403  O O    . ARG B 2 15 ? -12.673 -6.486  -3.843  1.00 0.93  ? 96  ARG B O    1 
ATOM 404  C CB   . ARG B 2 15 ? -12.230 -5.307  -1.238  1.00 0.99  ? 96  ARG B CB   1 
ATOM 405  C CG   . ARG B 2 15 ? -12.167 -3.979  -1.996  1.00 1.66  ? 96  ARG B CG   1 
ATOM 406  C CD   . ARG B 2 15 ? -12.177 -2.812  -1.005  1.00 2.18  ? 96  ARG B CD   1 
ATOM 407  N NE   . ARG B 2 15 ? -12.809 -3.243  0.275   1.00 2.86  ? 96  ARG B NE   1 
ATOM 408  C CZ   . ARG B 2 15 ? -14.032 -3.699  0.279   1.00 3.67  ? 96  ARG B CZ   1 
ATOM 409  N NH1  . ARG B 2 15 ? -14.781 -3.569  -0.782  1.00 4.16  ? 96  ARG B NH1  1 
ATOM 410  N NH2  . ARG B 2 15 ? -14.505 -4.286  1.345   1.00 4.34  ? 96  ARG B NH2  1 
ATOM 411  H H    . ARG B 2 15 ? -9.656  -4.962  -1.506  1.00 0.71  ? 96  ARG B H    1 
ATOM 412  H HA   . ARG B 2 15 ? -11.454 -7.296  -1.470  1.00 0.87  ? 96  ARG B HA   1 
ATOM 413  H HB2  . ARG B 2 15 ? -13.240 -5.690  -1.265  1.00 1.42  ? 96  ARG B HB2  1 
ATOM 414  H HB3  . ARG B 2 15 ? -11.932 -5.149  -0.213  1.00 1.49  ? 96  ARG B HB3  1 
ATOM 415  H HG2  . ARG B 2 15 ? -11.259 -3.944  -2.583  1.00 2.26  ? 96  ARG B HG2  1 
ATOM 416  H HG3  . ARG B 2 15 ? -13.020 -3.898  -2.652  1.00 2.15  ? 96  ARG B HG3  1 
ATOM 417  H HD2  . ARG B 2 15 ? -11.162 -2.495  -0.813  1.00 2.54  ? 96  ARG B HD2  1 
ATOM 418  H HD3  . ARG B 2 15 ? -12.738 -1.990  -1.423  1.00 2.49  ? 96  ARG B HD3  1 
ATOM 419  H HE   . ARG B 2 15 ? -12.306 -3.186  1.114   1.00 2.98  ? 96  ARG B HE   1 
ATOM 420  H HH11 . ARG B 2 15 ? -14.419 -3.121  -1.599  1.00 4.09  ? 96  ARG B HH11 1 
ATOM 421  H HH12 . ARG B 2 15 ? -15.719 -3.919  -0.777  1.00 4.85  ? 96  ARG B HH12 1 
ATOM 422  H HH21 . ARG B 2 15 ? -13.930 -4.386  2.157   1.00 4.41  ? 96  ARG B HH21 1 
ATOM 423  H HH22 . ARG B 2 15 ? -15.442 -4.635  1.349   1.00 5.01  ? 96  ARG B HH22 1 
ATOM 424  N N    . THR B 2 16 ? -10.514 -6.267  -4.193  1.00 0.65  ? 97  THR B N    1 
ATOM 425  C CA   . THR B 2 16 ? -10.699 -6.307  -5.672  1.00 0.67  ? 97  THR B CA   1 
ATOM 426  C C    . THR B 2 16 ? -9.486  -6.985  -6.313  1.00 0.62  ? 97  THR B C    1 
ATOM 427  O O    . THR B 2 16 ? -8.484  -7.223  -5.668  1.00 0.64  ? 97  THR B O    1 
ATOM 428  C CB   . THR B 2 16 ? -10.827 -4.880  -6.211  1.00 0.70  ? 97  THR B CB   1 
ATOM 429  O OG1  . THR B 2 16 ? -9.541  -4.280  -6.269  1.00 1.41  ? 97  THR B OG1  1 
ATOM 430  C CG2  . THR B 2 16 ? -11.734 -4.064  -5.289  1.00 1.36  ? 97  THR B CG2  1 
ATOM 431  H H    . THR B 2 16 ? -9.616  -6.170  -3.815  1.00 0.64  ? 97  THR B H    1 
ATOM 432  H HA   . THR B 2 16 ? -11.592 -6.866  -5.909  1.00 0.77  ? 97  THR B HA   1 
ATOM 433  H HB   . THR B 2 16 ? -11.258 -4.907  -7.200  1.00 1.18  ? 97  THR B HB   1 
ATOM 434  H HG1  . THR B 2 16 ? -9.044  -4.567  -5.499  1.00 1.89  ? 97  THR B HG1  1 
ATOM 435  H HG21 . THR B 2 16 ? -12.572 -4.669  -4.980  1.00 1.88  ? 97  THR B HG21 1 
ATOM 436  H HG22 . THR B 2 16 ? -11.173 -3.751  -4.419  1.00 1.90  ? 97  THR B HG22 1 
ATOM 437  H HG23 . THR B 2 16 ? -12.092 -3.193  -5.817  1.00 1.87  ? 97  THR B HG23 1 
ATOM 438  N N    . GLU B 2 17 ? -9.566  -7.298  -7.577  1.00 0.65  ? 98  GLU B N    1 
ATOM 439  C CA   . GLU B 2 17 ? -8.414  -7.958  -8.255  1.00 0.71  ? 98  GLU B CA   1 
ATOM 440  C C    . GLU B 2 17 ? -7.370  -6.902  -8.626  1.00 0.64  ? 98  GLU B C    1 
ATOM 441  O O    . GLU B 2 17 ? -6.350  -7.204  -9.214  1.00 0.82  ? 98  GLU B O    1 
ATOM 442  C CB   . GLU B 2 17 ? -8.903  -8.666  -9.522  1.00 0.86  ? 98  GLU B CB   1 
ATOM 443  C CG   . GLU B 2 17 ? -9.114  -7.641  -10.638 1.00 1.61  ? 98  GLU B CG   1 
ATOM 444  C CD   . GLU B 2 17 ? -9.603  -8.351  -11.901 1.00 2.22  ? 98  GLU B CD   1 
ATOM 445  O OE1  . GLU B 2 17 ? -9.928  -9.523  -11.809 1.00 2.75  ? 98  GLU B OE1  1 
ATOM 446  O OE2  . GLU B 2 17 ? -9.644  -7.712  -12.939 1.00 2.79  ? 98  GLU B OE2  1 
ATOM 447  H H    . GLU B 2 17 ? -10.383 -7.098  -8.081  1.00 0.69  ? 98  GLU B H    1 
ATOM 448  H HA   . GLU B 2 17 ? -7.972  -8.681  -7.586  1.00 0.75  ? 98  GLU B HA   1 
ATOM 449  H HB2  . GLU B 2 17 ? -8.166  -9.393  -9.834  1.00 1.38  ? 98  GLU B HB2  1 
ATOM 450  H HB3  . GLU B 2 17 ? -9.837  -9.168  -9.316  1.00 1.26  ? 98  GLU B HB3  1 
ATOM 451  H HG2  . GLU B 2 17 ? -9.850  -6.915  -10.324 1.00 2.08  ? 98  GLU B HG2  1 
ATOM 452  H HG3  . GLU B 2 17 ? -8.181  -7.140  -10.847 1.00 2.18  ? 98  GLU B HG3  1 
ATOM 453  N N    . ASP B 2 18 ? -7.617  -5.665  -8.290  1.00 0.55  ? 99  ASP B N    1 
ATOM 454  C CA   . ASP B 2 18 ? -6.640  -4.590  -8.624  1.00 0.58  ? 99  ASP B CA   1 
ATOM 455  C C    . ASP B 2 18 ? -5.762  -4.300  -7.406  1.00 0.60  ? 99  ASP B C    1 
ATOM 456  O O    . ASP B 2 18 ? -4.550  -4.365  -7.471  1.00 1.14  ? 99  ASP B O    1 
ATOM 457  C CB   . ASP B 2 18 ? -7.398  -3.321  -9.020  1.00 0.66  ? 99  ASP B CB   1 
ATOM 458  C CG   . ASP B 2 18 ? -7.735  -3.370  -10.512 1.00 1.14  ? 99  ASP B CG   1 
ATOM 459  O OD1  . ASP B 2 18 ? -6.821  -3.547  -11.301 1.00 1.92  ? 99  ASP B OD1  1 
ATOM 460  O OD2  . ASP B 2 18 ? -8.902  -3.231  -10.839 1.00 1.59  ? 99  ASP B OD2  1 
ATOM 461  H H    . ASP B 2 18 ? -8.445  -5.442  -7.817  1.00 0.60  ? 99  ASP B H    1 
ATOM 462  H HA   . ASP B 2 18 ? -6.020  -4.910  -9.448  1.00 0.63  ? 99  ASP B HA   1 
ATOM 463  H HB2  . ASP B 2 18 ? -8.311  -3.253  -8.446  1.00 0.99  ? 99  ASP B HB2  1 
ATOM 464  H HB3  . ASP B 2 18 ? -6.782  -2.457  -8.821  1.00 0.79  ? 99  ASP B HB3  1 
ATOM 465  N N    . ASP B 2 19 ? -6.362  -3.978  -6.291  1.00 0.36  ? 100 ASP B N    1 
ATOM 466  C CA   . ASP B 2 19 ? -5.561  -3.682  -5.071  1.00 0.33  ? 100 ASP B CA   1 
ATOM 467  C C    . ASP B 2 19 ? -4.812  -4.943  -4.630  1.00 0.29  ? 100 ASP B C    1 
ATOM 468  O O    . ASP B 2 19 ? -4.866  -5.968  -5.282  1.00 0.38  ? 100 ASP B O    1 
ATOM 469  C CB   . ASP B 2 19 ? -6.493  -3.226  -3.946  1.00 0.42  ? 100 ASP B CB   1 
ATOM 470  C CG   . ASP B 2 19 ? -7.415  -2.119  -4.462  1.00 0.86  ? 100 ASP B CG   1 
ATOM 471  O OD1  . ASP B 2 19 ? -7.020  -0.967  -4.393  1.00 1.34  ? 100 ASP B OD1  1 
ATOM 472  O OD2  . ASP B 2 19 ? -8.501  -2.442  -4.915  1.00 1.70  ? 100 ASP B OD2  1 
ATOM 473  H H    . ASP B 2 19 ? -7.341  -3.930  -6.260  1.00 0.69  ? 100 ASP B H    1 
ATOM 474  H HA   . ASP B 2 19 ? -4.849  -2.899  -5.288  1.00 0.33  ? 100 ASP B HA   1 
ATOM 475  H HB2  . ASP B 2 19 ? -7.088  -4.064  -3.611  1.00 0.77  ? 100 ASP B HB2  1 
ATOM 476  H HB3  . ASP B 2 19 ? -5.906  -2.848  -3.122  1.00 0.83  ? 100 ASP B HB3  1 
ATOM 477  N N    . LEU B 2 20 ? -4.113  -4.876  -3.529  1.00 0.27  ? 101 LEU B N    1 
ATOM 478  C CA   . LEU B 2 20 ? -3.361  -6.070  -3.049  1.00 0.25  ? 101 LEU B CA   1 
ATOM 479  C C    . LEU B 2 20 ? -3.717  -6.348  -1.586  1.00 0.27  ? 101 LEU B C    1 
ATOM 480  O O    . LEU B 2 20 ? -4.504  -5.645  -0.983  1.00 0.36  ? 101 LEU B O    1 
ATOM 481  C CB   . LEU B 2 20 ? -1.858  -5.806  -3.162  1.00 0.26  ? 101 LEU B CB   1 
ATOM 482  C CG   . LEU B 2 20 ? -1.524  -5.360  -4.586  1.00 0.28  ? 101 LEU B CG   1 
ATOM 483  C CD1  . LEU B 2 20 ? -0.505  -4.221  -4.538  1.00 0.32  ? 101 LEU B CD1  1 
ATOM 484  C CD2  . LEU B 2 20 ? -0.933  -6.539  -5.361  1.00 0.43  ? 101 LEU B CD2  1 
ATOM 485  H H    . LEU B 2 20 ? -4.082  -4.040  -3.021  1.00 0.35  ? 101 LEU B H    1 
ATOM 486  H HA   . LEU B 2 20 ? -3.622  -6.926  -3.652  1.00 0.27  ? 101 LEU B HA   1 
ATOM 487  H HB2  . LEU B 2 20 ? -1.576  -5.028  -2.465  1.00 0.28  ? 101 LEU B HB2  1 
ATOM 488  H HB3  . LEU B 2 20 ? -1.315  -6.709  -2.933  1.00 0.29  ? 101 LEU B HB3  1 
ATOM 489  H HG   . LEU B 2 20 ? -2.424  -5.018  -5.076  1.00 0.34  ? 101 LEU B HG   1 
ATOM 490  H HD11 . LEU B 2 20 ? -0.105  -4.136  -3.539  1.00 1.09  ? 101 LEU B HD11 1 
ATOM 491  H HD12 . LEU B 2 20 ? 0.297   -4.427  -5.231  1.00 1.07  ? 101 LEU B HD12 1 
ATOM 492  H HD13 . LEU B 2 20 ? -0.988  -3.294  -4.812  1.00 1.03  ? 101 LEU B HD13 1 
ATOM 493  H HD21 . LEU B 2 20 ? -0.675  -7.330  -4.671  1.00 1.13  ? 101 LEU B HD21 1 
ATOM 494  H HD22 . LEU B 2 20 ? -1.661  -6.904  -6.071  1.00 1.00  ? 101 LEU B HD22 1 
ATOM 495  H HD23 . LEU B 2 20 ? -0.047  -6.217  -5.888  1.00 1.18  ? 101 LEU B HD23 1 
ATOM 496  N N    . SER B 2 21 ? -3.142  -7.369  -1.011  1.00 0.29  ? 102 SER B N    1 
ATOM 497  C CA   . SER B 2 21 ? -3.443  -7.692  0.412   1.00 0.34  ? 102 SER B CA   1 
ATOM 498  C C    . SER B 2 21 ? -2.133  -7.946  1.160   1.00 0.33  ? 102 SER B C    1 
ATOM 499  O O    . SER B 2 21 ? -1.217  -8.548  0.636   1.00 0.41  ? 102 SER B O    1 
ATOM 500  C CB   . SER B 2 21 ? -4.319  -8.943  0.474   1.00 0.41  ? 102 SER B CB   1 
ATOM 501  O OG   . SER B 2 21 ? -3.539  -10.082 0.132   1.00 1.46  ? 102 SER B OG   1 
ATOM 502  H H    . SER B 2 21 ? -2.509  -7.921  -1.516  1.00 0.35  ? 102 SER B H    1 
ATOM 503  H HA   . SER B 2 21 ? -3.964  -6.863  0.868   1.00 0.35  ? 102 SER B HA   1 
ATOM 504  H HB2  . SER B 2 21 ? -4.705  -9.066  1.472   1.00 1.02  ? 102 SER B HB2  1 
ATOM 505  H HB3  . SER B 2 21 ? -5.144  -8.839  -0.217  1.00 1.12  ? 102 SER B HB3  1 
ATOM 506  H HG   . SER B 2 21 ? -2.996  -9.851  -0.626  1.00 1.82  ? 102 SER B HG   1 
ATOM 507  N N    . PHE B 2 22 ? -2.034  -7.491  2.379   1.00 0.30  ? 103 PHE B N    1 
ATOM 508  C CA   . PHE B 2 22 ? -0.777  -7.709  3.149   1.00 0.31  ? 103 PHE B CA   1 
ATOM 509  C C    . PHE B 2 22 ? -0.953  -7.207  4.583   1.00 0.32  ? 103 PHE B C    1 
ATOM 510  O O    . PHE B 2 22 ? -2.036  -6.842  4.995   1.00 0.34  ? 103 PHE B O    1 
ATOM 511  C CB   . PHE B 2 22 ? 0.364   -6.940  2.481   1.00 0.28  ? 103 PHE B CB   1 
ATOM 512  C CG   . PHE B 2 22 ? -0.050  -5.502  2.277   1.00 0.23  ? 103 PHE B CG   1 
ATOM 513  C CD1  . PHE B 2 22 ? -0.722  -5.126  1.107   1.00 0.90  ? 103 PHE B CD1  1 
ATOM 514  C CD2  . PHE B 2 22 ? 0.238   -4.544  3.256   1.00 0.94  ? 103 PHE B CD2  1 
ATOM 515  C CE1  . PHE B 2 22 ? -1.106  -3.793  0.917   1.00 0.90  ? 103 PHE B CE1  1 
ATOM 516  C CE2  . PHE B 2 22 ? -0.146  -3.211  3.067   1.00 0.94  ? 103 PHE B CE2  1 
ATOM 517  C CZ   . PHE B 2 22 ? -0.818  -2.835  1.897   1.00 0.23  ? 103 PHE B CZ   1 
ATOM 518  H H    . PHE B 2 22 ? -2.782  -7.006  2.786   1.00 0.31  ? 103 PHE B H    1 
ATOM 519  H HA   . PHE B 2 22 ? -0.540  -8.763  3.163   1.00 0.35  ? 103 PHE B HA   1 
ATOM 520  H HB2  . PHE B 2 22 ? 1.241   -6.977  3.111   1.00 0.29  ? 103 PHE B HB2  1 
ATOM 521  H HB3  . PHE B 2 22 ? 0.589   -7.388  1.524   1.00 0.29  ? 103 PHE B HB3  1 
ATOM 522  H HD1  . PHE B 2 22 ? -0.944  -5.865  0.352   1.00 1.58  ? 103 PHE B HD1  1 
ATOM 523  H HD2  . PHE B 2 22 ? 0.756   -4.833  4.159   1.00 1.62  ? 103 PHE B HD2  1 
ATOM 524  H HE1  . PHE B 2 22 ? -1.623  -3.504  0.015   1.00 1.58  ? 103 PHE B HE1  1 
ATOM 525  H HE2  . PHE B 2 22 ? 0.076   -2.472  3.823   1.00 1.61  ? 103 PHE B HE2  1 
ATOM 526  H HZ   . PHE B 2 22 ? -1.113  -1.807  1.751   1.00 0.26  ? 103 PHE B HZ   1 
ATOM 527  N N    . HIS B 2 23 ? 0.106   -7.185  5.344   1.00 0.35  ? 104 HIS B N    1 
ATOM 528  C CA   . HIS B 2 23 ? 0.008   -6.706  6.751   1.00 0.38  ? 104 HIS B CA   1 
ATOM 529  C C    . HIS B 2 23 ? 1.217   -5.827  7.069   1.00 0.35  ? 104 HIS B C    1 
ATOM 530  O O    . HIS B 2 23 ? 2.221   -5.865  6.385   1.00 0.38  ? 104 HIS B O    1 
ATOM 531  C CB   . HIS B 2 23 ? -0.013  -7.907  7.697   1.00 0.45  ? 104 HIS B CB   1 
ATOM 532  C CG   . HIS B 2 23 ? -1.252  -8.721  7.450   1.00 1.10  ? 104 HIS B CG   1 
ATOM 533  N ND1  . HIS B 2 23 ? -2.343  -8.685  8.305   1.00 1.90  ? 104 HIS B ND1  1 
ATOM 534  C CD2  . HIS B 2 23 ? -1.588  -9.598  6.449   1.00 2.04  ? 104 HIS B CD2  1 
ATOM 535  C CE1  . HIS B 2 23 ? -3.275  -9.518  7.807   1.00 2.55  ? 104 HIS B CE1  1 
ATOM 536  N NE2  . HIS B 2 23 ? -2.867  -10.101 6.676   1.00 2.66  ? 104 HIS B NE2  1 
ATOM 537  H H    . HIS B 2 23 ? 0.969   -7.484  4.987   1.00 0.37  ? 104 HIS B H    1 
ATOM 538  H HA   . HIS B 2 23 ? -0.899  -6.133  6.874   1.00 0.41  ? 104 HIS B HA   1 
ATOM 539  H HB2  . HIS B 2 23 ? 0.861   -8.518  7.524   1.00 0.94  ? 104 HIS B HB2  1 
ATOM 540  H HB3  . HIS B 2 23 ? -0.010  -7.558  8.720   1.00 0.90  ? 104 HIS B HB3  1 
ATOM 541  H HD1  . HIS B 2 23 ? -2.421  -8.150  9.121   1.00 2.39  ? 104 HIS B HD1  1 
ATOM 542  H HD2  . HIS B 2 23 ? -0.958  -9.858  5.612   1.00 2.65  ? 104 HIS B HD2  1 
ATOM 543  H HE1  . HIS B 2 23 ? -4.236  -9.694  8.266   1.00 3.30  ? 104 HIS B HE1  1 
ATOM 544  N N    . LYS B 2 24 ? 1.135   -5.034  8.102   1.00 0.36  ? 105 LYS B N    1 
ATOM 545  C CA   . LYS B 2 24 ? 2.283   -4.154  8.457   1.00 0.35  ? 105 LYS B CA   1 
ATOM 546  C C    . LYS B 2 24 ? 3.569   -4.985  8.491   1.00 0.31  ? 105 LYS B C    1 
ATOM 547  O O    . LYS B 2 24 ? 3.590   -6.095  8.986   1.00 0.38  ? 105 LYS B O    1 
ATOM 548  C CB   . LYS B 2 24 ? 2.040   -3.523  9.830   1.00 0.41  ? 105 LYS B CB   1 
ATOM 549  C CG   . LYS B 2 24 ? 2.258   -4.567  10.928  1.00 1.26  ? 105 LYS B CG   1 
ATOM 550  C CD   . LYS B 2 24 ? 2.283   -3.876  12.293  1.00 1.68  ? 105 LYS B CD   1 
ATOM 551  C CE   . LYS B 2 24 ? 1.067   -2.959  12.425  1.00 2.46  ? 105 LYS B CE   1 
ATOM 552  N NZ   . LYS B 2 24 ? -0.174  -3.736  12.147  1.00 3.16  ? 105 LYS B NZ   1 
ATOM 553  H H    . LYS B 2 24 ? 0.317   -5.016  8.643   1.00 0.43  ? 105 LYS B H    1 
ATOM 554  H HA   . LYS B 2 24 ? 2.380   -3.376  7.716   1.00 0.37  ? 105 LYS B HA   1 
ATOM 555  H HB2  . LYS B 2 24 ? 2.728   -2.701  9.974   1.00 0.92  ? 105 LYS B HB2  1 
ATOM 556  H HB3  . LYS B 2 24 ? 1.026   -3.155  9.883   1.00 0.93  ? 105 LYS B HB3  1 
ATOM 557  H HG2  . LYS B 2 24 ? 1.454   -5.288  10.903  1.00 1.92  ? 105 LYS B HG2  1 
ATOM 558  H HG3  . LYS B 2 24 ? 3.199   -5.071  10.766  1.00 1.70  ? 105 LYS B HG3  1 
ATOM 559  H HD2  . LYS B 2 24 ? 2.260   -4.622  13.074  1.00 2.02  ? 105 LYS B HD2  1 
ATOM 560  H HD3  . LYS B 2 24 ? 3.185   -3.288  12.383  1.00 2.07  ? 105 LYS B HD3  1 
ATOM 561  H HE2  . LYS B 2 24 ? 1.023   -2.560  13.428  1.00 2.84  ? 105 LYS B HE2  1 
ATOM 562  H HE3  . LYS B 2 24 ? 1.150   -2.147  11.718  1.00 2.87  ? 105 LYS B HE3  1 
ATOM 563  H HZ1  . LYS B 2 24 ? 0.061   -4.747  12.073  1.00 3.44  ? 105 LYS B HZ1  1 
ATOM 564  H HZ2  . LYS B 2 24 ? -0.854  -3.594  12.920  1.00 3.58  ? 105 LYS B HZ2  1 
ATOM 565  H HZ3  . LYS B 2 24 ? -0.595  -3.410  11.254  1.00 3.48  ? 105 LYS B HZ3  1 
ATOM 566  N N    . GLY B 2 25 ? 4.641   -4.457  7.968   1.00 0.29  ? 106 GLY B N    1 
ATOM 567  C CA   . GLY B 2 25 ? 5.924   -5.216  7.972   1.00 0.30  ? 106 GLY B CA   1 
ATOM 568  C C    . GLY B 2 25 ? 6.158   -5.839  6.593   1.00 0.29  ? 106 GLY B C    1 
ATOM 569  O O    . GLY B 2 25 ? 7.189   -6.428  6.336   1.00 0.33  ? 106 GLY B O    1 
ATOM 570  H H    . GLY B 2 25 ? 4.604   -3.561  7.573   1.00 0.35  ? 106 GLY B H    1 
ATOM 571  H HA2  . GLY B 2 25 ? 6.738   -4.545  8.208   1.00 0.32  ? 106 GLY B HA2  1 
ATOM 572  H HA3  . GLY B 2 25 ? 5.877   -5.999  8.712   1.00 0.32  ? 106 GLY B HA3  1 
ATOM 573  N N    . GLU B 2 26 ? 5.210   -5.715  5.705   1.00 0.29  ? 107 GLU B N    1 
ATOM 574  C CA   . GLU B 2 26 ? 5.381   -6.302  4.346   1.00 0.31  ? 107 GLU B CA   1 
ATOM 575  C C    . GLU B 2 26 ? 6.130   -5.310  3.452   1.00 0.29  ? 107 GLU B C    1 
ATOM 576  O O    . GLU B 2 26 ? 5.778   -4.151  3.363   1.00 0.38  ? 107 GLU B O    1 
ATOM 577  C CB   . GLU B 2 26 ? 4.007   -6.600  3.741   1.00 0.36  ? 107 GLU B CB   1 
ATOM 578  C CG   . GLU B 2 26 ? 4.182   -7.292  2.387   1.00 0.81  ? 107 GLU B CG   1 
ATOM 579  C CD   . GLU B 2 26 ? 3.942   -8.794  2.545   1.00 1.27  ? 107 GLU B CD   1 
ATOM 580  O OE1  . GLU B 2 26 ? 4.009   -9.271  3.666   1.00 2.04  ? 107 GLU B OE1  1 
ATOM 581  O OE2  . GLU B 2 26 ? 3.696   -9.443  1.542   1.00 1.93  ? 107 GLU B OE2  1 
ATOM 582  H H    . GLU B 2 26 ? 4.385   -5.236  5.931   1.00 0.32  ? 107 GLU B H    1 
ATOM 583  H HA   . GLU B 2 26 ? 5.949   -7.217  4.420   1.00 0.34  ? 107 GLU B HA   1 
ATOM 584  H HB2  . GLU B 2 26 ? 3.455   -7.248  4.408   1.00 0.59  ? 107 GLU B HB2  1 
ATOM 585  H HB3  . GLU B 2 26 ? 3.466   -5.677  3.604   1.00 0.65  ? 107 GLU B HB3  1 
ATOM 586  H HG2  . GLU B 2 26 ? 3.472   -6.885  1.682   1.00 1.52  ? 107 GLU B HG2  1 
ATOM 587  H HG3  . GLU B 2 26 ? 5.186   -7.125  2.025   1.00 1.57  ? 107 GLU B HG3  1 
ATOM 588  N N    . LYS B 2 27 ? 7.160   -5.758  2.787   1.00 0.31  ? 108 LYS B N    1 
ATOM 589  C CA   . LYS B 2 27 ? 7.931   -4.842  1.900   1.00 0.31  ? 108 LYS B CA   1 
ATOM 590  C C    . LYS B 2 27 ? 7.150   -4.609  0.606   1.00 0.28  ? 108 LYS B C    1 
ATOM 591  O O    . LYS B 2 27 ? 6.345   -5.423  0.199   1.00 0.38  ? 108 LYS B O    1 
ATOM 592  C CB   . LYS B 2 27 ? 9.287   -5.471  1.571   1.00 0.37  ? 108 LYS B CB   1 
ATOM 593  C CG   . LYS B 2 27 ? 9.915   -6.026  2.852   1.00 0.70  ? 108 LYS B CG   1 
ATOM 594  C CD   . LYS B 2 27 ? 10.096  -4.894  3.864   1.00 0.83  ? 108 LYS B CD   1 
ATOM 595  C CE   . LYS B 2 27 ? 11.230  -5.245  4.829   1.00 1.34  ? 108 LYS B CE   1 
ATOM 596  N NZ   . LYS B 2 27 ? 11.188  -6.703  5.136   1.00 2.23  ? 108 LYS B NZ   1 
ATOM 597  H H    . LYS B 2 27 ? 7.428   -6.697  2.873   1.00 0.41  ? 108 LYS B H    1 
ATOM 598  H HA   . LYS B 2 27 ? 8.085   -3.899  2.402   1.00 0.33  ? 108 LYS B HA   1 
ATOM 599  H HB2  . LYS B 2 27 ? 9.149   -6.273  0.860   1.00 0.69  ? 108 LYS B HB2  1 
ATOM 600  H HB3  . LYS B 2 27 ? 9.939   -4.722  1.149   1.00 0.69  ? 108 LYS B HB3  1 
ATOM 601  H HG2  . LYS B 2 27 ? 9.270   -6.785  3.270   1.00 1.47  ? 108 LYS B HG2  1 
ATOM 602  H HG3  . LYS B 2 27 ? 10.878  -6.459  2.622   1.00 1.41  ? 108 LYS B HG3  1 
ATOM 603  H HD2  . LYS B 2 27 ? 10.338  -3.979  3.340   1.00 1.16  ? 108 LYS B HD2  1 
ATOM 604  H HD3  . LYS B 2 27 ? 9.181   -4.759  4.420   1.00 1.34  ? 108 LYS B HD3  1 
ATOM 605  H HE2  . LYS B 2 27 ? 12.179  -5.001  4.374   1.00 1.80  ? 108 LYS B HE2  1 
ATOM 606  H HE3  . LYS B 2 27 ? 11.113  -4.680  5.743   1.00 1.68  ? 108 LYS B HE3  1 
ATOM 607  H HZ1  . LYS B 2 27 ? 10.216  -7.054  5.016   1.00 2.56  ? 108 LYS B HZ1  1 
ATOM 608  H HZ2  . LYS B 2 27 ? 11.824  -7.213  4.490   1.00 2.73  ? 108 LYS B HZ2  1 
ATOM 609  H HZ3  . LYS B 2 27 ? 11.496  -6.860  6.116   1.00 2.74  ? 108 LYS B HZ3  1 
ATOM 610  N N    . PHE B 2 28 ? 7.380   -3.502  -0.046  1.00 0.24  ? 109 PHE B N    1 
ATOM 611  C CA   . PHE B 2 28 ? 6.650   -3.219  -1.313  1.00 0.22  ? 109 PHE B CA   1 
ATOM 612  C C    . PHE B 2 28 ? 7.544   -2.399  -2.245  1.00 0.24  ? 109 PHE B C    1 
ATOM 613  O O    . PHE B 2 28 ? 8.304   -1.557  -1.810  1.00 0.34  ? 109 PHE B O    1 
ATOM 614  C CB   . PHE B 2 28 ? 5.377   -2.427  -1.004  1.00 0.24  ? 109 PHE B CB   1 
ATOM 615  C CG   . PHE B 2 28 ? 4.286   -3.377  -0.569  1.00 0.20  ? 109 PHE B CG   1 
ATOM 616  C CD1  . PHE B 2 28 ? 3.858   -4.395  -1.430  1.00 1.12  ? 109 PHE B CD1  1 
ATOM 617  C CD2  . PHE B 2 28 ? 3.699   -3.236  0.695   1.00 1.14  ? 109 PHE B CD2  1 
ATOM 618  C CE1  . PHE B 2 28 ? 2.845   -5.273  -1.026  1.00 1.12  ? 109 PHE B CE1  1 
ATOM 619  C CE2  . PHE B 2 28 ? 2.686   -4.115  1.098   1.00 1.14  ? 109 PHE B CE2  1 
ATOM 620  C CZ   . PHE B 2 28 ? 2.259   -5.132  0.238   1.00 0.22  ? 109 PHE B CZ   1 
ATOM 621  H H    . PHE B 2 28 ? 8.033   -2.858  0.298   1.00 0.31  ? 109 PHE B H    1 
ATOM 622  H HA   . PHE B 2 28 ? 6.387   -4.150  -1.794  1.00 0.23  ? 109 PHE B HA   1 
ATOM 623  H HB2  . PHE B 2 28 ? 5.577   -1.721  -0.212  1.00 0.28  ? 109 PHE B HB2  1 
ATOM 624  H HB3  . PHE B 2 28 ? 5.059   -1.897  -1.888  1.00 0.28  ? 109 PHE B HB3  1 
ATOM 625  H HD1  . PHE B 2 28 ? 4.311   -4.503  -2.405  1.00 1.97  ? 109 PHE B HD1  1 
ATOM 626  H HD2  . PHE B 2 28 ? 4.028   -2.451  1.359   1.00 1.99  ? 109 PHE B HD2  1 
ATOM 627  H HE1  . PHE B 2 28 ? 2.516   -6.059  -1.691  1.00 1.97  ? 109 PHE B HE1  1 
ATOM 628  H HE2  . PHE B 2 28 ? 2.233   -4.007  2.073   1.00 1.99  ? 109 PHE B HE2  1 
ATOM 629  H HZ   . PHE B 2 28 ? 1.478   -5.810  0.548   1.00 0.25  ? 109 PHE B HZ   1 
ATOM 630  N N    . GLN B 2 29 ? 7.461   -2.640  -3.525  1.00 0.24  ? 110 GLN B N    1 
ATOM 631  C CA   . GLN B 2 29 ? 8.307   -1.874  -4.484  1.00 0.28  ? 110 GLN B CA   1 
ATOM 632  C C    . GLN B 2 29 ? 7.438   -0.857  -5.230  1.00 0.25  ? 110 GLN B C    1 
ATOM 633  O O    . GLN B 2 29 ? 6.782   -1.180  -6.200  1.00 0.27  ? 110 GLN B O    1 
ATOM 634  C CB   . GLN B 2 29 ? 8.939   -2.840  -5.488  1.00 0.33  ? 110 GLN B CB   1 
ATOM 635  C CG   . GLN B 2 29 ? 10.071  -3.613  -4.811  1.00 0.78  ? 110 GLN B CG   1 
ATOM 636  C CD   . GLN B 2 29 ? 11.389  -3.324  -5.530  1.00 1.04  ? 110 GLN B CD   1 
ATOM 637  O OE1  . GLN B 2 29 ? 11.662  -3.886  -6.572  1.00 1.68  ? 110 GLN B OE1  1 
ATOM 638  N NE2  . GLN B 2 29 ? 12.224  -2.462  -5.016  1.00 1.56  ? 110 GLN B NE2  1 
ATOM 639  H H    . GLN B 2 29 ? 6.842   -3.323  -3.856  1.00 0.30  ? 110 GLN B H    1 
ATOM 640  H HA   . GLN B 2 29 ? 9.084   -1.355  -3.944  1.00 0.32  ? 110 GLN B HA   1 
ATOM 641  H HB2  . GLN B 2 29 ? 8.189   -3.533  -5.841  1.00 0.62  ? 110 GLN B HB2  1 
ATOM 642  H HB3  . GLN B 2 29 ? 9.336   -2.282  -6.323  1.00 0.58  ? 110 GLN B HB3  1 
ATOM 643  H HG2  . GLN B 2 29 ? 10.150  -3.306  -3.777  1.00 1.09  ? 110 GLN B HG2  1 
ATOM 644  H HG3  . GLN B 2 29 ? 9.864   -4.671  -4.857  1.00 1.14  ? 110 GLN B HG3  1 
ATOM 645  H HE21 . GLN B 2 29 ? 12.004  -2.010  -4.175  1.00 2.14  ? 110 GLN B HE21 1 
ATOM 646  H HE22 . GLN B 2 29 ? 13.072  -2.270  -5.469  1.00 1.78  ? 110 GLN B HE22 1 
ATOM 647  N N    . ILE B 2 30 ? 7.429   0.370   -4.784  1.00 0.30  ? 111 ILE B N    1 
ATOM 648  C CA   . ILE B 2 30 ? 6.603   1.404   -5.467  1.00 0.31  ? 111 ILE B CA   1 
ATOM 649  C C    . ILE B 2 30 ? 7.189   1.697   -6.849  1.00 0.32  ? 111 ILE B C    1 
ATOM 650  O O    . ILE B 2 30 ? 8.251   2.274   -6.975  1.00 0.42  ? 111 ILE B O    1 
ATOM 651  C CB   . ILE B 2 30 ? 6.597   2.686   -4.633  1.00 0.37  ? 111 ILE B CB   1 
ATOM 652  C CG1  . ILE B 2 30 ? 5.961   2.402   -3.272  1.00 0.36  ? 111 ILE B CG1  1 
ATOM 653  C CG2  . ILE B 2 30 ? 5.787   3.763   -5.357  1.00 0.42  ? 111 ILE B CG2  1 
ATOM 654  C CD1  . ILE B 2 30 ? 4.608   1.716   -3.475  1.00 0.37  ? 111 ILE B CD1  1 
ATOM 655  H H    . ILE B 2 30 ? 7.964   0.610   -4.000  1.00 0.36  ? 111 ILE B H    1 
ATOM 656  H HA   . ILE B 2 30 ? 5.591   1.042   -5.576  1.00 0.29  ? 111 ILE B HA   1 
ATOM 657  H HB   . ILE B 2 30 ? 7.612   3.031   -4.495  1.00 0.45  ? 111 ILE B HB   1 
ATOM 658  H HG12 . ILE B 2 30 ? 6.610   1.758   -2.698  1.00 0.38  ? 111 ILE B HG12 1 
ATOM 659  H HG13 . ILE B 2 30 ? 5.815   3.332   -2.741  1.00 0.43  ? 111 ILE B HG13 1 
ATOM 660  H HG21 . ILE B 2 30 ? 5.246   3.316   -6.178  1.00 1.06  ? 111 ILE B HG21 1 
ATOM 661  H HG22 . ILE B 2 30 ? 5.088   4.212   -4.668  1.00 1.11  ? 111 ILE B HG22 1 
ATOM 662  H HG23 . ILE B 2 30 ? 6.455   4.522   -5.738  1.00 1.12  ? 111 ILE B HG23 1 
ATOM 663  H HD11 . ILE B 2 30 ? 4.000   2.311   -4.140  1.00 1.13  ? 111 ILE B HD11 1 
ATOM 664  H HD12 . ILE B 2 30 ? 4.763   0.739   -3.906  1.00 1.01  ? 111 ILE B HD12 1 
ATOM 665  H HD13 . ILE B 2 30 ? 4.108   1.616   -2.523  1.00 1.07  ? 111 ILE B HD13 1 
ATOM 666  N N    . LEU B 2 31 ? 6.503   1.304   -7.889  1.00 0.32  ? 112 LEU B N    1 
ATOM 667  C CA   . LEU B 2 31 ? 7.020   1.563   -9.262  1.00 0.36  ? 112 LEU B CA   1 
ATOM 668  C C    . LEU B 2 31 ? 6.467   2.896   -9.766  1.00 0.40  ? 112 LEU B C    1 
ATOM 669  O O    . LEU B 2 31 ? 7.172   3.693   -10.350 1.00 0.54  ? 112 LEU B O    1 
ATOM 670  C CB   . LEU B 2 31 ? 6.573   0.439   -10.200 1.00 0.38  ? 112 LEU B CB   1 
ATOM 671  C CG   . LEU B 2 31 ? 6.520   -0.882  -9.429  1.00 0.50  ? 112 LEU B CG   1 
ATOM 672  C CD1  . LEU B 2 31 ? 5.983   -1.984  -10.344 1.00 0.72  ? 112 LEU B CD1  1 
ATOM 673  C CD2  . LEU B 2 31 ? 7.927   -1.254  -8.958  1.00 0.76  ? 112 LEU B CD2  1 
ATOM 674  H H    . LEU B 2 31 ? 5.647   0.843   -7.766  1.00 0.38  ? 112 LEU B H    1 
ATOM 675  H HA   . LEU B 2 31 ? 8.098   1.607   -9.239  1.00 0.41  ? 112 LEU B HA   1 
ATOM 676  H HB2  . LEU B 2 31 ? 5.592   0.667   -10.591 1.00 0.67  ? 112 LEU B HB2  1 
ATOM 677  H HB3  . LEU B 2 31 ? 7.274   0.349   -11.015 1.00 0.58  ? 112 LEU B HB3  1 
ATOM 678  H HG   . LEU B 2 31 ? 5.867   -0.776  -8.576  1.00 0.67  ? 112 LEU B HG   1 
ATOM 679  H HD11 . LEU B 2 31 ? 6.446   -1.902  -11.317 1.00 1.37  ? 112 LEU B HD11 1 
ATOM 680  H HD12 . LEU B 2 31 ? 6.211   -2.949  -9.917  1.00 1.27  ? 112 LEU B HD12 1 
ATOM 681  H HD13 . LEU B 2 31 ? 4.913   -1.878  -10.445 1.00 1.17  ? 112 LEU B HD13 1 
ATOM 682  H HD21 . LEU B 2 31 ? 8.566   -0.385  -9.006  1.00 1.30  ? 112 LEU B HD21 1 
ATOM 683  H HD22 . LEU B 2 31 ? 7.883   -1.611  -7.939  1.00 1.32  ? 112 LEU B HD22 1 
ATOM 684  H HD23 . LEU B 2 31 ? 8.328   -2.030  -9.594  1.00 1.37  ? 112 LEU B HD23 1 
ATOM 685  N N    . ASN B 2 32 ? 5.207   3.141   -9.542  1.00 0.38  ? 113 ASN B N    1 
ATOM 686  C CA   . ASN B 2 32 ? 4.602   4.421   -10.004 1.00 0.48  ? 113 ASN B CA   1 
ATOM 687  C C    . ASN B 2 32 ? 3.796   5.045   -8.862  1.00 0.48  ? 113 ASN B C    1 
ATOM 688  O O    . ASN B 2 32 ? 2.885   4.441   -8.331  1.00 0.58  ? 113 ASN B O    1 
ATOM 689  C CB   . ASN B 2 32 ? 3.677   4.149   -11.193 1.00 0.57  ? 113 ASN B CB   1 
ATOM 690  C CG   . ASN B 2 32 ? 3.896   5.219   -12.263 1.00 1.05  ? 113 ASN B CG   1 
ATOM 691  O OD1  . ASN B 2 32 ? 4.492   4.957   -13.290 1.00 1.87  ? 113 ASN B OD1  1 
ATOM 692  N ND2  . ASN B 2 32 ? 3.434   6.425   -12.068 1.00 1.55  ? 113 ASN B ND2  1 
ATOM 693  H H    . ASN B 2 32 ? 4.658   2.482   -9.068  1.00 0.39  ? 113 ASN B H    1 
ATOM 694  H HA   . ASN B 2 32 ? 5.384   5.102   -10.306 1.00 0.53  ? 113 ASN B HA   1 
ATOM 695  H HB2  . ASN B 2 32 ? 3.898   3.175   -11.605 1.00 0.79  ? 113 ASN B HB2  1 
ATOM 696  H HB3  . ASN B 2 32 ? 2.650   4.176   -10.864 1.00 0.87  ? 113 ASN B HB3  1 
ATOM 697  H HD21 . ASN B 2 32 ? 2.952   6.636   -11.240 1.00 2.02  ? 113 ASN B HD21 1 
ATOM 698  H HD22 . ASN B 2 32 ? 3.569   7.117   -12.747 1.00 1.94  ? 113 ASN B HD22 1 
ATOM 699  N N    . SER B 2 33 ? 4.123   6.249   -8.479  1.00 0.54  ? 114 SER B N    1 
ATOM 700  C CA   . SER B 2 33 ? 3.376   6.906   -7.370  1.00 0.59  ? 114 SER B CA   1 
ATOM 701  C C    . SER B 2 33 ? 3.071   8.358   -7.748  1.00 0.77  ? 114 SER B C    1 
ATOM 702  O O    . SER B 2 33 ? 3.371   9.277   -7.012  1.00 1.26  ? 114 SER B O    1 
ATOM 703  C CB   . SER B 2 33 ? 4.225   6.879   -6.097  1.00 0.65  ? 114 SER B CB   1 
ATOM 704  O OG   . SER B 2 33 ? 5.568   7.216   -6.422  1.00 1.08  ? 114 SER B OG   1 
ATOM 705  H H    . SER B 2 33 ? 4.862   6.719   -8.919  1.00 0.64  ? 114 SER B H    1 
ATOM 706  H HA   . SER B 2 33 ? 2.451   6.378   -7.196  1.00 0.58  ? 114 SER B HA   1 
ATOM 707  H HB2  . SER B 2 33 ? 3.841   7.595   -5.391  1.00 0.95  ? 114 SER B HB2  1 
ATOM 708  H HB3  . SER B 2 33 ? 4.187   5.889   -5.662  1.00 0.94  ? 114 SER B HB3  1 
ATOM 709  H HG   . SER B 2 33 ? 5.923   7.744   -5.704  1.00 1.50  ? 114 SER B HG   1 
ATOM 710  N N    . SER B 2 34 ? 2.476   8.573   -8.889  1.00 0.78  ? 115 SER B N    1 
ATOM 711  C CA   . SER B 2 34 ? 2.152   9.965   -9.312  1.00 0.96  ? 115 SER B CA   1 
ATOM 712  C C    . SER B 2 34 ? 0.643   10.093  -9.526  1.00 1.17  ? 115 SER B C    1 
ATOM 713  O O    . SER B 2 34 ? 0.065   11.145  -9.338  1.00 1.74  ? 115 SER B O    1 
ATOM 714  C CB   . SER B 2 34 ? 2.878   10.286  -10.618 1.00 1.20  ? 115 SER B CB   1 
ATOM 715  O OG   . SER B 2 34 ? 2.330   9.497   -11.667 1.00 1.84  ? 115 SER B OG   1 
ATOM 716  H H    . SER B 2 34 ? 2.242   7.817   -9.469  1.00 1.01  ? 115 SER B H    1 
ATOM 717  H HA   . SER B 2 34 ? 2.467   10.657  -8.544  1.00 1.11  ? 115 SER B HA   1 
ATOM 718  H HB2  . SER B 2 34 ? 2.751   11.329  -10.856 1.00 1.66  ? 115 SER B HB2  1 
ATOM 719  H HB3  . SER B 2 34 ? 3.932   10.070  -10.505 1.00 1.50  ? 115 SER B HB3  1 
ATOM 720  H HG   . SER B 2 34 ? 2.346   8.579   -11.386 1.00 2.18  ? 115 SER B HG   1 
ATOM 721  N N    . GLU B 2 35 ? 0.002   9.027   -9.918  1.00 1.15  ? 116 GLU B N    1 
ATOM 722  C CA   . GLU B 2 35 ? -1.469  9.077   -10.146 1.00 1.56  ? 116 GLU B CA   1 
ATOM 723  C C    . GLU B 2 35 ? -2.169  9.536   -8.866  1.00 1.47  ? 116 GLU B C    1 
ATOM 724  O O    . GLU B 2 35 ? -1.604  10.240  -8.054  1.00 2.14  ? 116 GLU B O    1 
ATOM 725  C CB   . GLU B 2 35 ? -1.965  7.683   -10.538 1.00 2.31  ? 116 GLU B CB   1 
ATOM 726  C CG   . GLU B 2 35 ? -1.565  6.676   -9.459  1.00 2.76  ? 116 GLU B CG   1 
ATOM 727  C CD   . GLU B 2 35 ? -2.315  5.362   -9.686  1.00 3.49  ? 116 GLU B CD   1 
ATOM 728  O OE1  . GLU B 2 35 ? -3.247  5.363   -10.471 1.00 4.10  ? 116 GLU B OE1  1 
ATOM 729  O OE2  . GLU B 2 35 ? -1.943  4.376   -9.070  1.00 3.85  ? 116 GLU B OE2  1 
ATOM 730  H H    . GLU B 2 35 ? 0.491   8.189   -10.063 1.00 1.23  ? 116 GLU B H    1 
ATOM 731  H HA   . GLU B 2 35 ? -1.689  9.772   -10.941 1.00 1.80  ? 116 GLU B HA   1 
ATOM 732  H HB2  . GLU B 2 35 ? -3.041  7.698   -10.639 1.00 2.59  ? 116 GLU B HB2  1 
ATOM 733  H HB3  . GLU B 2 35 ? -1.520  7.396   -11.478 1.00 2.94  ? 116 GLU B HB3  1 
ATOM 734  H HG2  . GLU B 2 35 ? -0.500  6.498   -9.510  1.00 3.07  ? 116 GLU B HG2  1 
ATOM 735  H HG3  . GLU B 2 35 ? -1.818  7.070   -8.486  1.00 2.95  ? 116 GLU B HG3  1 
ATOM 736  N N    . GLY B 2 36 ? -3.400  9.148   -8.687  1.00 1.31  ? 117 GLY B N    1 
ATOM 737  C CA   . GLY B 2 36 ? -4.150  9.562   -7.465  1.00 1.62  ? 117 GLY B CA   1 
ATOM 738  C C    . GLY B 2 36 ? -3.335  9.225   -6.213  1.00 1.27  ? 117 GLY B C    1 
ATOM 739  O O    . GLY B 2 36 ? -2.141  9.012   -6.270  1.00 1.75  ? 117 GLY B O    1 
ATOM 740  H H    . GLY B 2 36 ? -3.837  8.590   -9.362  1.00 1.57  ? 117 GLY B H    1 
ATOM 741  H HA2  . GLY B 2 36 ? -4.331  10.627  -7.502  1.00 1.94  ? 117 GLY B HA2  1 
ATOM 742  H HA3  . GLY B 2 36 ? -5.093  9.039   -7.428  1.00 2.19  ? 117 GLY B HA3  1 
ATOM 743  N N    . ASP B 2 37 ? -3.978  9.179   -5.077  1.00 0.82  ? 118 ASP B N    1 
ATOM 744  C CA   . ASP B 2 37 ? -3.247  8.862   -3.816  1.00 0.64  ? 118 ASP B CA   1 
ATOM 745  C C    . ASP B 2 37 ? -2.905  7.370   -3.769  1.00 0.52  ? 118 ASP B C    1 
ATOM 746  O O    . ASP B 2 37 ? -2.344  6.886   -2.806  1.00 0.75  ? 118 ASP B O    1 
ATOM 747  C CB   . ASP B 2 37 ? -4.129  9.216   -2.618  1.00 0.71  ? 118 ASP B CB   1 
ATOM 748  C CG   . ASP B 2 37 ? -4.545  10.685  -2.708  1.00 1.11  ? 118 ASP B CG   1 
ATOM 749  O OD1  . ASP B 2 37 ? -4.702  11.169  -3.816  1.00 1.62  ? 118 ASP B OD1  1 
ATOM 750  O OD2  . ASP B 2 37 ? -4.703  11.300  -1.666  1.00 1.74  ? 118 ASP B OD2  1 
ATOM 751  H H    . ASP B 2 37 ? -4.940  9.356   -5.052  1.00 1.07  ? 118 ASP B H    1 
ATOM 752  H HA   . ASP B 2 37 ? -2.336  9.441   -3.774  1.00 0.89  ? 118 ASP B HA   1 
ATOM 753  H HB2  . ASP B 2 37 ? -5.011  8.590   -2.624  1.00 0.92  ? 118 ASP B HB2  1 
ATOM 754  H HB3  . ASP B 2 37 ? -3.579  9.055   -1.704  1.00 0.84  ? 118 ASP B HB3  1 
ATOM 755  N N    . TRP B 2 38 ? -3.240  6.636   -4.794  1.00 0.41  ? 119 TRP B N    1 
ATOM 756  C CA   . TRP B 2 38 ? -2.933  5.178   -4.792  1.00 0.31  ? 119 TRP B CA   1 
ATOM 757  C C    . TRP B 2 38 ? -1.788  4.892   -5.765  1.00 0.31  ? 119 TRP B C    1 
ATOM 758  O O    . TRP B 2 38 ? -1.832  5.270   -6.919  1.00 0.38  ? 119 TRP B O    1 
ATOM 759  C CB   . TRP B 2 38 ? -4.175  4.396   -5.219  1.00 0.38  ? 119 TRP B CB   1 
ATOM 760  C CG   . TRP B 2 38 ? -5.127  4.313   -4.070  1.00 0.36  ? 119 TRP B CG   1 
ATOM 761  C CD1  . TRP B 2 38 ? -5.707  5.374   -3.466  1.00 0.40  ? 119 TRP B CD1  1 
ATOM 762  C CD2  . TRP B 2 38 ? -5.617  3.129   -3.378  1.00 0.37  ? 119 TRP B CD2  1 
ATOM 763  N NE1  . TRP B 2 38 ? -6.522  4.917   -2.446  1.00 0.42  ? 119 TRP B NE1  1 
ATOM 764  C CE2  . TRP B 2 38 ? -6.500  3.541   -2.352  1.00 0.40  ? 119 TRP B CE2  1 
ATOM 765  C CE3  . TRP B 2 38 ? -5.382  1.751   -3.538  1.00 0.43  ? 119 TRP B CE3  1 
ATOM 766  C CZ2  . TRP B 2 38 ? -7.129  2.619   -1.515  1.00 0.44  ? 119 TRP B CZ2  1 
ATOM 767  C CZ3  . TRP B 2 38 ? -6.014  0.820   -2.697  1.00 0.48  ? 119 TRP B CZ3  1 
ATOM 768  C CH2  . TRP B 2 38 ? -6.886  1.254   -1.687  1.00 0.48  ? 119 TRP B CH2  1 
ATOM 769  H H    . TRP B 2 38 ? -3.696  7.041   -5.560  1.00 0.60  ? 119 TRP B H    1 
ATOM 770  H HA   . TRP B 2 38 ? -2.642  4.874   -3.797  1.00 0.30  ? 119 TRP B HA   1 
ATOM 771  H HB2  . TRP B 2 38 ? -4.652  4.900   -6.047  1.00 0.47  ? 119 TRP B HB2  1 
ATOM 772  H HB3  . TRP B 2 38 ? -3.888  3.399   -5.521  1.00 0.43  ? 119 TRP B HB3  1 
ATOM 773  H HD1  . TRP B 2 38 ? -5.558  6.409   -3.735  1.00 0.45  ? 119 TRP B HD1  1 
ATOM 774  H HE1  . TRP B 2 38 ? -7.058  5.485   -1.854  1.00 0.48  ? 119 TRP B HE1  1 
ATOM 775  H HE3  . TRP B 2 38 ? -4.712  1.407   -4.312  1.00 0.46  ? 119 TRP B HE3  1 
ATOM 776  H HZ2  . TRP B 2 38 ? -7.799  2.959   -0.739  1.00 0.48  ? 119 TRP B HZ2  1 
ATOM 777  H HZ3  . TRP B 2 38 ? -5.827  -0.235  -2.827  1.00 0.56  ? 119 TRP B HZ3  1 
ATOM 778  H HH2  . TRP B 2 38 ? -7.368  0.533   -1.044  1.00 0.53  ? 119 TRP B HH2  1 
ATOM 779  N N    . TRP B 2 39 ? -0.763  4.224   -5.309  1.00 0.28  ? 120 TRP B N    1 
ATOM 780  C CA   . TRP B 2 39 ? 0.383   3.911   -6.209  1.00 0.31  ? 120 TRP B CA   1 
ATOM 781  C C    . TRP B 2 39 ? 0.396   2.412   -6.512  1.00 0.27  ? 120 TRP B C    1 
ATOM 782  O O    . TRP B 2 39 ? -0.309  1.638   -5.897  1.00 0.31  ? 120 TRP B O    1 
ATOM 783  C CB   . TRP B 2 39 ? 1.696   4.297   -5.524  1.00 0.36  ? 120 TRP B CB   1 
ATOM 784  C CG   . TRP B 2 39 ? 1.585   5.676   -4.959  1.00 0.36  ? 120 TRP B CG   1 
ATOM 785  C CD1  . TRP B 2 39 ? 0.662   6.595   -5.322  1.00 0.39  ? 120 TRP B CD1  1 
ATOM 786  C CD2  . TRP B 2 39 ? 2.411   6.307   -3.936  1.00 0.39  ? 120 TRP B CD2  1 
ATOM 787  N NE1  . TRP B 2 39 ? 0.868   7.750   -4.589  1.00 0.47  ? 120 TRP B NE1  1 
ATOM 788  C CE2  . TRP B 2 39 ? 1.935   7.621   -3.721  1.00 0.46  ? 120 TRP B CE2  1 
ATOM 789  C CE3  . TRP B 2 39 ? 3.515   5.868   -3.183  1.00 0.41  ? 120 TRP B CE3  1 
ATOM 790  C CZ2  . TRP B 2 39 ? 2.534   8.472   -2.792  1.00 0.53  ? 120 TRP B CZ2  1 
ATOM 791  C CZ3  . TRP B 2 39 ? 4.121   6.722   -2.247  1.00 0.46  ? 120 TRP B CZ3  1 
ATOM 792  C CH2  . TRP B 2 39 ? 3.631   8.021   -2.052  1.00 0.52  ? 120 TRP B CH2  1 
ATOM 793  H H    . TRP B 2 39 ? -0.748  3.926   -4.376  1.00 0.28  ? 120 TRP B H    1 
ATOM 794  H HA   . TRP B 2 39 ? 0.280   4.465   -7.131  1.00 0.36  ? 120 TRP B HA   1 
ATOM 795  H HB2  . TRP B 2 39 ? 1.904   3.598   -4.728  1.00 0.40  ? 120 TRP B HB2  1 
ATOM 796  H HB3  . TRP B 2 39 ? 2.499   4.269   -6.247  1.00 0.45  ? 120 TRP B HB3  1 
ATOM 797  H HD1  . TRP B 2 39 ? -0.109  6.453   -6.064  1.00 0.40  ? 120 TRP B HD1  1 
ATOM 798  H HE1  . TRP B 2 39 ? 0.335   8.569   -4.662  1.00 0.53  ? 120 TRP B HE1  1 
ATOM 799  H HE3  . TRP B 2 39 ? 3.900   4.869   -3.327  1.00 0.41  ? 120 TRP B HE3  1 
ATOM 800  H HZ2  . TRP B 2 39 ? 2.154   9.472   -2.646  1.00 0.62  ? 120 TRP B HZ2  1 
ATOM 801  H HZ3  . TRP B 2 39 ? 4.968   6.376   -1.675  1.00 0.49  ? 120 TRP B HZ3  1 
ATOM 802  H HH2  . TRP B 2 39 ? 4.102   8.674   -1.330  1.00 0.59  ? 120 TRP B HH2  1 
ATOM 803  N N    . GLU B 2 40 ? 1.198   1.996   -7.453  1.00 0.30  ? 121 GLU B N    1 
ATOM 804  C CA   . GLU B 2 40 ? 1.261   0.546   -7.792  1.00 0.28  ? 121 GLU B CA   1 
ATOM 805  C C    . GLU B 2 40 ? 2.546   -0.050  -7.215  1.00 0.24  ? 121 GLU B C    1 
ATOM 806  O O    . GLU B 2 40 ? 3.636   0.253   -7.658  1.00 0.30  ? 121 GLU B O    1 
ATOM 807  C CB   . GLU B 2 40 ? 1.253   0.373   -9.311  1.00 0.36  ? 121 GLU B CB   1 
ATOM 808  C CG   . GLU B 2 40 ? 1.977   1.551   -9.966  1.00 1.09  ? 121 GLU B CG   1 
ATOM 809  C CD   . GLU B 2 40 ? 2.089   1.308   -11.471 1.00 1.19  ? 121 GLU B CD   1 
ATOM 810  O OE1  . GLU B 2 40 ? 2.963   0.554   -11.867 1.00 1.73  ? 121 GLU B OE1  1 
ATOM 811  O OE2  . GLU B 2 40 ? 1.299   1.880   -12.205 1.00 1.56  ? 121 GLU B OE2  1 
ATOM 812  H H    . GLU B 2 40 ? 1.762   2.637   -7.935  1.00 0.38  ? 121 GLU B H    1 
ATOM 813  H HA   . GLU B 2 40 ? 0.406   0.040   -7.366  1.00 0.27  ? 121 GLU B HA   1 
ATOM 814  H HB2  . GLU B 2 40 ? 1.756   -0.548  -9.571  1.00 0.94  ? 121 GLU B HB2  1 
ATOM 815  H HB3  . GLU B 2 40 ? 0.234   0.338   -9.665  1.00 0.87  ? 121 GLU B HB3  1 
ATOM 816  H HG2  . GLU B 2 40 ? 1.419   2.459   -9.787  1.00 1.59  ? 121 GLU B HG2  1 
ATOM 817  H HG3  . GLU B 2 40 ? 2.966   1.647   -9.544  1.00 1.62  ? 121 GLU B HG3  1 
ATOM 818  N N    . ALA B 2 41 ? 2.430   -0.895  -6.227  1.00 0.23  ? 122 ALA B N    1 
ATOM 819  C CA   . ALA B 2 41 ? 3.646   -1.505  -5.623  1.00 0.27  ? 122 ALA B CA   1 
ATOM 820  C C    . ALA B 2 41 ? 3.728   -2.982  -6.013  1.00 0.26  ? 122 ALA B C    1 
ATOM 821  O O    . ALA B 2 41 ? 2.741   -3.597  -6.367  1.00 0.33  ? 122 ALA B O    1 
ATOM 822  C CB   . ALA B 2 41 ? 3.575   -1.383  -4.100  1.00 0.33  ? 122 ALA B CB   1 
ATOM 823  H H    . ALA B 2 41 ? 1.542   -1.125  -5.881  1.00 0.28  ? 122 ALA B H    1 
ATOM 824  H HA   . ALA B 2 41 ? 4.524   -0.989  -5.984  1.00 0.33  ? 122 ALA B HA   1 
ATOM 825  H HB1  . ALA B 2 41 ? 2.986   -0.517  -3.834  1.00 1.12  ? 122 ALA B HB1  1 
ATOM 826  H HB2  . ALA B 2 41 ? 3.116   -2.270  -3.688  1.00 1.02  ? 122 ALA B HB2  1 
ATOM 827  H HB3  . ALA B 2 41 ? 4.573   -1.276  -3.699  1.00 1.05  ? 122 ALA B HB3  1 
ATOM 828  N N    . ARG B 2 42 ? 4.897   -3.556  -5.949  1.00 0.26  ? 123 ARG B N    1 
ATOM 829  C CA   . ARG B 2 42 ? 5.046   -4.993  -6.313  1.00 0.30  ? 123 ARG B CA   1 
ATOM 830  C C    . ARG B 2 42 ? 5.389   -5.800  -5.060  1.00 0.27  ? 123 ARG B C    1 
ATOM 831  O O    . ARG B 2 42 ? 6.353   -5.521  -4.374  1.00 0.35  ? 123 ARG B O    1 
ATOM 832  C CB   . ARG B 2 42 ? 6.168   -5.144  -7.343  1.00 0.37  ? 123 ARG B CB   1 
ATOM 833  C CG   . ARG B 2 42 ? 5.970   -6.442  -8.129  1.00 0.80  ? 123 ARG B CG   1 
ATOM 834  C CD   . ARG B 2 42 ? 7.170   -7.364  -7.904  1.00 1.06  ? 123 ARG B CD   1 
ATOM 835  N NE   . ARG B 2 42 ? 8.394   -6.736  -8.478  1.00 1.40  ? 123 ARG B NE   1 
ATOM 836  C CZ   . ARG B 2 42 ? 8.726   -6.967  -9.719  1.00 1.43  ? 123 ARG B CZ   1 
ATOM 837  N NH1  . ARG B 2 42 ? 7.811   -7.298  -10.590 1.00 1.70  ? 123 ARG B NH1  1 
ATOM 838  N NH2  . ARG B 2 42 ? 9.974   -6.866  -10.090 1.00 2.13  ? 123 ARG B NH2  1 
ATOM 839  H H    . ARG B 2 42 ? 5.679   -3.042  -5.659  1.00 0.31  ? 123 ARG B H    1 
ATOM 840  H HA   . ARG B 2 42 ? 4.119   -5.356  -6.734  1.00 0.36  ? 123 ARG B HA   1 
ATOM 841  H HB2  . ARG B 2 42 ? 6.149   -4.303  -8.022  1.00 0.80  ? 123 ARG B HB2  1 
ATOM 842  H HB3  . ARG B 2 42 ? 7.121   -5.174  -6.835  1.00 0.65  ? 123 ARG B HB3  1 
ATOM 843  H HG2  . ARG B 2 42 ? 5.069   -6.932  -7.792  1.00 1.32  ? 123 ARG B HG2  1 
ATOM 844  H HG3  . ARG B 2 42 ? 5.886   -6.215  -9.181  1.00 1.37  ? 123 ARG B HG3  1 
ATOM 845  H HD2  . ARG B 2 42 ? 7.309   -7.522  -6.845  1.00 1.69  ? 123 ARG B HD2  1 
ATOM 846  H HD3  . ARG B 2 42 ? 6.990   -8.312  -8.389  1.00 1.67  ? 123 ARG B HD3  1 
ATOM 847  H HE   . ARG B 2 42 ? 8.949   -6.150  -7.923  1.00 2.14  ? 123 ARG B HE   1 
ATOM 848  H HH11 . ARG B 2 42 ? 6.855   -7.375  -10.305 1.00 2.17  ? 123 ARG B HH11 1 
ATOM 849  H HH12 . ARG B 2 42 ? 8.065   -7.475  -11.540 1.00 1.98  ? 123 ARG B HH12 1 
ATOM 850  H HH21 . ARG B 2 42 ? 10.674  -6.613  -9.423  1.00 2.69  ? 123 ARG B HH21 1 
ATOM 851  H HH22 . ARG B 2 42 ? 10.229  -7.044  -11.040 1.00 2.45  ? 123 ARG B HH22 1 
ATOM 852  N N    . SER B 2 43 ? 4.606   -6.799  -4.752  1.00 0.37  ? 124 SER B N    1 
ATOM 853  C CA   . SER B 2 43 ? 4.888   -7.621  -3.541  1.00 0.39  ? 124 SER B CA   1 
ATOM 854  C C    . SER B 2 43 ? 6.213   -8.363  -3.725  1.00 0.40  ? 124 SER B C    1 
ATOM 855  O O    . SER B 2 43 ? 6.357   -9.187  -4.607  1.00 0.45  ? 124 SER B O    1 
ATOM 856  C CB   . SER B 2 43 ? 3.760   -8.635  -3.340  1.00 0.50  ? 124 SER B CB   1 
ATOM 857  O OG   . SER B 2 43 ? 3.216   -8.480  -2.036  1.00 1.34  ? 124 SER B OG   1 
ATOM 858  H H    . SER B 2 43 ? 3.832   -7.007  -5.317  1.00 0.50  ? 124 SER B H    1 
ATOM 859  H HA   . SER B 2 43 ? 4.952   -6.979  -2.676  1.00 0.38  ? 124 SER B HA   1 
ATOM 860  H HB2  . SER B 2 43 ? 2.986   -8.463  -4.070  1.00 1.06  ? 124 SER B HB2  1 
ATOM 861  H HB3  . SER B 2 43 ? 4.152   -9.636  -3.463  1.00 1.09  ? 124 SER B HB3  1 
ATOM 862  H HG   . SER B 2 43 ? 2.495   -9.105  -1.940  1.00 1.69  ? 124 SER B HG   1 
ATOM 863  N N    . LEU B 2 44 ? 7.183   -8.080  -2.899  1.00 0.43  ? 125 LEU B N    1 
ATOM 864  C CA   . LEU B 2 44 ? 8.497   -8.771  -3.029  1.00 0.49  ? 125 LEU B CA   1 
ATOM 865  C C    . LEU B 2 44 ? 8.355   -10.227 -2.583  1.00 0.54  ? 125 LEU B C    1 
ATOM 866  O O    . LEU B 2 44 ? 9.198   -11.056 -2.864  1.00 0.66  ? 125 LEU B O    1 
ATOM 867  C CB   . LEU B 2 44 ? 9.532   -8.066  -2.150  1.00 0.54  ? 125 LEU B CB   1 
ATOM 868  C CG   . LEU B 2 44 ? 9.946   -6.747  -2.805  1.00 0.58  ? 125 LEU B CG   1 
ATOM 869  C CD1  . LEU B 2 44 ? 10.651  -5.863  -1.775  1.00 0.88  ? 125 LEU B CD1  1 
ATOM 870  C CD2  . LEU B 2 44 ? 10.898  -7.032  -3.968  1.00 0.81  ? 125 LEU B CD2  1 
ATOM 871  H H    . LEU B 2 44 ? 7.047   -7.413  -2.193  1.00 0.46  ? 125 LEU B H    1 
ATOM 872  H HA   . LEU B 2 44 ? 8.819   -8.739  -4.059  1.00 0.50  ? 125 LEU B HA   1 
ATOM 873  H HB2  . LEU B 2 44 ? 9.105   -7.868  -1.178  1.00 0.63  ? 125 LEU B HB2  1 
ATOM 874  H HB3  . LEU B 2 44 ? 10.401  -8.698  -2.040  1.00 0.63  ? 125 LEU B HB3  1 
ATOM 875  H HG   . LEU B 2 44 ? 9.066   -6.238  -3.173  1.00 0.58  ? 125 LEU B HG   1 
ATOM 876  H HD11 . LEU B 2 44 ? 10.740  -6.399  -0.841  1.00 1.37  ? 125 LEU B HD11 1 
ATOM 877  H HD12 . LEU B 2 44 ? 11.635  -5.604  -2.137  1.00 1.49  ? 125 LEU B HD12 1 
ATOM 878  H HD13 . LEU B 2 44 ? 10.076  -4.962  -1.621  1.00 1.34  ? 125 LEU B HD13 1 
ATOM 879  H HD21 . LEU B 2 44 ? 11.382  -7.984  -3.812  1.00 1.37  ? 125 LEU B HD21 1 
ATOM 880  H HD22 . LEU B 2 44 ? 10.340  -7.058  -4.892  1.00 1.31  ? 125 LEU B HD22 1 
ATOM 881  H HD23 . LEU B 2 44 ? 11.645  -6.254  -4.021  1.00 1.33  ? 125 LEU B HD23 1 
ATOM 882  N N    . THR B 2 45 ? 7.296   -10.546 -1.892  1.00 0.52  ? 126 THR B N    1 
ATOM 883  C CA   . THR B 2 45 ? 7.101   -11.949 -1.430  1.00 0.61  ? 126 THR B CA   1 
ATOM 884  C C    . THR B 2 45 ? 6.331   -12.734 -2.494  1.00 0.63  ? 126 THR B C    1 
ATOM 885  O O    . THR B 2 45 ? 6.861   -13.627 -3.127  1.00 0.70  ? 126 THR B O    1 
ATOM 886  C CB   . THR B 2 45 ? 6.306   -11.951 -0.122  1.00 0.71  ? 126 THR B CB   1 
ATOM 887  O OG1  . THR B 2 45 ? 7.087   -11.358 0.905   1.00 0.76  ? 126 THR B OG1  1 
ATOM 888  C CG2  . THR B 2 45 ? 5.958   -13.389 0.264   1.00 0.90  ? 126 THR B CG2  1 
ATOM 889  H H    . THR B 2 45 ? 6.627   -9.863  -1.676  1.00 0.51  ? 126 THR B H    1 
ATOM 890  H HA   . THR B 2 45 ? 8.063   -12.412 -1.267  1.00 0.65  ? 126 THR B HA   1 
ATOM 891  H HB   . THR B 2 45 ? 5.395   -11.388 -0.254  1.00 0.71  ? 126 THR B HB   1 
ATOM 892  H HG1  . THR B 2 45 ? 7.852   -11.917 1.058   1.00 1.23  ? 126 THR B HG1  1 
ATOM 893  H HG21 . THR B 2 45 ? 6.583   -14.073 -0.292  1.00 1.43  ? 126 THR B HG21 1 
ATOM 894  H HG22 . THR B 2 45 ? 6.126   -13.528 1.322   1.00 1.24  ? 126 THR B HG22 1 
ATOM 895  H HG23 . THR B 2 45 ? 4.921   -13.583 0.035   1.00 1.43  ? 126 THR B HG23 1 
ATOM 896  N N    . THR B 2 46 ? 5.085   -12.407 -2.698  1.00 0.67  ? 127 THR B N    1 
ATOM 897  C CA   . THR B 2 46 ? 4.281   -13.133 -3.720  1.00 0.78  ? 127 THR B CA   1 
ATOM 898  C C    . THR B 2 46 ? 4.857   -12.855 -5.111  1.00 0.72  ? 127 THR B C    1 
ATOM 899  O O    . THR B 2 46 ? 5.123   -13.761 -5.875  1.00 0.95  ? 127 THR B O    1 
ATOM 900  C CB   . THR B 2 46 ? 2.830   -12.650 -3.662  1.00 0.87  ? 127 THR B CB   1 
ATOM 901  O OG1  . THR B 2 46 ? 2.796   -11.237 -3.808  1.00 0.93  ? 127 THR B OG1  1 
ATOM 902  C CG2  . THR B 2 46 ? 2.213   -13.042 -2.319  1.00 1.07  ? 127 THR B CG2  1 
ATOM 903  H H    . THR B 2 46 ? 4.677   -11.683 -2.178  1.00 0.71  ? 127 THR B H    1 
ATOM 904  H HA   . THR B 2 46 ? 4.316   -14.193 -3.521  1.00 0.89  ? 127 THR B HA   1 
ATOM 905  H HB   . THR B 2 46 ? 2.265   -13.108 -4.460  1.00 0.98  ? 127 THR B HB   1 
ATOM 906  H HG1  . THR B 2 46 ? 2.783   -10.849 -2.931  1.00 1.14  ? 127 THR B HG1  1 
ATOM 907  H HG21 . THR B 2 46 ? 2.361   -14.097 -2.150  1.00 1.51  ? 127 THR B HG21 1 
ATOM 908  H HG22 . THR B 2 46 ? 2.688   -12.480 -1.528  1.00 1.48  ? 127 THR B HG22 1 
ATOM 909  H HG23 . THR B 2 46 ? 1.155   -12.824 -2.331  1.00 1.59  ? 127 THR B HG23 1 
ATOM 910  N N    . GLY B 2 47 ? 5.052   -11.608 -5.443  1.00 0.56  ? 128 GLY B N    1 
ATOM 911  C CA   . GLY B 2 47 ? 5.612   -11.273 -6.784  1.00 0.59  ? 128 GLY B CA   1 
ATOM 912  C C    . GLY B 2 47 ? 4.532   -10.613 -7.642  1.00 0.60  ? 128 GLY B C    1 
ATOM 913  O O    . GLY B 2 47 ? 4.810   -10.050 -8.681  1.00 0.72  ? 128 GLY B O    1 
ATOM 914  H H    . GLY B 2 47 ? 4.830   -10.892 -4.812  1.00 0.60  ? 128 GLY B H    1 
ATOM 915  H HA2  . GLY B 2 47 ? 6.444   -10.594 -6.665  1.00 0.59  ? 128 GLY B HA2  1 
ATOM 916  H HA3  . GLY B 2 47 ? 5.950   -12.177 -7.269  1.00 0.68  ? 128 GLY B HA3  1 
ATOM 917  N N    . GLU B 2 48 ? 3.300   -10.676 -7.216  1.00 0.62  ? 129 GLU B N    1 
ATOM 918  C CA   . GLU B 2 48 ? 2.206   -10.050 -8.010  1.00 0.68  ? 129 GLU B CA   1 
ATOM 919  C C    . GLU B 2 48 ? 2.165   -8.549  -7.719  1.00 0.54  ? 129 GLU B C    1 
ATOM 920  O O    . GLU B 2 48 ? 2.336   -8.120  -6.596  1.00 0.62  ? 129 GLU B O    1 
ATOM 921  C CB   . GLU B 2 48 ? 0.868   -10.682 -7.621  1.00 0.84  ? 129 GLU B CB   1 
ATOM 922  C CG   . GLU B 2 48 ? 0.643   -10.510 -6.118  1.00 1.31  ? 129 GLU B CG   1 
ATOM 923  C CD   . GLU B 2 48 ? 0.188   -11.841 -5.515  1.00 1.75  ? 129 GLU B CD   1 
ATOM 924  O OE1  . GLU B 2 48 ? -0.360  -12.645 -6.250  1.00 2.29  ? 129 GLU B OE1  1 
ATOM 925  O OE2  . GLU B 2 48 ? 0.397   -12.033 -4.328  1.00 2.29  ? 129 GLU B OE2  1 
ATOM 926  H H    . GLU B 2 48 ? 3.095   -11.135 -6.375  1.00 0.69  ? 129 GLU B H    1 
ATOM 927  H HA   . GLU B 2 48 ? 2.387   -10.209 -9.063  1.00 0.78  ? 129 GLU B HA   1 
ATOM 928  H HB2  . GLU B 2 48 ? 0.069   -10.196 -8.163  1.00 1.13  ? 129 GLU B HB2  1 
ATOM 929  H HB3  . GLU B 2 48 ? 0.881   -11.733 -7.864  1.00 1.27  ? 129 GLU B HB3  1 
ATOM 930  H HG2  . GLU B 2 48 ? 1.565   -10.198 -5.650  1.00 1.75  ? 129 GLU B HG2  1 
ATOM 931  H HG3  . GLU B 2 48 ? -0.117  -9.762  -5.950  1.00 1.83  ? 129 GLU B HG3  1 
ATOM 932  N N    . THR B 2 49 ? 1.943   -7.745  -8.724  1.00 0.53  ? 130 THR B N    1 
ATOM 933  C CA   . THR B 2 49 ? 1.895   -6.272  -8.500  1.00 0.46  ? 130 THR B CA   1 
ATOM 934  C C    . THR B 2 49 ? 0.439   -5.823  -8.350  1.00 0.39  ? 130 THR B C    1 
ATOM 935  O O    . THR B 2 49 ? -0.478  -6.512  -8.748  1.00 0.49  ? 130 THR B O    1 
ATOM 936  C CB   . THR B 2 49 ? 2.531   -5.555  -9.694  1.00 0.58  ? 130 THR B CB   1 
ATOM 937  O OG1  . THR B 2 49 ? 3.367   -6.462  -10.399 1.00 1.21  ? 130 THR B OG1  1 
ATOM 938  C CG2  . THR B 2 49 ? 3.364   -4.373  -9.195  1.00 0.97  ? 130 THR B CG2  1 
ATOM 939  H H    . THR B 2 49 ? 1.809   -8.110  -9.623  1.00 0.69  ? 130 THR B H    1 
ATOM 940  H HA   . THR B 2 49 ? 2.441   -6.027  -7.602  1.00 0.47  ? 130 THR B HA   1 
ATOM 941  H HB   . THR B 2 49 ? 1.757   -5.192  -10.352 1.00 1.10  ? 130 THR B HB   1 
ATOM 942  H HG1  . THR B 2 49 ? 4.015   -6.810  -9.782  1.00 1.55  ? 130 THR B HG1  1 
ATOM 943  H HG21 . THR B 2 49 ? 4.128   -4.731  -8.520  1.00 1.58  ? 130 THR B HG21 1 
ATOM 944  H HG22 . THR B 2 49 ? 3.828   -3.879  -10.036 1.00 1.44  ? 130 THR B HG22 1 
ATOM 945  H HG23 . THR B 2 49 ? 2.724   -3.675  -8.676  1.00 1.62  ? 130 THR B HG23 1 
ATOM 946  N N    . GLY B 2 50 ? 0.222   -4.670  -7.776  1.00 0.32  ? 131 GLY B N    1 
ATOM 947  C CA   . GLY B 2 50 ? -1.173  -4.175  -7.598  1.00 0.34  ? 131 GLY B CA   1 
ATOM 948  C C    . GLY B 2 50 ? -1.142  -2.707  -7.165  1.00 0.30  ? 131 GLY B C    1 
ATOM 949  O O    . GLY B 2 50 ? -0.108  -2.068  -7.178  1.00 0.30  ? 131 GLY B O    1 
ATOM 950  H H    . GLY B 2 50 ? 0.978   -4.130  -7.462  1.00 0.34  ? 131 GLY B H    1 
ATOM 951  H HA2  . GLY B 2 50 ? -1.709  -4.264  -8.532  1.00 0.39  ? 131 GLY B HA2  1 
ATOM 952  H HA3  . GLY B 2 50 ? -1.670  -4.760  -6.839  1.00 0.38  ? 131 GLY B HA3  1 
ATOM 953  N N    . TYR B 2 51 ? -2.266  -2.165  -6.781  1.00 0.33  ? 132 TYR B N    1 
ATOM 954  C CA   . TYR B 2 51 ? -2.296  -0.738  -6.351  1.00 0.33  ? 132 TYR B CA   1 
ATOM 955  C C    . TYR B 2 51 ? -2.668  -0.656  -4.868  1.00 0.32  ? 132 TYR B C    1 
ATOM 956  O O    . TYR B 2 51 ? -3.711  -1.119  -4.452  1.00 0.43  ? 132 TYR B O    1 
ATOM 957  C CB   . TYR B 2 51 ? -3.334  0.022   -7.179  1.00 0.39  ? 132 TYR B CB   1 
ATOM 958  C CG   . TYR B 2 51 ? -2.970  -0.069  -8.641  1.00 0.40  ? 132 TYR B CG   1 
ATOM 959  C CD1  . TYR B 2 51 ? -3.224  -1.248  -9.352  1.00 1.33  ? 132 TYR B CD1  1 
ATOM 960  C CD2  . TYR B 2 51 ? -2.377  1.023   -9.285  1.00 1.16  ? 132 TYR B CD2  1 
ATOM 961  C CE1  . TYR B 2 51 ? -2.884  -1.336  -10.707 1.00 1.37  ? 132 TYR B CE1  1 
ATOM 962  C CE2  . TYR B 2 51 ? -2.038  0.936   -10.640 1.00 1.14  ? 132 TYR B CE2  1 
ATOM 963  C CZ   . TYR B 2 51 ? -2.291  -0.244  -11.351 1.00 0.49  ? 132 TYR B CZ   1 
ATOM 964  O OH   . TYR B 2 51 ? -1.956  -0.329  -12.688 1.00 0.55  ? 132 TYR B OH   1 
ATOM 965  H H    . TYR B 2 51 ? -3.090  -2.695  -6.778  1.00 0.38  ? 132 TYR B H    1 
ATOM 966  H HA   . TYR B 2 51 ? -1.322  -0.296  -6.502  1.00 0.32  ? 132 TYR B HA   1 
ATOM 967  H HB2  . TYR B 2 51 ? -4.310  -0.414  -7.021  1.00 0.42  ? 132 TYR B HB2  1 
ATOM 968  H HB3  . TYR B 2 51 ? -3.348  1.058   -6.876  1.00 0.44  ? 132 TYR B HB3  1 
ATOM 969  H HD1  . TYR B 2 51 ? -3.681  -2.091  -8.854  1.00 2.19  ? 132 TYR B HD1  1 
ATOM 970  H HD2  . TYR B 2 51 ? -2.182  1.933   -8.737  1.00 2.05  ? 132 TYR B HD2  1 
ATOM 971  H HE1  . TYR B 2 51 ? -3.079  -2.246  -11.254 1.00 2.27  ? 132 TYR B HE1  1 
ATOM 972  H HE2  . TYR B 2 51 ? -1.581  1.778   -11.138 1.00 2.00  ? 132 TYR B HE2  1 
ATOM 973  H HH   . TYR B 2 51 ? -2.105  -1.234  -12.972 1.00 1.12  ? 132 TYR B HH   1 
ATOM 974  N N    . ILE B 2 52 ? -1.821  -0.067  -4.069  1.00 0.28  ? 133 ILE B N    1 
ATOM 975  C CA   . ILE B 2 52 ? -2.124  0.048   -2.615  1.00 0.27  ? 133 ILE B CA   1 
ATOM 976  C C    . ILE B 2 52 ? -2.139  1.527   -2.216  1.00 0.27  ? 133 ILE B C    1 
ATOM 977  O O    . ILE B 2 52 ? -1.581  2.359   -2.903  1.00 0.27  ? 133 ILE B O    1 
ATOM 978  C CB   . ILE B 2 52 ? -1.049  -0.687  -1.812  1.00 0.27  ? 133 ILE B CB   1 
ATOM 979  C CG1  . ILE B 2 52 ? 0.331   -0.139  -2.186  1.00 0.33  ? 133 ILE B CG1  1 
ATOM 980  C CG2  . ILE B 2 52 ? -1.106  -2.182  -2.132  1.00 0.36  ? 133 ILE B CG2  1 
ATOM 981  C CD1  . ILE B 2 52 ? 1.092   0.239   -0.914  1.00 0.86  ? 133 ILE B CD1  1 
ATOM 982  H H    . ILE B 2 52 ? -0.985  0.301   -4.425  1.00 0.32  ? 133 ILE B H    1 
ATOM 983  H HA   . ILE B 2 52 ? -3.089  -0.390  -2.412  1.00 0.30  ? 133 ILE B HA   1 
ATOM 984  H HB   . ILE B 2 52 ? -1.222  -0.538  -0.756  1.00 0.30  ? 133 ILE B HB   1 
ATOM 985  H HG12 . ILE B 2 52 ? 0.883   -0.893  -2.727  1.00 0.90  ? 133 ILE B HG12 1 
ATOM 986  H HG13 . ILE B 2 52 ? 0.214   0.737   -2.807  1.00 0.82  ? 133 ILE B HG13 1 
ATOM 987  H HG21 . ILE B 2 52 ? -2.136  -2.506  -2.153  1.00 1.07  ? 133 ILE B HG21 1 
ATOM 988  H HG22 . ILE B 2 52 ? -0.651  -2.362  -3.094  1.00 1.05  ? 133 ILE B HG22 1 
ATOM 989  H HG23 . ILE B 2 52 ? -0.572  -2.733  -1.372  1.00 1.09  ? 133 ILE B HG23 1 
ATOM 990  H HD11 . ILE B 2 52 ? 1.125   -0.610  -0.249  1.00 1.50  ? 133 ILE B HD11 1 
ATOM 991  H HD12 . ILE B 2 52 ? 2.098   0.535   -1.171  1.00 1.41  ? 133 ILE B HD12 1 
ATOM 992  H HD13 . ILE B 2 52 ? 0.589   1.060   -0.424  1.00 1.45  ? 133 ILE B HD13 1 
ATOM 993  N N    . PRO B 2 53 ? -2.783  1.806   -1.113  1.00 0.30  ? 134 PRO B N    1 
ATOM 994  C CA   . PRO B 2 53 ? -2.890  3.180   -0.593  1.00 0.32  ? 134 PRO B CA   1 
ATOM 995  C C    . PRO B 2 53 ? -1.497  3.748   -0.314  1.00 0.29  ? 134 PRO B C    1 
ATOM 996  O O    . PRO B 2 53 ? -0.708  3.160   0.399   1.00 0.27  ? 134 PRO B O    1 
ATOM 997  C CB   . PRO B 2 53 ? -3.695  3.045   0.708   1.00 0.35  ? 134 PRO B CB   1 
ATOM 998  C CG   . PRO B 2 53 ? -4.038  1.544   0.896   1.00 0.36  ? 134 PRO B CG   1 
ATOM 999  C CD   . PRO B 2 53 ? -3.449  0.776   -0.298  1.00 0.34  ? 134 PRO B CD   1 
ATOM 1000 H HA   . PRO B 2 53 ? -3.422  3.807   -1.291  1.00 0.34  ? 134 PRO B HA   1 
ATOM 1001 H HB2  . PRO B 2 53 ? -3.103  3.397   1.542   1.00 0.35  ? 134 PRO B HB2  1 
ATOM 1002 H HB3  . PRO B 2 53 ? -4.606  3.617   0.637   1.00 0.39  ? 134 PRO B HB3  1 
ATOM 1003 H HG2  . PRO B 2 53 ? -3.603  1.183   1.817   1.00 0.35  ? 134 PRO B HG2  1 
ATOM 1004 H HG3  . PRO B 2 53 ? -5.109  1.413   0.919   1.00 0.40  ? 134 PRO B HG3  1 
ATOM 1005 H HD2  . PRO B 2 53 ? -2.735  0.042   0.044   1.00 0.33  ? 134 PRO B HD2  1 
ATOM 1006 H HD3  . PRO B 2 53 ? -4.235  0.304   -0.867  1.00 0.38  ? 134 PRO B HD3  1 
ATOM 1007 N N    . SER B 2 54 ? -1.186  4.884   -0.875  1.00 0.32  ? 135 SER B N    1 
ATOM 1008 C CA   . SER B 2 54 ? 0.155   5.486   -0.647  1.00 0.31  ? 135 SER B CA   1 
ATOM 1009 C C    . SER B 2 54 ? 0.292   5.891   0.823   1.00 0.32  ? 135 SER B C    1 
ATOM 1010 O O    . SER B 2 54 ? 1.372   5.888   1.380   1.00 0.31  ? 135 SER B O    1 
ATOM 1011 C CB   . SER B 2 54 ? 0.309   6.719   -1.534  1.00 0.38  ? 135 SER B CB   1 
ATOM 1012 O OG   . SER B 2 54 ? -0.733  7.642   -1.241  1.00 0.55  ? 135 SER B OG   1 
ATOM 1013 H H    . SER B 2 54 ? -1.833  5.342   -1.449  1.00 0.36  ? 135 SER B H    1 
ATOM 1014 H HA   . SER B 2 54 ? 0.920   4.765   -0.895  1.00 0.29  ? 135 SER B HA   1 
ATOM 1015 H HB2  . SER B 2 54 ? 1.257   7.184   -1.342  1.00 0.50  ? 135 SER B HB2  1 
ATOM 1016 H HB3  . SER B 2 54 ? 0.259   6.423   -2.574  1.00 0.45  ? 135 SER B HB3  1 
ATOM 1017 H HG   . SER B 2 54 ? -1.478  7.148   -0.893  1.00 0.95  ? 135 SER B HG   1 
ATOM 1018 N N    . ASN B 2 55 ? -0.796  6.239   1.458   1.00 0.35  ? 136 ASN B N    1 
ATOM 1019 C CA   . ASN B 2 55 ? -0.723  6.643   2.890   1.00 0.39  ? 136 ASN B CA   1 
ATOM 1020 C C    . ASN B 2 55 ? -0.530  5.398   3.764   1.00 0.36  ? 136 ASN B C    1 
ATOM 1021 O O    . ASN B 2 55 ? -0.470  5.482   4.974   1.00 0.45  ? 136 ASN B O    1 
ATOM 1022 C CB   . ASN B 2 55 ? -2.020  7.368   3.280   1.00 0.46  ? 136 ASN B CB   1 
ATOM 1023 C CG   . ASN B 2 55 ? -2.812  6.536   4.293   1.00 1.06  ? 136 ASN B CG   1 
ATOM 1024 O OD1  . ASN B 2 55 ? -2.836  6.849   5.468   1.00 2.16  ? 136 ASN B OD1  1 
ATOM 1025 N ND2  . ASN B 2 55 ? -3.464  5.481   3.887   1.00 0.87  ? 136 ASN B ND2  1 
ATOM 1026 H H    . ASN B 2 55 ? -1.657  6.235   0.992   1.00 0.37  ? 136 ASN B H    1 
ATOM 1027 H HA   . ASN B 2 55 ? 0.115   7.310   3.030   1.00 0.41  ? 136 ASN B HA   1 
ATOM 1028 H HB2  . ASN B 2 55 ? -1.775  8.326   3.718   1.00 0.92  ? 136 ASN B HB2  1 
ATOM 1029 H HB3  . ASN B 2 55 ? -2.622  7.523   2.398   1.00 1.05  ? 136 ASN B HB3  1 
ATOM 1030 H HD21 . ASN B 2 55 ? -3.445  5.227   2.940   1.00 0.76  ? 136 ASN B HD21 1 
ATOM 1031 H HD22 . ASN B 2 55 ? -3.974  4.943   4.528   1.00 1.48  ? 136 ASN B HD22 1 
ATOM 1032 N N    . TYR B 2 56 ? -0.435  4.246   3.159   1.00 0.32  ? 137 TYR B N    1 
ATOM 1033 C CA   . TYR B 2 56 ? -0.249  3.000   3.954   1.00 0.32  ? 137 TYR B CA   1 
ATOM 1034 C C    . TYR B 2 56 ? 1.173   2.471   3.752   1.00 0.29  ? 137 TYR B C    1 
ATOM 1035 O O    . TYR B 2 56 ? 1.491   1.362   4.133   1.00 0.30  ? 137 TYR B O    1 
ATOM 1036 C CB   . TYR B 2 56 ? -1.255  1.945   3.490   1.00 0.33  ? 137 TYR B CB   1 
ATOM 1037 C CG   . TYR B 2 56 ? -2.367  1.828   4.504   1.00 0.36  ? 137 TYR B CG   1 
ATOM 1038 C CD1  . TYR B 2 56 ? -2.748  2.944   5.257   1.00 1.17  ? 137 TYR B CD1  1 
ATOM 1039 C CD2  . TYR B 2 56 ? -3.015  0.600   4.692   1.00 1.32  ? 137 TYR B CD2  1 
ATOM 1040 C CE1  . TYR B 2 56 ? -3.779  2.835   6.197   1.00 1.17  ? 137 TYR B CE1  1 
ATOM 1041 C CE2  . TYR B 2 56 ? -4.045  0.491   5.634   1.00 1.37  ? 137 TYR B CE2  1 
ATOM 1042 C CZ   . TYR B 2 56 ? -4.427  1.609   6.386   1.00 0.52  ? 137 TYR B CZ   1 
ATOM 1043 O OH   . TYR B 2 56 ? -5.443  1.501   7.313   1.00 0.61  ? 137 TYR B OH   1 
ATOM 1044 H H    . TYR B 2 56 ? -0.488  4.199   2.182   1.00 0.37  ? 137 TYR B H    1 
ATOM 1045 H HA   . TYR B 2 56 ? -0.408  3.213   5.000   1.00 0.35  ? 137 TYR B HA   1 
ATOM 1046 H HB2  . TYR B 2 56 ? -1.669  2.237   2.535   1.00 0.34  ? 137 TYR B HB2  1 
ATOM 1047 H HB3  . TYR B 2 56 ? -0.758  0.992   3.389   1.00 0.38  ? 137 TYR B HB3  1 
ATOM 1048 H HD1  . TYR B 2 56 ? -2.248  3.890   5.111   1.00 2.06  ? 137 TYR B HD1  1 
ATOM 1049 H HD2  . TYR B 2 56 ? -2.720  -0.261  4.112   1.00 2.20  ? 137 TYR B HD2  1 
ATOM 1050 H HE1  . TYR B 2 56 ? -4.073  3.696   6.778   1.00 2.04  ? 137 TYR B HE1  1 
ATOM 1051 H HE2  . TYR B 2 56 ? -4.546  -0.455  5.779   1.00 2.27  ? 137 TYR B HE2  1 
ATOM 1052 H HH   . TYR B 2 56 ? -6.250  1.274   6.844   1.00 1.20  ? 137 TYR B HH   1 
ATOM 1053 N N    . VAL B 2 57 ? 2.032   3.251   3.155   1.00 0.29  ? 138 VAL B N    1 
ATOM 1054 C CA   . VAL B 2 57 ? 3.430   2.786   2.933   1.00 0.28  ? 138 VAL B CA   1 
ATOM 1055 C C    . VAL B 2 57 ? 4.396   3.957   3.116   1.00 0.31  ? 138 VAL B C    1 
ATOM 1056 O O    . VAL B 2 57 ? 4.052   5.100   2.894   1.00 0.36  ? 138 VAL B O    1 
ATOM 1057 C CB   . VAL B 2 57 ? 3.563   2.232   1.513   1.00 0.31  ? 138 VAL B CB   1 
ATOM 1058 C CG1  . VAL B 2 57 ? 2.623   1.038   1.339   1.00 0.40  ? 138 VAL B CG1  1 
ATOM 1059 C CG2  . VAL B 2 57 ? 3.191   3.322   0.505   1.00 0.39  ? 138 VAL B CG2  1 
ATOM 1060 H H    . VAL B 2 57 ? 1.758   4.144   2.854   1.00 0.33  ? 138 VAL B H    1 
ATOM 1061 H HA   . VAL B 2 57 ? 3.667   2.009   3.644   1.00 0.28  ? 138 VAL B HA   1 
ATOM 1062 H HB   . VAL B 2 57 ? 4.582   1.915   1.344   1.00 0.39  ? 138 VAL B HB   1 
ATOM 1063 H HG11 . VAL B 2 57 ? 2.613   0.453   2.248   1.00 1.14  ? 138 VAL B HG11 1 
ATOM 1064 H HG12 . VAL B 2 57 ? 1.625   1.393   1.129   1.00 1.04  ? 138 VAL B HG12 1 
ATOM 1065 H HG13 . VAL B 2 57 ? 2.967   0.424   0.520   1.00 1.09  ? 138 VAL B HG13 1 
ATOM 1066 H HG21 . VAL B 2 57 ? 3.512   4.282   0.879   1.00 1.19  ? 138 VAL B HG21 1 
ATOM 1067 H HG22 . VAL B 2 57 ? 3.679   3.122   -0.438  1.00 1.05  ? 138 VAL B HG22 1 
ATOM 1068 H HG23 . VAL B 2 57 ? 2.121   3.330   0.361   1.00 1.07  ? 138 VAL B HG23 1 
ATOM 1069 N N    . ALA B 2 58 ? 5.606   3.680   3.518   1.00 0.30  ? 139 ALA B N    1 
ATOM 1070 C CA   . ALA B 2 58 ? 6.597   4.776   3.715   1.00 0.37  ? 139 ALA B CA   1 
ATOM 1071 C C    . ALA B 2 58 ? 7.993   4.271   3.343   1.00 0.35  ? 139 ALA B C    1 
ATOM 1072 O O    . ALA B 2 58 ? 8.227   3.080   3.293   1.00 0.30  ? 139 ALA B O    1 
ATOM 1073 C CB   . ALA B 2 58 ? 6.588   5.215   5.181   1.00 0.45  ? 139 ALA B CB   1 
ATOM 1074 H H    . ALA B 2 58 ? 5.864   2.750   3.690   1.00 0.28  ? 139 ALA B H    1 
ATOM 1075 H HA   . ALA B 2 58 ? 6.337   5.613   3.085   1.00 0.44  ? 139 ALA B HA   1 
ATOM 1076 H HB1  . ALA B 2 58 ? 5.955   4.553   5.752   1.00 1.10  ? 139 ALA B HB1  1 
ATOM 1077 H HB2  . ALA B 2 58 ? 7.593   5.181   5.574   1.00 1.12  ? 139 ALA B HB2  1 
ATOM 1078 H HB3  . ALA B 2 58 ? 6.208   6.224   5.251   1.00 1.13  ? 139 ALA B HB3  1 
ATOM 1079 N N    . PRO B 2 59 ? 8.876   5.199   3.095   1.00 0.43  ? 140 PRO B N    1 
ATOM 1080 C CA   . PRO B 2 59 ? 10.267  4.885   2.723   1.00 0.48  ? 140 PRO B CA   1 
ATOM 1081 C C    . PRO B 2 59 ? 10.946  4.091   3.841   1.00 0.49  ? 140 PRO B C    1 
ATOM 1082 O O    . PRO B 2 59 ? 10.638  4.252   5.006   1.00 0.59  ? 140 PRO B O    1 
ATOM 1083 C CB   . PRO B 2 59 ? 10.942  6.251   2.541   1.00 0.62  ? 140 PRO B CB   1 
ATOM 1084 C CG   . PRO B 2 59 ? 9.879   7.345   2.825   1.00 0.65  ? 140 PRO B CG   1 
ATOM 1085 C CD   . PRO B 2 59 ? 8.559   6.635   3.166   1.00 0.53  ? 140 PRO B CD   1 
ATOM 1086 H HA   . PRO B 2 59 ? 10.295  4.334   1.796   1.00 0.46  ? 140 PRO B HA   1 
ATOM 1087 H HB2  . PRO B 2 59 ? 11.765  6.348   3.235   1.00 0.67  ? 140 PRO B HB2  1 
ATOM 1088 H HB3  . PRO B 2 59 ? 11.301  6.351   1.528   1.00 0.67  ? 140 PRO B HB3  1 
ATOM 1089 H HG2  . PRO B 2 59 ? 10.196  7.955   3.658   1.00 0.71  ? 140 PRO B HG2  1 
ATOM 1090 H HG3  . PRO B 2 59 ? 9.743   7.960   1.949   1.00 0.72  ? 140 PRO B HG3  1 
ATOM 1091 H HD2  . PRO B 2 59 ? 8.236   6.903   4.164   1.00 0.54  ? 140 PRO B HD2  1 
ATOM 1092 H HD3  . PRO B 2 59 ? 7.799   6.884   2.443   1.00 0.55  ? 140 PRO B HD3  1 
ATOM 1093 N N    . VAL B 2 60 ? 11.868  3.235   3.497   1.00 0.52  ? 141 VAL B N    1 
ATOM 1094 C CA   . VAL B 2 60 ? 12.566  2.432   4.541   1.00 0.60  ? 141 VAL B CA   1 
ATOM 1095 C C    . VAL B 2 60 ? 13.062  3.360   5.651   1.00 0.84  ? 141 VAL B C    1 
ATOM 1096 O O    . VAL B 2 60 ? 14.129  3.929   5.488   1.00 1.41  ? 141 VAL B O    1 
ATOM 1097 C CB   . VAL B 2 60 ? 13.755  1.705   3.912   1.00 0.66  ? 141 VAL B CB   1 
ATOM 1098 C CG1  . VAL B 2 60 ? 14.526  0.951   4.996   1.00 1.35  ? 141 VAL B CG1  1 
ATOM 1099 C CG2  . VAL B 2 60 ? 13.247  0.712   2.864   1.00 1.42  ? 141 VAL B CG2  1 
ATOM 1100 H H    . VAL B 2 60 ? 12.102  3.120   2.553   1.00 0.59  ? 141 VAL B H    1 
ATOM 1101 H HA   . VAL B 2 60 ? 11.880  1.708   4.957   1.00 0.67  ? 141 VAL B HA   1 
ATOM 1102 H HB   . VAL B 2 60 ? 14.409  2.425   3.441   1.00 1.26  ? 141 VAL B HB   1 
ATOM 1103 H HG11 . VAL B 2 60 ? 13.963  0.971   5.918   1.00 1.90  ? 141 VAL B HG11 1 
ATOM 1104 H HG12 . VAL B 2 60 ? 14.675  -0.073  4.686   1.00 1.78  ? 141 VAL B HG12 1 
ATOM 1105 H HG13 . VAL B 2 60 ? 15.486  1.424   5.150   1.00 1.99  ? 141 VAL B HG13 1 
ATOM 1106 H HG21 . VAL B 2 60 ? 12.334  0.254   3.215   1.00 2.00  ? 141 VAL B HG21 1 
ATOM 1107 H HG22 . VAL B 2 60 ? 13.056  1.232   1.937   1.00 1.94  ? 141 VAL B HG22 1 
ATOM 1108 H HG23 . VAL B 2 60 ? 13.993  -0.052  2.701   1.00 1.93  ? 141 VAL B HG23 1 
# 
